data_2FSH
#
_entry.id   2FSH
#
_cell.length_a   75.020
_cell.length_b   90.010
_cell.length_c   163.020
_cell.angle_alpha   90.00
_cell.angle_beta   100.52
_cell.angle_gamma   90.00
#
_symmetry.space_group_name_H-M   'P 1 21 1'
#
loop_
_entity.id
_entity.type
_entity.pdbx_description
1 polymer 'Preprotein translocase secA subunit'
2 non-polymer 'PHOSPHOAMINOPHOSPHONIC ACID-ADENYLATE ESTER'
3 water water
#
_entity_poly.entity_id   1
_entity_poly.type   'polypeptide(L)'
_entity_poly.pdbx_seq_one_letter_code
;VFGSRNDRTLRRMRKVVNIINAMEPEMEKLSDEELKGKTAEFRARLEKGEVLENLIPEAFAVVREASKRVFGMRHFDVQL
LGGMVLNERCIAEMRTGEGKTLTATLPAYLNALTGKGVHVVTVNDYLAQRDAENNRPLFEFLGLTVGINLPGMPAPAKRE
AYAADITYGTNNEYGFDYLRDNMAFSPEERVQRKLHYALVDEVDSILIDEARTPLIISGPAEDSSEMYKRVNKIIPHLIR
QEKEDSETFQGEGHFSVDEKSRQVNLTERGLVLIEELLVKEGIMDEGESLYSPANIMLMHHVTAALRAHALFTRDVDYIV
KDGEVIIVDEHTGRTMQGRRWSDGLHQAVEAKEGVQIQNENQTLASITFQNYFRLYEKLAGMTGTADTEAFEFSSIYKLD
TVVVPTNRPMIRKDLPDLVYMTEAEKIQAIIEDIKERTAKGQPVLVGTISIEKSELVSNELTKAGIKHNVLNAKFHANEA
AIVAQAGYPAAVTIATNMAGRGTDIVLGGSWQAEVAALENPTAEQIEKIKADWQVRHDAVLEAGGLHIIGTERHESRRID
NQLRGRSGRQGDAGSSRFYLSMEDALMRIFASDRVSGMMRKLGMKPGEAIEHPWVTKAIANAQRKVESRNFDIRKQLLEY
DDVANDQRRAIYSQRNELLDVSDVSETINSIREDVFKATIDAYIPPQSLEEMWDIPGLQERLKNDFDLDLPIAEWLDKEP
ELHEETLRERILAQSIEVYQRKEEVVGAEMMRHFEKGVMLQTLDSLWKEHLAAMDYLRQGIHLRGYAQKDPKQEYKRESF
SMFAAMLESLKYEVISTLSKVQVRMPEEVEELEQQRRMEAERLAQMQQLSHQD
;
_entity_poly.pdbx_strand_id   A,B
#
# COMPACT_ATOMS: atom_id res chain seq x y z
N ARG A 5 -19.57 3.45 -38.91
CA ARG A 5 -19.63 2.81 -37.60
C ARG A 5 -18.39 3.15 -36.79
N ASN A 6 -17.22 2.86 -37.38
CA ASN A 6 -15.96 3.40 -36.87
C ASN A 6 -15.32 4.24 -37.98
N ASP A 7 -14.83 3.58 -39.03
CA ASP A 7 -14.13 4.30 -40.10
C ASP A 7 -15.10 4.98 -41.10
N ARG A 8 -16.40 4.78 -40.90
CA ARG A 8 -17.45 5.51 -41.64
C ARG A 8 -17.56 6.90 -40.99
N THR A 9 -17.68 6.89 -39.67
CA THR A 9 -17.74 8.12 -38.88
C THR A 9 -16.34 8.81 -38.82
N LEU A 10 -15.29 7.99 -38.70
CA LEU A 10 -13.91 8.50 -38.81
C LEU A 10 -13.54 9.12 -40.14
N ARG A 11 -13.93 8.52 -41.26
CA ARG A 11 -13.66 9.14 -42.61
C ARG A 11 -14.47 10.42 -42.82
N ARG A 12 -15.63 10.47 -42.18
CA ARG A 12 -16.42 11.66 -42.16
C ARG A 12 -15.75 12.71 -41.27
N MET A 13 -15.22 12.30 -40.11
CA MET A 13 -14.47 13.22 -39.25
C MET A 13 -13.17 13.73 -39.83
N ARG A 14 -12.48 12.88 -40.57
CA ARG A 14 -11.26 13.29 -41.22
C ARG A 14 -11.46 14.43 -42.17
N LYS A 15 -12.59 14.42 -42.87
CA LYS A 15 -12.94 15.54 -43.75
C LYS A 15 -13.00 16.87 -42.99
N VAL A 16 -13.55 16.84 -41.79
CA VAL A 16 -13.63 18.02 -40.94
C VAL A 16 -12.23 18.45 -40.46
N VAL A 17 -11.36 17.48 -40.15
CA VAL A 17 -10.00 17.81 -39.72
C VAL A 17 -9.23 18.62 -40.79
N ASN A 18 -9.33 18.15 -42.02
CA ASN A 18 -8.80 18.87 -43.16
C ASN A 18 -9.28 20.30 -43.22
N ILE A 19 -10.55 20.53 -42.90
CA ILE A 19 -11.08 21.88 -42.88
C ILE A 19 -10.52 22.68 -41.71
N ILE A 20 -10.39 22.06 -40.54
CA ILE A 20 -9.77 22.70 -39.40
C ILE A 20 -8.32 23.08 -39.76
N ASN A 21 -7.59 22.08 -40.26
CA ASN A 21 -6.26 22.29 -40.82
C ASN A 21 -6.20 23.42 -41.85
N ALA A 22 -7.06 23.35 -42.87
CA ALA A 22 -7.18 24.46 -43.85
C ALA A 22 -7.42 25.88 -43.24
N MET A 23 -7.92 25.94 -42.00
CA MET A 23 -8.24 27.21 -41.34
C MET A 23 -7.13 27.82 -40.50
N GLU A 24 -6.06 27.09 -40.26
CA GLU A 24 -5.03 27.56 -39.34
C GLU A 24 -4.41 28.91 -39.73
N PRO A 25 -4.04 29.08 -41.03
CA PRO A 25 -3.59 30.37 -41.54
C PRO A 25 -4.52 31.52 -41.17
N GLU A 26 -5.81 31.41 -41.49
CA GLU A 26 -6.81 32.36 -40.99
C GLU A 26 -6.59 32.62 -39.48
N MET A 27 -6.44 31.58 -38.66
CA MET A 27 -6.44 31.75 -37.18
C MET A 27 -5.17 32.34 -36.65
N GLU A 28 -4.08 32.11 -37.39
CA GLU A 28 -2.75 32.62 -37.00
C GLU A 28 -2.64 34.15 -37.09
N LYS A 29 -3.38 34.71 -38.05
CA LYS A 29 -3.52 36.16 -38.26
C LYS A 29 -4.28 36.88 -37.15
N LEU A 30 -5.16 36.16 -36.44
CA LEU A 30 -6.07 36.75 -35.47
C LEU A 30 -5.34 37.23 -34.26
N SER A 31 -5.69 38.42 -33.78
CA SER A 31 -5.21 38.85 -32.46
C SER A 31 -5.84 38.00 -31.37
N ASP A 32 -5.09 37.87 -30.28
CA ASP A 32 -5.54 37.29 -29.04
C ASP A 32 -6.94 37.69 -28.70
N GLU A 33 -7.21 39.00 -28.75
CA GLU A 33 -8.51 39.56 -28.38
C GLU A 33 -9.60 39.26 -29.47
N GLU A 34 -9.17 39.13 -30.74
CA GLU A 34 -10.02 38.57 -31.80
C GLU A 34 -10.31 37.07 -31.61
N LEU A 35 -9.33 36.28 -31.13
CA LEU A 35 -9.66 34.91 -30.70
C LEU A 35 -10.66 34.90 -29.55
N LYS A 36 -10.44 35.75 -28.56
CA LYS A 36 -11.40 35.85 -27.47
C LYS A 36 -12.81 36.05 -28.02
N GLY A 37 -12.97 36.96 -28.99
CA GLY A 37 -14.28 37.37 -29.52
C GLY A 37 -15.05 36.30 -30.29
N LYS A 38 -14.33 35.31 -30.81
CA LYS A 38 -14.96 34.21 -31.55
C LYS A 38 -16.05 33.56 -30.70
N THR A 39 -15.80 33.38 -29.40
CA THR A 39 -16.82 32.75 -28.50
C THR A 39 -18.16 33.49 -28.54
N ALA A 40 -18.10 34.82 -28.44
CA ALA A 40 -19.31 35.63 -28.52
C ALA A 40 -19.98 35.52 -29.88
N GLU A 41 -19.17 35.41 -30.92
CA GLU A 41 -19.62 35.25 -32.33
C GLU A 41 -20.34 33.92 -32.53
N PHE A 42 -19.68 32.83 -32.09
CA PHE A 42 -20.32 31.52 -32.09
C PHE A 42 -21.69 31.55 -31.37
N ARG A 43 -21.73 32.16 -30.19
CA ARG A 43 -22.99 32.24 -29.42
C ARG A 43 -24.11 33.07 -30.11
N ALA A 44 -23.74 34.20 -30.69
CA ALA A 44 -24.65 34.95 -31.59
C ALA A 44 -25.24 34.09 -32.71
N ARG A 45 -24.40 33.27 -33.35
CA ARG A 45 -24.86 32.38 -34.43
C ARG A 45 -25.79 31.30 -33.94
N LEU A 46 -25.46 30.75 -32.77
CA LEU A 46 -26.33 29.77 -32.13
C LEU A 46 -27.64 30.40 -31.78
N GLU A 47 -27.59 31.63 -31.33
CA GLU A 47 -28.80 32.37 -30.99
C GLU A 47 -29.64 32.55 -32.25
N LYS A 48 -29.01 32.80 -33.38
CA LYS A 48 -29.75 32.92 -34.64
C LYS A 48 -30.18 31.54 -35.18
N GLY A 49 -29.91 30.43 -34.51
CA GLY A 49 -30.40 29.11 -34.98
C GLY A 49 -29.37 28.14 -35.60
N GLU A 50 -28.10 28.46 -35.49
CA GLU A 50 -27.09 27.63 -36.10
C GLU A 50 -27.01 26.33 -35.33
N VAL A 51 -26.69 25.25 -36.02
CA VAL A 51 -26.45 23.94 -35.42
C VAL A 51 -25.03 23.80 -34.90
N LEU A 52 -24.92 23.41 -33.65
CA LEU A 52 -23.61 23.35 -32.99
C LEU A 52 -22.55 22.63 -33.80
N GLU A 53 -22.91 21.49 -34.35
CA GLU A 53 -21.92 20.69 -35.08
C GLU A 53 -21.37 21.45 -36.29
N ASN A 54 -22.13 22.40 -36.83
CA ASN A 54 -21.64 23.26 -37.92
C ASN A 54 -20.49 24.13 -37.50
N LEU A 55 -20.41 24.39 -36.20
CA LEU A 55 -19.32 25.19 -35.62
C LEU A 55 -18.01 24.46 -35.36
N ILE A 56 -18.00 23.15 -35.50
CA ILE A 56 -16.88 22.33 -34.98
C ILE A 56 -15.60 22.79 -35.65
N PRO A 57 -15.59 22.89 -36.96
CA PRO A 57 -14.29 23.32 -37.59
C PRO A 57 -13.74 24.66 -37.12
N GLU A 58 -14.54 25.71 -37.15
CA GLU A 58 -14.04 27.00 -36.68
C GLU A 58 -13.73 26.91 -35.20
N ALA A 59 -14.64 26.27 -34.47
CA ALA A 59 -14.49 26.21 -33.01
C ALA A 59 -13.20 25.49 -32.56
N PHE A 60 -12.98 24.30 -33.12
CA PHE A 60 -11.77 23.53 -32.91
C PHE A 60 -10.47 24.25 -33.42
N ALA A 61 -10.52 24.97 -34.53
CA ALA A 61 -9.39 25.80 -35.00
C ALA A 61 -9.05 26.91 -33.97
N VAL A 62 -10.10 27.47 -33.38
CA VAL A 62 -9.93 28.52 -32.41
C VAL A 62 -9.26 27.93 -31.21
N VAL A 63 -9.79 26.82 -30.72
CA VAL A 63 -9.21 26.18 -29.52
C VAL A 63 -7.74 25.82 -29.74
N ARG A 64 -7.42 25.27 -30.91
CA ARG A 64 -6.04 24.84 -31.22
C ARG A 64 -5.06 26.03 -31.29
N GLU A 65 -5.51 27.21 -31.76
CA GLU A 65 -4.61 28.38 -31.81
C GLU A 65 -4.47 28.94 -30.40
N ALA A 66 -5.57 29.02 -29.65
CA ALA A 66 -5.55 29.45 -28.26
C ALA A 66 -4.58 28.63 -27.46
N SER A 67 -4.58 27.31 -27.65
CA SER A 67 -3.68 26.41 -26.92
C SER A 67 -2.22 26.70 -27.28
N LYS A 68 -1.95 26.77 -28.57
CA LYS A 68 -0.66 27.15 -29.08
C LYS A 68 -0.09 28.36 -28.39
N ARG A 69 -0.89 29.42 -28.31
CA ARG A 69 -0.44 30.68 -27.76
C ARG A 69 -0.28 30.57 -26.24
N VAL A 70 -1.23 29.86 -25.61
CA VAL A 70 -1.36 29.73 -24.15
C VAL A 70 -0.50 28.62 -23.54
N PHE A 71 -0.55 27.41 -24.10
CA PHE A 71 0.19 26.26 -23.63
C PHE A 71 1.42 26.02 -24.41
N GLY A 72 1.54 26.61 -25.59
CA GLY A 72 2.67 26.27 -26.44
C GLY A 72 2.44 24.87 -26.95
N MET A 73 1.17 24.45 -27.00
CA MET A 73 0.83 23.11 -27.47
C MET A 73 -0.30 23.18 -28.50
N ARG A 74 -0.03 22.56 -29.64
CA ARG A 74 -0.94 22.52 -30.77
C ARG A 74 -1.57 21.14 -30.88
N HIS A 75 -2.88 21.05 -30.69
CA HIS A 75 -3.55 19.74 -30.84
C HIS A 75 -3.18 19.05 -32.14
N PHE A 76 -2.89 17.76 -32.07
CA PHE A 76 -2.68 16.97 -33.24
C PHE A 76 -3.98 16.61 -33.90
N ASP A 77 -3.90 16.23 -35.15
CA ASP A 77 -5.05 15.78 -35.87
C ASP A 77 -5.87 14.72 -35.18
N VAL A 78 -5.22 13.73 -34.59
CA VAL A 78 -5.91 12.64 -33.87
C VAL A 78 -6.57 13.15 -32.61
N GLN A 79 -6.03 14.24 -32.05
CA GLN A 79 -6.72 14.89 -30.97
C GLN A 79 -7.92 15.62 -31.46
N LEU A 80 -7.91 16.15 -32.70
CA LEU A 80 -9.12 16.74 -33.26
C LEU A 80 -10.18 15.69 -33.38
N LEU A 81 -9.78 14.53 -33.92
CA LEU A 81 -10.75 13.42 -34.09
C LEU A 81 -11.35 13.01 -32.76
N GLY A 82 -10.50 13.01 -31.73
CA GLY A 82 -10.88 12.57 -30.43
C GLY A 82 -11.91 13.52 -29.96
N GLY A 83 -11.67 14.80 -30.15
CA GLY A 83 -12.60 15.79 -29.65
C GLY A 83 -13.97 15.73 -30.36
N MET A 84 -14.02 15.32 -31.62
CA MET A 84 -15.27 15.17 -32.30
C MET A 84 -16.04 14.02 -31.80
N VAL A 85 -15.31 12.97 -31.45
CA VAL A 85 -15.93 11.74 -30.94
C VAL A 85 -16.63 12.10 -29.66
N LEU A 86 -15.93 12.85 -28.81
CA LEU A 86 -16.48 13.15 -27.49
C LEU A 86 -17.65 14.14 -27.56
N ASN A 87 -17.89 14.73 -28.72
CA ASN A 87 -19.06 15.59 -28.82
C ASN A 87 -20.28 14.72 -29.07
N GLU A 88 -20.06 13.50 -29.54
CA GLU A 88 -21.17 12.60 -29.71
C GLU A 88 -21.30 11.65 -28.48
N ARG A 89 -22.32 10.81 -28.47
CA ARG A 89 -22.56 9.98 -27.29
C ARG A 89 -21.64 8.80 -27.43
N CYS A 90 -20.38 9.06 -27.14
CA CYS A 90 -19.32 8.10 -27.39
C CYS A 90 -18.26 8.03 -26.32
N ILE A 91 -17.62 6.87 -26.28
CA ILE A 91 -16.26 6.66 -25.66
C ILE A 91 -15.20 6.82 -26.77
N ALA A 92 -14.29 7.76 -26.62
CA ALA A 92 -13.10 7.81 -27.46
C ALA A 92 -12.03 6.95 -26.75
N GLU A 93 -11.72 5.81 -27.38
CA GLU A 93 -10.52 5.06 -27.06
C GLU A 93 -9.27 5.77 -27.62
N MET A 94 -8.51 6.36 -26.74
CA MET A 94 -7.21 6.94 -27.07
C MET A 94 -6.11 6.33 -26.26
N ARG A 95 -5.14 5.75 -26.94
CA ARG A 95 -4.03 5.05 -26.26
C ARG A 95 -3.26 5.94 -25.24
N THR A 96 -2.64 5.31 -24.23
CA THR A 96 -1.84 6.04 -23.23
C THR A 96 -0.70 6.82 -23.91
N GLY A 97 -0.48 8.03 -23.40
CA GLY A 97 0.50 8.96 -23.95
C GLY A 97 -0.08 9.79 -25.08
N GLU A 98 -1.38 9.68 -25.36
CA GLU A 98 -1.92 10.35 -26.51
C GLU A 98 -2.48 11.73 -26.23
N GLY A 99 -2.44 12.16 -24.98
CA GLY A 99 -2.80 13.50 -24.62
C GLY A 99 -4.30 13.69 -24.51
N LYS A 100 -4.95 12.76 -23.85
CA LYS A 100 -6.33 12.86 -23.52
C LYS A 100 -6.75 14.11 -22.80
N THR A 101 -5.87 14.64 -21.97
CA THR A 101 -6.25 15.83 -21.23
C THR A 101 -6.45 17.06 -22.17
N LEU A 102 -5.46 17.21 -23.03
CA LEU A 102 -5.52 18.31 -24.02
C LEU A 102 -6.63 18.09 -25.01
N THR A 103 -6.82 16.85 -25.44
CA THR A 103 -7.91 16.54 -26.35
C THR A 103 -9.31 16.99 -25.78
N ALA A 104 -9.50 16.82 -24.47
CA ALA A 104 -10.76 17.07 -23.82
C ALA A 104 -11.17 18.57 -23.79
N THR A 105 -10.19 19.46 -23.99
CA THR A 105 -10.42 20.89 -24.04
C THR A 105 -11.27 21.18 -25.22
N LEU A 106 -11.19 20.35 -26.25
CA LEU A 106 -11.99 20.61 -27.43
C LEU A 106 -13.51 20.49 -27.28
N PRO A 107 -14.02 19.31 -26.87
CA PRO A 107 -15.48 19.14 -26.70
C PRO A 107 -16.02 19.91 -25.49
N ALA A 108 -15.14 20.22 -24.55
CA ALA A 108 -15.53 21.04 -23.38
C ALA A 108 -15.87 22.45 -23.89
N TYR A 109 -14.96 23.09 -24.62
CA TYR A 109 -15.19 24.35 -25.25
C TYR A 109 -16.47 24.28 -26.08
N LEU A 110 -16.56 23.28 -26.96
CA LEU A 110 -17.72 23.24 -27.87
C LEU A 110 -19.07 23.19 -27.16
N ASN A 111 -19.12 22.40 -26.10
CA ASN A 111 -20.39 22.12 -25.44
C ASN A 111 -20.64 23.11 -24.32
N ALA A 112 -19.66 24.01 -24.09
CA ALA A 112 -19.87 25.19 -23.27
C ALA A 112 -20.61 26.35 -23.91
N LEU A 113 -20.58 26.38 -25.26
CA LEU A 113 -21.10 27.49 -26.02
C LEU A 113 -22.55 27.73 -25.83
N THR A 114 -23.40 26.70 -25.78
CA THR A 114 -24.81 27.04 -25.51
C THR A 114 -25.15 27.61 -24.16
N GLY A 115 -24.22 27.74 -23.25
CA GLY A 115 -24.54 28.37 -22.01
C GLY A 115 -25.24 27.51 -21.01
N LYS A 116 -25.09 26.19 -21.13
CA LYS A 116 -25.78 25.25 -20.32
C LYS A 116 -24.85 24.46 -19.37
N GLY A 117 -23.54 24.70 -19.50
CA GLY A 117 -22.48 24.15 -18.69
C GLY A 117 -21.96 22.84 -19.21
N VAL A 118 -20.83 22.46 -18.62
CA VAL A 118 -20.11 21.23 -18.96
C VAL A 118 -19.66 20.61 -17.65
N HIS A 119 -19.88 19.33 -17.48
CA HIS A 119 -19.23 18.67 -16.28
C HIS A 119 -18.15 17.74 -16.67
N VAL A 120 -16.89 18.18 -16.48
CA VAL A 120 -15.76 17.31 -16.71
C VAL A 120 -15.61 16.51 -15.43
N VAL A 121 -15.61 15.17 -15.54
CA VAL A 121 -15.68 14.29 -14.38
C VAL A 121 -14.34 13.55 -14.22
N THR A 122 -13.72 13.72 -13.06
CA THR A 122 -12.41 13.20 -12.73
C THR A 122 -12.52 12.15 -11.68
N VAL A 123 -11.48 11.36 -11.57
CA VAL A 123 -11.47 10.21 -10.68
C VAL A 123 -11.17 10.65 -9.30
N ASN A 124 -10.54 11.82 -9.12
CA ASN A 124 -10.28 12.34 -7.77
C ASN A 124 -10.14 13.85 -7.73
N ASP A 125 -10.07 14.41 -6.52
CA ASP A 125 -10.05 15.84 -6.31
C ASP A 125 -8.77 16.51 -6.77
N TYR A 126 -7.63 15.82 -6.60
CA TYR A 126 -6.35 16.37 -7.06
C TYR A 126 -6.43 16.74 -8.53
N LEU A 127 -6.92 15.81 -9.36
CA LEU A 127 -7.03 16.03 -10.81
C LEU A 127 -8.03 17.09 -11.23
N ALA A 128 -9.16 17.20 -10.53
CA ALA A 128 -10.15 18.24 -10.79
C ALA A 128 -9.51 19.60 -10.57
N GLN A 129 -8.82 19.77 -9.43
CA GLN A 129 -8.26 21.08 -9.17
C GLN A 129 -7.16 21.36 -10.14
N ARG A 130 -6.35 20.32 -10.41
CA ARG A 130 -5.16 20.47 -11.22
C ARG A 130 -5.56 20.85 -12.64
N ASP A 131 -6.55 20.13 -13.18
CA ASP A 131 -7.05 20.34 -14.55
C ASP A 131 -7.84 21.58 -14.70
N ALA A 132 -8.56 22.02 -13.66
CA ALA A 132 -9.21 23.31 -13.68
C ALA A 132 -8.21 24.47 -13.69
N GLU A 133 -7.23 24.43 -12.79
CA GLU A 133 -6.16 25.46 -12.80
C GLU A 133 -5.35 25.43 -14.03
N ASN A 134 -5.05 24.28 -14.59
CA ASN A 134 -4.19 24.23 -15.78
C ASN A 134 -4.91 24.83 -16.98
N ASN A 135 -6.20 24.54 -17.09
CA ASN A 135 -7.02 24.98 -18.21
C ASN A 135 -7.68 26.33 -18.05
N ARG A 136 -7.76 26.82 -16.84
CA ARG A 136 -8.36 28.12 -16.64
C ARG A 136 -7.74 29.23 -17.52
N PRO A 137 -6.40 29.26 -17.71
CA PRO A 137 -5.82 30.26 -18.65
C PRO A 137 -6.27 30.14 -20.14
N LEU A 138 -6.41 28.91 -20.61
CA LEU A 138 -6.90 28.65 -21.95
C LEU A 138 -8.33 29.11 -22.10
N PHE A 139 -9.20 28.73 -21.16
CA PHE A 139 -10.61 29.06 -21.29
C PHE A 139 -10.91 30.54 -21.04
N GLU A 140 -10.17 31.18 -20.14
CA GLU A 140 -10.29 32.62 -19.93
C GLU A 140 -9.81 33.38 -21.14
N PHE A 141 -8.81 32.84 -21.81
CA PHE A 141 -8.29 33.41 -23.04
C PHE A 141 -9.40 33.44 -24.10
N LEU A 142 -10.33 32.50 -24.03
CA LEU A 142 -11.47 32.44 -24.98
C LEU A 142 -12.76 32.88 -24.37
N GLY A 143 -12.69 33.65 -23.28
CA GLY A 143 -13.89 34.26 -22.71
C GLY A 143 -14.85 33.27 -22.08
N LEU A 144 -14.33 32.28 -21.37
CA LEU A 144 -15.13 31.30 -20.70
C LEU A 144 -14.60 31.23 -19.26
N THR A 145 -15.47 30.82 -18.34
CA THR A 145 -15.14 30.72 -16.97
C THR A 145 -15.04 29.26 -16.63
N VAL A 146 -14.31 28.97 -15.55
CA VAL A 146 -14.00 27.60 -15.20
C VAL A 146 -14.37 27.41 -13.72
N GLY A 147 -15.17 26.38 -13.41
CA GLY A 147 -15.53 26.12 -12.03
C GLY A 147 -14.87 24.92 -11.47
N ILE A 148 -14.70 24.83 -10.13
CA ILE A 148 -14.23 23.63 -9.46
C ILE A 148 -15.17 23.25 -8.29
N ASN A 149 -15.65 22.03 -8.31
CA ASN A 149 -16.48 21.49 -7.27
C ASN A 149 -15.74 20.49 -6.35
N LEU A 150 -15.69 20.77 -5.04
CA LEU A 150 -15.06 19.89 -4.07
C LEU A 150 -16.00 19.61 -2.86
N PRO A 151 -15.88 18.42 -2.25
CA PRO A 151 -16.53 18.03 -1.03
C PRO A 151 -16.16 18.98 0.03
N GLY A 152 -17.16 19.42 0.78
CA GLY A 152 -16.98 20.39 1.87
C GLY A 152 -17.23 21.79 1.39
N MET A 153 -17.36 21.97 0.09
CA MET A 153 -17.44 23.32 -0.43
C MET A 153 -18.85 23.89 -0.15
N PRO A 154 -18.88 25.10 0.37
CA PRO A 154 -20.18 25.60 0.77
C PRO A 154 -21.04 25.80 -0.45
N ALA A 155 -22.34 25.67 -0.27
CA ALA A 155 -23.31 25.85 -1.32
C ALA A 155 -23.15 27.04 -2.20
N PRO A 156 -22.94 28.25 -1.67
CA PRO A 156 -22.77 29.35 -2.61
C PRO A 156 -21.51 29.20 -3.53
N ALA A 157 -20.41 28.64 -2.99
CA ALA A 157 -19.27 28.35 -3.85
C ALA A 157 -19.55 27.24 -4.81
N LYS A 158 -20.38 26.27 -4.47
CA LYS A 158 -20.72 25.26 -5.44
C LYS A 158 -21.59 25.83 -6.59
N ARG A 159 -22.54 26.69 -6.25
CA ARG A 159 -23.40 27.31 -7.25
C ARG A 159 -22.58 28.02 -8.25
N GLU A 160 -21.61 28.75 -7.77
CA GLU A 160 -20.65 29.40 -8.63
C GLU A 160 -19.87 28.48 -9.54
N ALA A 161 -19.46 27.32 -9.03
CA ALA A 161 -18.75 26.34 -9.84
C ALA A 161 -19.67 25.78 -10.91
N TYR A 162 -20.95 25.54 -10.56
CA TYR A 162 -21.87 25.04 -11.54
C TYR A 162 -22.36 26.10 -12.49
N ALA A 163 -22.23 27.37 -12.10
CA ALA A 163 -22.65 28.48 -12.95
C ALA A 163 -21.59 28.85 -13.97
N ALA A 164 -20.38 28.29 -13.83
CA ALA A 164 -19.25 28.59 -14.73
C ALA A 164 -19.50 27.92 -16.05
N ASP A 165 -18.75 28.29 -17.08
CA ASP A 165 -19.02 27.72 -18.43
C ASP A 165 -18.68 26.24 -18.48
N ILE A 166 -17.69 25.91 -17.70
CA ILE A 166 -17.15 24.54 -17.61
C ILE A 166 -16.76 24.28 -16.16
N THR A 167 -17.19 23.13 -15.64
CA THR A 167 -16.95 22.69 -14.30
C THR A 167 -16.15 21.41 -14.26
N TYR A 168 -15.31 21.30 -13.22
CA TYR A 168 -14.48 20.11 -12.87
C TYR A 168 -14.77 19.64 -11.47
N GLY A 169 -14.94 18.33 -11.39
CA GLY A 169 -15.03 17.64 -10.12
C GLY A 169 -15.13 16.16 -10.25
N THR A 170 -15.18 15.44 -9.14
CA THR A 170 -15.30 13.98 -9.21
C THR A 170 -16.71 13.56 -9.47
N ASN A 171 -16.83 12.29 -9.87
CA ASN A 171 -18.11 11.58 -9.98
C ASN A 171 -18.93 11.65 -8.71
N ASN A 172 -18.29 11.34 -7.62
CA ASN A 172 -18.92 11.41 -6.39
C ASN A 172 -19.59 12.70 -6.00
N GLU A 173 -18.88 13.80 -6.07
CA GLU A 173 -19.43 15.08 -5.66
C GLU A 173 -20.58 15.57 -6.58
N TYR A 174 -20.49 15.29 -7.88
CA TYR A 174 -21.58 15.58 -8.81
C TYR A 174 -22.86 14.83 -8.37
N GLY A 175 -22.72 13.52 -8.22
CA GLY A 175 -23.83 12.64 -7.80
C GLY A 175 -24.42 13.03 -6.46
N PHE A 176 -23.58 13.32 -5.46
CA PHE A 176 -24.06 13.79 -4.18
C PHE A 176 -24.79 15.12 -4.30
N ASP A 177 -24.23 16.06 -5.05
CA ASP A 177 -24.94 17.32 -5.28
C ASP A 177 -26.32 17.12 -5.88
N TYR A 178 -26.45 16.23 -6.84
CA TYR A 178 -27.75 15.92 -7.42
C TYR A 178 -28.73 15.43 -6.36
N LEU A 179 -28.31 14.48 -5.51
CA LEU A 179 -29.10 14.00 -4.42
C LEU A 179 -29.53 15.06 -3.45
N ARG A 180 -28.58 15.89 -2.95
CA ARG A 180 -28.89 17.04 -2.08
C ARG A 180 -29.80 18.04 -2.76
N ASP A 181 -29.71 18.21 -4.07
CA ASP A 181 -30.59 19.15 -4.75
C ASP A 181 -32.04 18.61 -4.70
N ASN A 182 -32.20 17.28 -4.61
CA ASN A 182 -33.54 16.63 -4.59
C ASN A 182 -33.96 16.33 -3.18
N MET A 183 -33.28 16.99 -2.26
CA MET A 183 -33.76 17.12 -0.91
C MET A 183 -33.95 18.60 -0.56
N ALA A 184 -33.73 19.52 -1.49
CA ALA A 184 -33.97 20.95 -1.25
C ALA A 184 -35.49 21.23 -1.06
N PHE A 185 -35.73 22.25 -0.25
CA PHE A 185 -37.09 22.77 -0.04
C PHE A 185 -37.42 24.02 -0.77
N SER A 186 -36.47 24.61 -1.46
CA SER A 186 -36.74 25.71 -2.34
C SER A 186 -35.80 25.53 -3.52
N PRO A 187 -36.22 25.99 -4.71
CA PRO A 187 -35.39 25.83 -5.87
C PRO A 187 -34.16 26.65 -5.80
N GLU A 188 -34.17 27.73 -5.01
CA GLU A 188 -32.95 28.54 -4.85
C GLU A 188 -31.81 27.80 -4.13
N GLU A 189 -32.16 26.84 -3.27
CA GLU A 189 -31.17 26.02 -2.56
C GLU A 189 -30.39 25.09 -3.51
N ARG A 190 -30.92 24.78 -4.68
CA ARG A 190 -30.23 23.95 -5.63
C ARG A 190 -28.85 24.49 -5.97
N VAL A 191 -27.86 23.59 -6.12
CA VAL A 191 -26.50 24.00 -6.53
C VAL A 191 -26.27 23.71 -8.03
N GLN A 192 -26.89 22.67 -8.60
CA GLN A 192 -26.60 22.30 -9.96
C GLN A 192 -27.60 23.01 -10.87
N ARG A 193 -27.26 23.15 -12.17
CA ARG A 193 -28.23 23.52 -13.21
C ARG A 193 -28.71 22.19 -13.82
N LYS A 194 -29.58 22.26 -14.82
CA LYS A 194 -29.99 21.10 -15.65
C LYS A 194 -28.71 20.38 -16.04
N LEU A 195 -28.74 19.06 -16.04
CA LEU A 195 -27.56 18.23 -16.39
C LEU A 195 -27.43 18.14 -17.88
N HIS A 196 -26.43 18.84 -18.39
CA HIS A 196 -26.37 19.07 -19.80
C HIS A 196 -25.35 18.08 -20.43
N TYR A 197 -24.09 18.25 -20.10
CA TYR A 197 -23.01 17.42 -20.71
C TYR A 197 -22.04 16.97 -19.64
N ALA A 198 -21.83 15.65 -19.61
CA ALA A 198 -20.83 14.98 -18.70
C ALA A 198 -19.77 14.34 -19.59
N LEU A 199 -18.54 14.83 -19.38
CA LEU A 199 -17.34 14.37 -20.07
C LEU A 199 -16.45 13.69 -19.05
N VAL A 200 -16.37 12.37 -19.17
CA VAL A 200 -15.89 11.56 -18.12
C VAL A 200 -14.48 11.11 -18.49
N ASP A 201 -13.52 11.45 -17.64
CA ASP A 201 -12.08 11.34 -17.98
C ASP A 201 -11.49 9.96 -18.07
N GLU A 202 -12.03 9.03 -17.27
CA GLU A 202 -11.57 7.62 -17.26
C GLU A 202 -12.83 6.81 -17.04
N VAL A 203 -13.39 6.31 -18.12
CA VAL A 203 -14.67 5.66 -18.04
C VAL A 203 -14.66 4.21 -17.53
N ASP A 204 -13.50 3.58 -17.54
CA ASP A 204 -13.40 2.20 -17.05
C ASP A 204 -13.75 2.08 -15.57
N SER A 205 -13.16 2.93 -14.75
CA SER A 205 -13.49 2.97 -13.37
C SER A 205 -14.85 3.59 -13.14
N ILE A 206 -15.07 4.75 -13.72
CA ILE A 206 -16.18 5.66 -13.35
C ILE A 206 -17.52 5.18 -13.82
N LEU A 207 -17.54 4.74 -15.08
CA LEU A 207 -18.73 4.19 -15.75
C LEU A 207 -18.90 2.71 -15.73
N ILE A 208 -17.82 1.92 -15.83
CA ILE A 208 -18.01 0.48 -15.76
C ILE A 208 -17.89 -0.05 -14.33
N ASP A 209 -16.73 0.12 -13.68
CA ASP A 209 -16.46 -0.54 -12.37
C ASP A 209 -17.39 -0.02 -11.29
N GLU A 210 -17.71 1.27 -11.36
CA GLU A 210 -18.56 1.93 -10.40
C GLU A 210 -20.06 2.08 -10.81
N ALA A 211 -20.45 1.50 -11.94
CA ALA A 211 -21.82 1.63 -12.47
C ALA A 211 -22.89 1.42 -11.38
N ARG A 212 -22.85 0.30 -10.68
CA ARG A 212 -23.97 -0.03 -9.79
C ARG A 212 -23.74 0.43 -8.37
N THR A 213 -22.65 1.15 -8.15
CA THR A 213 -22.33 1.69 -6.84
C THR A 213 -23.32 2.78 -6.44
N PRO A 214 -24.03 2.54 -5.34
CA PRO A 214 -24.98 3.48 -4.88
C PRO A 214 -24.30 4.62 -4.24
N LEU A 215 -24.83 5.78 -4.51
CA LEU A 215 -24.48 6.98 -3.80
C LEU A 215 -25.60 7.23 -2.84
N ILE A 216 -25.31 7.33 -1.56
CA ILE A 216 -26.32 7.37 -0.56
C ILE A 216 -26.18 8.58 0.37
N ILE A 217 -27.30 9.24 0.68
CA ILE A 217 -27.38 10.19 1.76
C ILE A 217 -28.19 9.58 2.80
N SER A 218 -27.61 9.59 4.00
CA SER A 218 -28.11 8.89 5.14
C SER A 218 -28.43 9.86 6.21
N GLY A 219 -29.29 9.48 7.12
CA GLY A 219 -29.51 10.36 8.23
C GLY A 219 -30.31 9.75 9.34
N PRO A 220 -30.26 10.42 10.50
CA PRO A 220 -31.07 10.02 11.63
C PRO A 220 -32.35 10.82 11.55
N ALA A 221 -32.91 10.99 10.34
CA ALA A 221 -34.26 11.56 10.22
C ALA A 221 -35.17 10.85 11.25
N GLU A 222 -35.00 9.51 11.33
CA GLU A 222 -35.61 8.64 12.35
C GLU A 222 -36.81 9.24 13.03
N ASP A 223 -37.70 9.76 12.17
CA ASP A 223 -38.94 10.40 12.60
C ASP A 223 -39.48 9.68 13.86
N SER A 224 -39.36 8.35 13.87
CA SER A 224 -39.42 7.56 15.12
C SER A 224 -38.37 6.43 15.06
N GLN A 358 -33.21 4.09 20.96
CA GLN A 358 -32.48 5.25 20.43
C GLN A 358 -32.12 5.10 18.92
N ASN A 359 -32.14 6.22 18.21
CA ASN A 359 -32.71 6.27 16.84
C ASN A 359 -31.77 6.26 15.58
N GLU A 360 -31.18 5.09 15.31
CA GLU A 360 -30.78 4.61 13.96
C GLU A 360 -30.32 5.58 12.84
N ASN A 361 -29.56 5.04 11.87
CA ASN A 361 -29.31 5.74 10.58
C ASN A 361 -30.11 5.12 9.44
N GLN A 362 -30.41 5.91 8.41
CA GLN A 362 -31.13 5.38 7.25
C GLN A 362 -31.01 6.18 5.99
N THR A 363 -31.28 5.53 4.87
CA THR A 363 -31.10 6.12 3.55
C THR A 363 -32.19 7.12 3.28
N LEU A 364 -31.82 8.38 3.01
CA LEU A 364 -32.79 9.42 2.69
C LEU A 364 -32.89 9.64 1.15
N ALA A 365 -31.84 9.25 0.42
CA ALA A 365 -31.75 9.52 -1.00
C ALA A 365 -30.65 8.67 -1.54
N SER A 366 -30.90 8.09 -2.71
CA SER A 366 -30.00 7.14 -3.31
C SER A 366 -30.04 7.24 -4.80
N ILE A 367 -28.89 7.06 -5.42
CA ILE A 367 -28.79 6.87 -6.89
C ILE A 367 -27.54 6.10 -7.17
N THR A 368 -27.58 5.27 -8.19
CA THR A 368 -26.34 4.61 -8.64
C THR A 368 -25.66 5.46 -9.64
N PHE A 369 -24.38 5.16 -9.83
CA PHE A 369 -23.64 5.97 -10.81
C PHE A 369 -24.18 5.87 -12.17
N GLN A 370 -24.56 4.67 -12.56
CA GLN A 370 -25.04 4.50 -13.85
C GLN A 370 -26.22 5.38 -14.08
N ASN A 371 -27.09 5.45 -13.06
CA ASN A 371 -28.39 6.10 -13.26
C ASN A 371 -28.29 7.63 -13.09
N TYR A 372 -27.23 8.06 -12.43
CA TYR A 372 -26.82 9.43 -12.40
C TYR A 372 -26.41 9.91 -13.79
N PHE A 373 -25.43 9.25 -14.39
CA PHE A 373 -24.96 9.63 -15.71
C PHE A 373 -25.95 9.53 -16.80
N ARG A 374 -26.87 8.56 -16.68
CA ARG A 374 -28.02 8.49 -17.50
C ARG A 374 -28.96 9.72 -17.50
N LEU A 375 -28.84 10.62 -16.54
CA LEU A 375 -29.72 11.78 -16.51
C LEU A 375 -29.24 12.85 -17.41
N TYR A 376 -27.99 12.77 -17.86
CA TYR A 376 -27.44 13.85 -18.63
C TYR A 376 -28.04 13.87 -20.04
N GLU A 377 -28.22 15.04 -20.60
CA GLU A 377 -28.59 15.10 -22.03
C GLU A 377 -27.50 14.53 -22.93
N LYS A 378 -26.25 14.90 -22.68
CA LYS A 378 -25.08 14.49 -23.46
C LYS A 378 -24.09 13.82 -22.48
N LEU A 379 -23.63 12.62 -22.82
CA LEU A 379 -22.65 11.86 -22.06
C LEU A 379 -21.53 11.39 -23.02
N ALA A 380 -20.29 11.47 -22.56
CA ALA A 380 -19.14 11.04 -23.37
C ALA A 380 -18.03 10.73 -22.46
N GLY A 381 -17.06 9.97 -22.96
CA GLY A 381 -15.92 9.74 -22.08
C GLY A 381 -14.70 9.21 -22.79
N MET A 382 -13.61 9.10 -22.01
CA MET A 382 -12.35 8.66 -22.53
C MET A 382 -11.81 7.46 -21.74
N THR A 383 -11.06 6.63 -22.45
CA THR A 383 -10.19 5.60 -21.86
C THR A 383 -9.01 5.21 -22.83
N GLY A 384 -8.02 4.47 -22.33
CA GLY A 384 -6.96 3.92 -23.19
C GLY A 384 -7.33 2.63 -23.92
N THR A 385 -6.56 2.25 -24.95
CA THR A 385 -6.87 1.07 -25.82
C THR A 385 -7.11 -0.22 -24.86
N ALA A 386 -6.93 0.00 -23.51
CA ALA A 386 -7.89 -0.42 -22.39
C ALA A 386 -9.42 -0.44 -22.81
N ASP A 387 -9.73 -1.37 -23.75
CA ASP A 387 -11.09 -1.75 -24.09
C ASP A 387 -11.52 -3.15 -23.55
N THR A 388 -11.87 -4.09 -24.48
CA THR A 388 -12.57 -5.37 -24.20
C THR A 388 -14.03 -5.23 -23.65
N GLU A 389 -14.45 -4.01 -23.30
CA GLU A 389 -15.76 -3.76 -22.72
C GLU A 389 -16.66 -2.82 -23.51
N ALA A 390 -16.51 -2.79 -24.83
CA ALA A 390 -17.34 -1.94 -25.69
C ALA A 390 -18.83 -2.27 -25.64
N PHE A 391 -19.13 -3.55 -25.74
CA PHE A 391 -20.50 -4.07 -25.58
C PHE A 391 -21.19 -3.69 -24.26
N GLU A 392 -20.39 -3.51 -23.22
CA GLU A 392 -20.93 -3.12 -21.97
C GLU A 392 -21.29 -1.63 -21.94
N PHE A 393 -20.44 -0.78 -22.50
CA PHE A 393 -20.80 0.63 -22.58
C PHE A 393 -22.14 0.88 -23.26
N SER A 394 -22.43 0.06 -24.22
CA SER A 394 -23.58 0.20 -25.05
C SER A 394 -24.86 -0.25 -24.30
N SER A 395 -24.73 -1.39 -23.61
CA SER A 395 -25.76 -1.93 -22.73
C SER A 395 -26.06 -1.00 -21.61
N ILE A 396 -25.03 -0.57 -20.88
CA ILE A 396 -25.27 0.19 -19.68
C ILE A 396 -25.73 1.65 -19.96
N TYR A 397 -25.32 2.24 -21.12
CA TYR A 397 -25.30 3.72 -21.34
C TYR A 397 -25.79 4.18 -22.71
N LYS A 398 -25.87 3.25 -23.65
CA LYS A 398 -26.03 3.58 -25.07
C LYS A 398 -24.91 4.49 -25.57
N LEU A 399 -23.71 4.22 -25.08
CA LEU A 399 -22.50 4.82 -25.58
C LEU A 399 -21.84 3.89 -26.61
N ASP A 400 -21.65 4.43 -27.82
CA ASP A 400 -20.76 3.87 -28.81
C ASP A 400 -19.28 4.06 -28.39
N THR A 401 -18.36 3.20 -28.86
CA THR A 401 -16.92 3.39 -28.60
C THR A 401 -16.21 3.53 -29.93
N VAL A 402 -15.37 4.56 -30.02
CA VAL A 402 -14.67 4.83 -31.28
C VAL A 402 -13.20 4.69 -31.00
N VAL A 403 -12.52 3.90 -31.83
CA VAL A 403 -11.10 3.69 -31.64
C VAL A 403 -10.41 4.83 -32.34
N VAL A 404 -9.77 5.68 -31.56
CA VAL A 404 -9.08 6.83 -32.15
C VAL A 404 -7.65 6.35 -32.46
N PRO A 405 -7.25 6.49 -33.72
CA PRO A 405 -5.89 6.20 -34.21
C PRO A 405 -4.79 7.00 -33.50
N THR A 406 -3.59 6.44 -33.32
CA THR A 406 -2.56 7.10 -32.54
C THR A 406 -1.91 8.09 -33.50
N ASN A 407 -1.37 9.16 -32.94
CA ASN A 407 -0.67 10.16 -33.72
C ASN A 407 0.44 9.54 -34.61
N ARG A 408 1.25 8.68 -34.00
CA ARG A 408 2.28 7.96 -34.75
C ARG A 408 1.84 6.54 -34.82
N PRO A 409 2.23 5.81 -35.89
CA PRO A 409 2.09 4.38 -36.01
C PRO A 409 2.55 3.66 -34.78
N MET A 410 1.66 2.77 -34.34
CA MET A 410 1.92 1.92 -33.20
C MET A 410 2.74 0.73 -33.72
N ILE A 411 3.94 0.57 -33.22
CA ILE A 411 4.85 -0.48 -33.82
C ILE A 411 5.28 -1.53 -32.79
N ARG A 412 4.70 -1.47 -31.60
CA ARG A 412 5.05 -2.49 -30.61
C ARG A 412 4.67 -3.85 -31.19
N LYS A 413 5.61 -4.78 -31.08
CA LYS A 413 5.42 -6.19 -31.47
C LYS A 413 4.92 -7.02 -30.29
N ASP A 414 3.68 -7.43 -30.40
CA ASP A 414 3.04 -8.23 -29.37
C ASP A 414 3.19 -9.63 -29.82
N LEU A 415 4.10 -10.34 -29.21
CA LEU A 415 4.51 -11.68 -29.66
C LEU A 415 3.59 -12.78 -29.17
N PRO A 416 3.57 -13.90 -29.87
CA PRO A 416 2.63 -14.91 -29.41
C PRO A 416 2.81 -15.33 -27.95
N ASP A 417 1.71 -15.62 -27.27
CA ASP A 417 1.77 -16.20 -25.89
C ASP A 417 2.57 -17.47 -25.87
N LEU A 418 3.33 -17.70 -24.80
CA LEU A 418 4.12 -18.96 -24.65
C LEU A 418 3.63 -19.78 -23.50
N VAL A 419 3.40 -21.07 -23.71
CA VAL A 419 2.87 -21.97 -22.67
C VAL A 419 3.85 -23.08 -22.32
N TYR A 420 4.02 -23.31 -21.01
CA TYR A 420 5.03 -24.22 -20.50
C TYR A 420 4.29 -25.16 -19.61
N MET A 421 4.84 -26.34 -19.44
CA MET A 421 4.20 -27.32 -18.59
C MET A 421 4.10 -26.84 -17.18
N THR A 422 5.25 -26.38 -16.69
CA THR A 422 5.46 -26.03 -15.32
C THR A 422 5.93 -24.55 -15.19
N GLU A 423 5.56 -23.97 -14.05
CA GLU A 423 6.08 -22.68 -13.58
C GLU A 423 7.63 -22.62 -13.70
N ALA A 424 8.33 -23.65 -13.27
CA ALA A 424 9.77 -23.65 -13.38
C ALA A 424 10.25 -23.56 -14.79
N GLU A 425 9.63 -24.24 -15.73
CA GLU A 425 10.18 -24.14 -17.08
C GLU A 425 9.75 -22.79 -17.67
N LYS A 426 8.62 -22.26 -17.22
CA LYS A 426 8.19 -20.90 -17.56
C LYS A 426 9.24 -19.87 -17.08
N ILE A 427 9.55 -19.93 -15.78
CA ILE A 427 10.55 -19.03 -15.23
C ILE A 427 11.88 -19.17 -15.97
N GLN A 428 12.38 -20.37 -16.23
CA GLN A 428 13.62 -20.47 -17.00
C GLN A 428 13.58 -19.84 -18.36
N ALA A 429 12.41 -19.98 -19.00
CA ALA A 429 12.17 -19.31 -20.27
C ALA A 429 12.23 -17.80 -20.12
N ILE A 430 11.54 -17.25 -19.15
CA ILE A 430 11.56 -15.78 -18.85
C ILE A 430 12.98 -15.31 -18.65
N ILE A 431 13.74 -16.03 -17.82
CA ILE A 431 15.14 -15.72 -17.55
C ILE A 431 15.97 -15.79 -18.81
N GLU A 432 15.80 -16.80 -19.62
CA GLU A 432 16.56 -16.84 -20.86
C GLU A 432 16.23 -15.69 -21.89
N ASP A 433 15.00 -15.25 -21.94
CA ASP A 433 14.55 -14.12 -22.81
C ASP A 433 15.25 -12.87 -22.31
N ILE A 434 15.16 -12.64 -21.02
CA ILE A 434 15.82 -11.48 -20.38
C ILE A 434 17.30 -11.42 -20.66
N LYS A 435 17.97 -12.57 -20.47
CA LYS A 435 19.38 -12.71 -20.68
C LYS A 435 19.70 -12.34 -22.08
N GLU A 436 18.95 -12.90 -23.01
CA GLU A 436 19.15 -12.63 -24.40
C GLU A 436 18.95 -11.15 -24.76
N ARG A 437 17.82 -10.58 -24.37
CA ARG A 437 17.55 -9.15 -24.67
C ARG A 437 18.51 -8.18 -24.01
N THR A 438 18.77 -8.30 -22.71
CA THR A 438 19.72 -7.40 -22.04
C THR A 438 21.15 -7.41 -22.63
N ALA A 439 21.66 -8.59 -23.02
CA ALA A 439 22.93 -8.71 -23.76
C ALA A 439 22.92 -7.86 -25.05
N LYS A 440 21.76 -7.57 -25.59
CA LYS A 440 21.61 -6.71 -26.77
C LYS A 440 21.34 -5.21 -26.45
N GLY A 441 21.22 -4.87 -25.16
CA GLY A 441 21.08 -3.48 -24.73
C GLY A 441 19.64 -3.11 -24.46
N GLN A 442 18.75 -4.10 -24.57
CA GLN A 442 17.36 -3.85 -24.51
C GLN A 442 16.89 -3.85 -23.05
N PRO A 443 16.17 -2.81 -22.63
CA PRO A 443 15.61 -2.83 -21.33
C PRO A 443 14.32 -3.73 -21.34
N VAL A 444 14.00 -4.29 -20.16
CA VAL A 444 12.88 -5.14 -19.90
C VAL A 444 12.16 -4.70 -18.68
N LEU A 445 10.82 -4.75 -18.75
CA LEU A 445 9.95 -4.60 -17.63
C LEU A 445 9.14 -5.91 -17.48
N VAL A 446 9.19 -6.52 -16.28
CA VAL A 446 8.53 -7.77 -16.03
C VAL A 446 7.40 -7.52 -15.08
N GLY A 447 6.18 -7.82 -15.47
CA GLY A 447 5.02 -7.78 -14.57
C GLY A 447 4.68 -9.15 -14.01
N THR A 448 4.43 -9.19 -12.70
CA THR A 448 3.97 -10.45 -12.04
C THR A 448 2.64 -10.16 -11.34
N ILE A 449 1.99 -11.20 -10.84
CA ILE A 449 0.68 -11.00 -10.16
C ILE A 449 0.84 -10.97 -8.64
N SER A 450 2.05 -11.24 -8.14
CA SER A 450 2.28 -11.19 -6.68
C SER A 450 3.73 -10.89 -6.26
N ILE A 451 3.86 -10.44 -5.01
CA ILE A 451 5.15 -10.22 -4.37
C ILE A 451 5.96 -11.53 -4.37
N GLU A 452 5.30 -12.62 -4.01
CA GLU A 452 5.93 -13.95 -4.05
C GLU A 452 6.53 -14.25 -5.42
N LYS A 453 5.75 -14.00 -6.44
CA LYS A 453 6.22 -14.21 -7.80
C LYS A 453 7.25 -13.17 -8.21
N SER A 454 7.06 -11.93 -7.80
CA SER A 454 8.17 -10.93 -7.99
C SER A 454 9.47 -11.43 -7.38
N GLU A 455 9.42 -11.94 -6.14
CA GLU A 455 10.63 -12.50 -5.50
C GLU A 455 11.28 -13.65 -6.23
N LEU A 456 10.44 -14.52 -6.74
CA LEU A 456 10.91 -15.73 -7.39
C LEU A 456 11.69 -15.44 -8.65
N VAL A 457 11.10 -14.61 -9.51
CA VAL A 457 11.82 -14.27 -10.78
C VAL A 457 13.09 -13.45 -10.46
N SER A 458 13.03 -12.56 -9.48
CA SER A 458 14.21 -11.80 -9.01
C SER A 458 15.36 -12.66 -8.53
N ASN A 459 15.07 -13.55 -7.58
CA ASN A 459 16.07 -14.56 -7.17
C ASN A 459 16.63 -15.40 -8.25
N GLU A 460 15.80 -15.83 -9.18
CA GLU A 460 16.27 -16.54 -10.36
C GLU A 460 17.11 -15.69 -11.32
N LEU A 461 16.75 -14.41 -11.47
CA LEU A 461 17.63 -13.50 -12.27
C LEU A 461 18.97 -13.36 -11.63
N THR A 462 18.98 -13.24 -10.32
CA THR A 462 20.21 -13.07 -9.62
C THR A 462 21.01 -14.32 -9.74
N LYS A 463 20.34 -15.48 -9.57
CA LYS A 463 21.02 -16.76 -9.71
C LYS A 463 21.68 -16.82 -11.07
N ALA A 464 21.05 -16.19 -12.06
CA ALA A 464 21.64 -16.12 -13.40
C ALA A 464 22.60 -14.93 -13.67
N GLY A 465 22.81 -14.10 -12.69
CA GLY A 465 23.78 -13.04 -12.80
C GLY A 465 23.28 -11.79 -13.45
N ILE A 466 21.96 -11.61 -13.48
CA ILE A 466 21.35 -10.52 -14.17
C ILE A 466 20.88 -9.46 -13.21
N LYS A 467 21.50 -8.29 -13.29
CA LYS A 467 21.16 -7.19 -12.38
C LYS A 467 19.82 -6.59 -12.74
N HIS A 468 19.08 -6.22 -11.73
CA HIS A 468 17.78 -5.81 -11.99
C HIS A 468 17.34 -5.09 -10.77
N ASN A 469 16.19 -4.44 -10.86
CA ASN A 469 15.52 -3.97 -9.63
C ASN A 469 14.09 -4.42 -9.55
N VAL A 470 13.63 -4.72 -8.34
CA VAL A 470 12.24 -5.00 -8.09
C VAL A 470 11.53 -3.74 -7.65
N LEU A 471 10.36 -3.43 -8.15
CA LEU A 471 9.60 -2.34 -7.56
C LEU A 471 8.93 -2.82 -6.27
N ASN A 472 9.40 -2.33 -5.12
CA ASN A 472 8.86 -2.73 -3.86
C ASN A 472 7.91 -1.68 -3.26
N ALA A 473 6.61 -2.06 -3.18
CA ALA A 473 5.54 -1.13 -2.78
C ALA A 473 5.75 -0.49 -1.38
N LYS A 474 6.64 -1.05 -0.55
CA LYS A 474 6.97 -0.41 0.74
C LYS A 474 7.90 0.84 0.57
N PHE A 475 8.57 0.95 -0.59
CA PHE A 475 9.63 1.95 -0.74
C PHE A 475 9.39 2.84 -1.99
N HIS A 476 8.52 3.83 -1.83
CA HIS A 476 8.00 4.65 -2.92
C HIS A 476 9.09 5.44 -3.61
N ALA A 477 9.99 6.00 -2.81
CA ALA A 477 11.10 6.81 -3.31
C ALA A 477 12.03 5.96 -4.14
N ASN A 478 12.34 4.75 -3.65
CA ASN A 478 13.13 3.77 -4.44
C ASN A 478 12.41 3.48 -5.77
N GLU A 479 11.08 3.37 -5.70
CA GLU A 479 10.27 3.00 -6.86
C GLU A 479 10.39 4.07 -7.94
N ALA A 480 10.20 5.34 -7.58
CA ALA A 480 10.32 6.44 -8.57
C ALA A 480 11.76 6.54 -9.18
N ALA A 481 12.78 6.33 -8.34
CA ALA A 481 14.16 6.28 -8.78
C ALA A 481 14.41 5.11 -9.78
N ILE A 482 13.73 3.99 -9.56
CA ILE A 482 13.93 2.81 -10.42
C ILE A 482 13.25 3.04 -11.75
N VAL A 483 11.99 3.41 -11.62
CA VAL A 483 11.14 3.73 -12.77
C VAL A 483 11.75 4.70 -13.71
N ALA A 484 12.42 5.71 -13.17
CA ALA A 484 13.12 6.69 -13.94
C ALA A 484 14.16 6.09 -14.86
N GLN A 485 15.00 5.18 -14.39
CA GLN A 485 15.97 4.59 -15.29
C GLN A 485 15.62 3.20 -15.88
N ALA A 486 14.36 2.81 -15.75
CA ALA A 486 13.84 1.56 -16.30
C ALA A 486 13.95 1.36 -17.86
N GLY A 487 14.14 2.46 -18.61
CA GLY A 487 14.32 2.45 -20.08
C GLY A 487 15.78 2.63 -20.41
N TYR A 488 16.66 2.51 -19.42
CA TYR A 488 18.11 2.64 -19.62
C TYR A 488 18.62 1.36 -20.30
N PRO A 489 19.64 1.44 -21.16
CA PRO A 489 20.19 0.22 -21.78
C PRO A 489 20.31 -1.00 -20.83
N ALA A 490 19.74 -2.16 -21.19
CA ALA A 490 19.85 -3.44 -20.45
C ALA A 490 19.24 -3.41 -19.03
N ALA A 491 18.51 -2.35 -18.73
CA ALA A 491 17.81 -2.28 -17.45
C ALA A 491 16.73 -3.41 -17.39
N VAL A 492 16.53 -3.91 -16.17
CA VAL A 492 15.55 -4.91 -15.88
C VAL A 492 14.84 -4.54 -14.56
N THR A 493 13.54 -4.45 -14.68
CA THR A 493 12.64 -4.00 -13.65
C THR A 493 11.53 -5.07 -13.50
N ILE A 494 11.23 -5.45 -12.24
CA ILE A 494 10.17 -6.41 -11.94
C ILE A 494 9.14 -5.64 -11.21
N ALA A 495 7.91 -5.65 -11.68
CA ALA A 495 6.83 -4.89 -11.08
C ALA A 495 5.71 -5.82 -10.67
N THR A 496 5.11 -5.59 -9.52
CA THR A 496 4.09 -6.49 -8.98
C THR A 496 2.78 -5.83 -9.20
N ASN A 497 1.84 -6.56 -9.79
CA ASN A 497 0.54 -6.05 -10.16
C ASN A 497 0.61 -4.61 -10.64
N MET A 498 1.37 -4.41 -11.72
CA MET A 498 1.47 -3.08 -12.37
C MET A 498 0.09 -2.44 -12.49
N ALA A 499 -0.01 -1.16 -12.11
CA ALA A 499 -1.24 -0.33 -12.26
C ALA A 499 -1.73 -0.12 -13.73
N GLY A 500 -2.77 0.71 -13.89
CA GLY A 500 -3.13 1.32 -15.16
C GLY A 500 -2.26 2.57 -15.35
N ARG A 501 -1.94 2.86 -16.62
CA ARG A 501 -1.15 4.04 -17.04
C ARG A 501 0.34 4.07 -16.60
N GLY A 502 0.63 3.92 -15.30
CA GLY A 502 2.00 4.10 -14.75
C GLY A 502 2.73 5.36 -15.22
N THR A 503 3.82 5.71 -14.52
CA THR A 503 4.82 6.65 -15.08
C THR A 503 5.34 6.12 -16.43
N ASP A 504 5.33 6.97 -17.47
CA ASP A 504 6.04 6.70 -18.73
C ASP A 504 7.48 6.29 -18.51
N ILE A 505 7.91 5.35 -19.32
CA ILE A 505 9.23 4.87 -19.23
C ILE A 505 9.92 5.47 -20.42
N VAL A 506 10.90 6.31 -20.15
CA VAL A 506 11.62 6.95 -21.18
C VAL A 506 12.74 6.05 -21.59
N LEU A 507 12.78 5.76 -22.89
CA LEU A 507 13.86 5.04 -23.49
C LEU A 507 15.19 5.79 -23.44
N GLY A 508 16.23 5.06 -23.06
CA GLY A 508 17.61 5.56 -22.86
C GLY A 508 17.83 6.10 -21.46
N GLY A 509 16.76 6.13 -20.69
CA GLY A 509 16.73 6.80 -19.41
C GLY A 509 15.96 8.08 -19.60
N SER A 510 15.54 8.67 -18.50
CA SER A 510 15.09 10.06 -18.45
C SER A 510 16.32 10.88 -18.10
N TRP A 511 16.57 11.84 -18.99
CA TRP A 511 17.66 12.79 -18.84
C TRP A 511 17.20 13.99 -18.03
N GLN A 512 15.89 14.10 -17.83
CA GLN A 512 15.33 15.23 -17.08
C GLN A 512 15.49 14.99 -15.57
N ALA A 513 15.34 13.72 -15.17
CA ALA A 513 15.79 13.20 -13.86
C ALA A 513 17.27 13.51 -13.58
N GLU A 514 18.09 13.53 -14.63
CA GLU A 514 19.53 13.73 -14.55
C GLU A 514 19.89 15.19 -14.23
N VAL A 515 19.17 16.14 -14.81
CA VAL A 515 19.37 17.50 -14.43
C VAL A 515 18.62 17.73 -13.08
N ALA A 516 17.39 17.23 -12.95
CA ALA A 516 16.69 17.26 -11.65
C ALA A 516 17.67 17.04 -10.48
N ALA A 517 18.58 16.07 -10.68
CA ALA A 517 19.61 15.76 -9.72
C ALA A 517 20.60 16.91 -9.58
N LEU A 518 21.12 17.43 -10.69
CA LEU A 518 22.11 18.53 -10.67
C LEU A 518 21.75 19.63 -9.67
N GLU A 519 22.70 20.10 -8.88
CA GLU A 519 22.45 21.16 -7.88
C GLU A 519 22.64 22.55 -8.44
N ASN A 520 23.43 22.68 -9.49
CA ASN A 520 23.51 23.93 -10.25
C ASN A 520 23.65 23.59 -11.73
N PRO A 521 22.53 23.28 -12.40
CA PRO A 521 22.55 22.87 -13.81
C PRO A 521 22.85 24.02 -14.78
N THR A 522 23.74 23.81 -15.75
CA THR A 522 24.25 24.88 -16.62
C THR A 522 24.68 24.48 -18.07
N ALA A 523 23.82 24.77 -19.06
CA ALA A 523 24.23 24.84 -20.49
C ALA A 523 25.09 23.65 -20.96
N GLU A 524 26.27 23.90 -21.50
CA GLU A 524 27.26 22.85 -21.71
C GLU A 524 27.00 21.59 -20.87
N GLN A 525 26.68 21.80 -19.60
CA GLN A 525 26.30 20.70 -18.68
C GLN A 525 25.04 19.89 -19.13
N ILE A 526 23.90 20.57 -19.28
CA ILE A 526 22.68 20.01 -19.90
C ILE A 526 22.94 19.41 -21.28
N GLU A 527 23.51 20.21 -22.15
CA GLU A 527 23.72 19.83 -23.54
C GLU A 527 24.51 18.51 -23.60
N LYS A 528 25.52 18.38 -22.75
CA LYS A 528 26.24 17.11 -22.66
C LYS A 528 25.29 15.98 -22.26
N ILE A 529 24.40 16.24 -21.33
CA ILE A 529 23.46 15.24 -20.85
C ILE A 529 22.48 14.78 -21.95
N LYS A 530 21.84 15.72 -22.61
CA LYS A 530 20.95 15.44 -23.73
C LYS A 530 21.68 14.68 -24.81
N ALA A 531 22.90 15.02 -25.05
CA ALA A 531 23.56 14.48 -26.20
C ALA A 531 23.99 13.05 -25.90
N ASP A 532 24.57 12.83 -24.73
CA ASP A 532 24.75 11.47 -24.17
C ASP A 532 23.44 10.67 -24.08
N TRP A 533 22.35 11.33 -23.76
CA TRP A 533 21.06 10.65 -23.75
C TRP A 533 20.54 10.22 -25.14
N GLN A 534 20.60 11.13 -26.12
CA GLN A 534 20.18 10.85 -27.49
C GLN A 534 20.79 9.56 -27.99
N VAL A 535 22.01 9.36 -27.61
CA VAL A 535 22.78 8.22 -28.02
C VAL A 535 22.19 6.97 -27.36
N ARG A 536 21.78 7.12 -26.09
CA ARG A 536 21.27 5.97 -25.35
C ARG A 536 19.91 5.63 -25.82
N HIS A 537 19.13 6.65 -26.07
CA HIS A 537 17.77 6.55 -26.53
C HIS A 537 17.64 5.82 -27.84
N ASP A 538 18.54 6.19 -28.75
CA ASP A 538 18.59 5.67 -30.08
C ASP A 538 19.18 4.30 -30.05
N ALA A 539 20.13 4.05 -29.16
CA ALA A 539 20.60 2.70 -28.99
C ALA A 539 19.48 1.82 -28.41
N VAL A 540 18.69 2.31 -27.46
CA VAL A 540 17.58 1.50 -26.90
C VAL A 540 16.52 1.23 -27.99
N LEU A 541 16.27 2.19 -28.87
CA LEU A 541 15.30 1.99 -29.92
C LEU A 541 15.76 0.92 -30.92
N GLU A 542 17.02 1.06 -31.30
CA GLU A 542 17.73 0.12 -32.16
C GLU A 542 17.63 -1.30 -31.67
N ALA A 543 17.87 -1.45 -30.38
CA ALA A 543 17.77 -2.75 -29.75
C ALA A 543 16.32 -3.25 -29.62
N GLY A 544 15.34 -2.50 -30.08
CA GLY A 544 13.94 -2.96 -30.02
C GLY A 544 13.03 -2.28 -29.02
N GLY A 545 13.48 -1.20 -28.41
CA GLY A 545 12.66 -0.51 -27.41
C GLY A 545 12.44 -1.29 -26.15
N LEU A 546 11.43 -0.92 -25.35
CA LEU A 546 11.09 -1.67 -24.15
C LEU A 546 10.41 -3.00 -24.47
N HIS A 547 10.92 -4.07 -23.88
CA HIS A 547 10.29 -5.35 -23.91
C HIS A 547 9.50 -5.54 -22.62
N ILE A 548 8.22 -5.89 -22.77
CA ILE A 548 7.35 -6.21 -21.65
C ILE A 548 7.23 -7.73 -21.51
N ILE A 549 7.50 -8.27 -20.32
CA ILE A 549 7.16 -9.67 -20.03
C ILE A 549 6.05 -9.77 -19.02
N GLY A 550 4.94 -10.40 -19.42
CA GLY A 550 3.89 -10.80 -18.48
C GLY A 550 4.23 -12.20 -18.05
N THR A 551 4.47 -12.39 -16.75
CA THR A 551 4.85 -13.71 -16.28
C THR A 551 3.62 -14.55 -16.11
N GLU A 552 2.46 -13.90 -16.06
CA GLU A 552 1.19 -14.57 -16.04
C GLU A 552 0.23 -13.63 -16.76
N ARG A 553 -0.90 -14.17 -17.24
CA ARG A 553 -2.06 -13.33 -17.57
C ARG A 553 -3.06 -13.24 -16.42
N HIS A 554 -3.74 -12.09 -16.39
CA HIS A 554 -4.77 -11.78 -15.41
C HIS A 554 -6.03 -12.33 -16.00
N GLU A 555 -6.99 -12.62 -15.17
CA GLU A 555 -8.27 -13.11 -15.70
C GLU A 555 -8.93 -11.99 -16.58
N SER A 556 -8.70 -10.72 -16.23
CA SER A 556 -9.15 -9.60 -17.08
C SER A 556 -8.04 -9.27 -18.08
N ARG A 557 -8.34 -9.31 -19.39
CA ARG A 557 -7.37 -8.88 -20.40
C ARG A 557 -7.03 -7.39 -20.35
N ARG A 558 -7.93 -6.56 -19.85
CA ARG A 558 -7.68 -5.11 -19.73
C ARG A 558 -6.52 -4.78 -18.82
N ILE A 559 -6.42 -5.51 -17.72
CA ILE A 559 -5.21 -5.50 -17.00
C ILE A 559 -3.94 -5.91 -17.81
N ASP A 560 -3.96 -7.01 -18.53
CA ASP A 560 -2.83 -7.46 -19.37
C ASP A 560 -2.50 -6.31 -20.38
N ASN A 561 -3.56 -5.66 -20.84
CA ASN A 561 -3.41 -4.67 -21.90
C ASN A 561 -2.75 -3.44 -21.37
N GLN A 562 -3.03 -3.14 -20.10
CA GLN A 562 -2.35 -2.06 -19.40
C GLN A 562 -0.90 -2.22 -19.19
N LEU A 563 -0.52 -3.42 -18.81
CA LEU A 563 0.87 -3.70 -18.70
C LEU A 563 1.61 -3.56 -20.07
N ARG A 564 1.04 -4.20 -21.09
CA ARG A 564 1.62 -4.29 -22.39
C ARG A 564 1.80 -2.87 -22.98
N GLY A 565 0.82 -2.01 -22.72
CA GLY A 565 0.80 -0.60 -23.15
C GLY A 565 1.84 0.31 -22.55
N ARG A 566 2.56 -0.17 -21.55
CA ARG A 566 3.68 0.47 -21.06
C ARG A 566 4.80 0.61 -22.08
N SER A 567 4.81 -0.26 -23.09
CA SER A 567 5.83 -0.21 -24.15
C SER A 567 5.21 0.30 -25.46
N GLY A 568 6.03 0.89 -26.32
CA GLY A 568 5.56 1.32 -27.64
C GLY A 568 4.79 2.60 -27.68
N ARG A 569 5.01 3.47 -26.70
CA ARG A 569 4.22 4.71 -26.57
C ARG A 569 4.75 5.69 -27.56
N GLN A 570 3.83 6.45 -28.17
CA GLN A 570 4.20 7.58 -29.04
C GLN A 570 5.13 7.14 -30.16
N GLY A 571 4.82 6.00 -30.74
CA GLY A 571 5.54 5.53 -31.89
C GLY A 571 6.79 4.74 -31.62
N ASP A 572 7.18 4.67 -30.37
CA ASP A 572 8.39 4.02 -29.96
C ASP A 572 8.40 2.53 -30.34
N ALA A 573 9.58 2.04 -30.72
CA ALA A 573 9.73 0.62 -30.94
C ALA A 573 9.47 -0.02 -29.56
N GLY A 574 8.96 -1.26 -29.59
CA GLY A 574 8.82 -2.01 -28.40
C GLY A 574 8.32 -3.38 -28.70
N SER A 575 8.22 -4.19 -27.65
CA SER A 575 7.61 -5.55 -27.75
C SER A 575 7.04 -6.02 -26.43
N SER A 576 6.28 -7.13 -26.51
CA SER A 576 5.64 -7.78 -25.39
C SER A 576 5.53 -9.28 -25.59
N ARG A 577 5.59 -9.99 -24.48
CA ARG A 577 5.38 -11.41 -24.50
C ARG A 577 4.76 -11.82 -23.18
N PHE A 578 3.71 -12.61 -23.24
CA PHE A 578 3.15 -13.22 -22.03
C PHE A 578 3.46 -14.71 -22.00
N TYR A 579 3.73 -15.15 -20.78
CA TYR A 579 4.03 -16.51 -20.39
C TYR A 579 2.91 -17.12 -19.51
N LEU A 580 2.55 -18.36 -19.85
CA LEU A 580 1.59 -19.16 -19.16
C LEU A 580 2.23 -20.50 -18.85
N SER A 581 1.83 -21.10 -17.77
CA SER A 581 2.19 -22.48 -17.57
C SER A 581 0.89 -23.22 -17.47
N MET A 582 0.95 -24.55 -17.62
CA MET A 582 -0.23 -25.40 -17.36
C MET A 582 -0.69 -25.38 -15.89
N GLU A 583 0.15 -24.82 -15.01
CA GLU A 583 -0.16 -24.62 -13.60
C GLU A 583 -0.98 -23.36 -13.46
N ASP A 584 -0.50 -22.29 -14.11
CA ASP A 584 -1.14 -20.97 -14.04
C ASP A 584 -2.58 -21.12 -13.65
N ALA A 585 -2.96 -20.38 -12.59
CA ALA A 585 -4.36 -20.21 -12.24
C ALA A 585 -5.20 -20.04 -13.51
N LEU A 586 -4.87 -19.04 -14.34
CA LEU A 586 -5.65 -18.75 -15.56
C LEU A 586 -6.03 -20.00 -16.41
N MET A 587 -5.24 -21.06 -16.35
CA MET A 587 -5.56 -22.24 -17.13
C MET A 587 -6.79 -22.97 -16.55
N ARG A 588 -7.49 -22.27 -15.66
CA ARG A 588 -8.67 -22.78 -14.94
C ARG A 588 -9.98 -22.19 -15.46
N ILE A 589 -9.89 -21.04 -16.13
CA ILE A 589 -11.02 -20.46 -16.89
C ILE A 589 -11.37 -21.26 -18.19
N PHE A 590 -10.61 -22.36 -18.51
CA PHE A 590 -10.99 -23.38 -19.51
C PHE A 590 -11.83 -24.46 -18.82
N ALA A 591 -12.52 -24.04 -17.76
CA ALA A 591 -13.33 -24.87 -16.86
C ALA A 591 -13.24 -26.41 -17.05
N SER A 592 -12.05 -26.91 -17.42
CA SER A 592 -11.76 -28.36 -17.57
C SER A 592 -10.30 -28.77 -17.48
N ASP A 593 -10.03 -29.69 -16.55
CA ASP A 593 -8.69 -30.16 -16.22
C ASP A 593 -8.17 -31.14 -17.28
N ARG A 594 -9.08 -31.93 -17.85
CA ARG A 594 -8.73 -32.75 -19.02
C ARG A 594 -8.51 -31.88 -20.28
N VAL A 595 -9.32 -30.83 -20.51
CA VAL A 595 -9.11 -29.96 -21.70
C VAL A 595 -7.71 -29.35 -21.61
N SER A 596 -7.56 -28.40 -20.67
CA SER A 596 -6.29 -27.77 -20.38
C SER A 596 -5.08 -28.73 -20.57
N GLY A 597 -5.03 -29.85 -19.81
CA GLY A 597 -3.86 -30.75 -19.77
C GLY A 597 -3.58 -31.58 -21.03
N MET A 598 -4.26 -31.23 -22.11
CA MET A 598 -4.00 -31.78 -23.44
C MET A 598 -2.74 -31.15 -23.96
N MET A 599 -2.59 -29.87 -23.61
CA MET A 599 -1.47 -29.06 -24.08
C MET A 599 -0.15 -29.65 -23.66
N ARG A 600 -0.18 -30.44 -22.59
CA ARG A 600 0.94 -31.30 -22.20
C ARG A 600 1.44 -32.21 -23.33
N LYS A 601 0.52 -32.76 -24.14
CA LYS A 601 0.88 -33.69 -25.23
C LYS A 601 1.54 -33.02 -26.44
N LEU A 602 1.51 -31.68 -26.49
CA LEU A 602 2.37 -30.92 -27.41
C LEU A 602 3.83 -30.81 -26.91
N GLY A 603 4.04 -30.81 -25.59
CA GLY A 603 5.38 -31.13 -25.00
C GLY A 603 6.13 -30.02 -24.25
N MET A 604 6.10 -28.82 -24.84
CA MET A 604 6.69 -27.55 -24.27
C MET A 604 8.24 -27.55 -24.14
N LYS A 605 8.85 -28.51 -24.87
CA LYS A 605 10.19 -29.10 -24.65
C LYS A 605 11.35 -28.09 -24.49
N PRO A 606 12.04 -28.10 -23.31
CA PRO A 606 13.12 -27.15 -22.88
C PRO A 606 14.09 -26.57 -23.97
N GLY A 607 13.94 -25.27 -24.27
CA GLY A 607 14.66 -24.61 -25.38
C GLY A 607 14.01 -24.77 -26.76
N GLU A 608 13.49 -25.98 -27.06
CA GLU A 608 12.81 -26.32 -28.33
C GLU A 608 11.32 -25.85 -28.36
N ALA A 609 11.08 -24.60 -27.94
CA ALA A 609 9.76 -24.02 -28.10
C ALA A 609 9.52 -23.77 -29.59
N ILE A 610 8.26 -23.67 -29.95
CA ILE A 610 7.86 -23.54 -31.35
C ILE A 610 7.07 -22.24 -31.54
N GLU A 611 6.15 -22.00 -30.61
CA GLU A 611 5.16 -20.97 -30.73
C GLU A 611 3.97 -21.56 -31.48
N HIS A 612 2.80 -21.44 -30.87
CA HIS A 612 1.53 -21.72 -31.53
C HIS A 612 0.55 -20.56 -31.31
N PRO A 613 0.38 -19.69 -32.31
CA PRO A 613 -0.54 -18.53 -32.22
C PRO A 613 -2.04 -18.81 -32.05
N TRP A 614 -2.49 -20.04 -32.30
CA TRP A 614 -3.88 -20.36 -31.95
C TRP A 614 -4.07 -20.19 -30.45
N VAL A 615 -3.04 -20.49 -29.69
CA VAL A 615 -3.07 -20.40 -28.21
C VAL A 615 -3.39 -18.97 -27.71
N THR A 616 -2.78 -17.98 -28.37
CA THR A 616 -2.93 -16.60 -28.04
C THR A 616 -4.43 -16.26 -28.21
N LYS A 617 -5.04 -16.68 -29.33
CA LYS A 617 -6.47 -16.36 -29.59
C LYS A 617 -7.40 -17.16 -28.70
N ALA A 618 -7.07 -18.45 -28.51
CA ALA A 618 -7.70 -19.36 -27.49
C ALA A 618 -7.80 -18.78 -26.09
N ILE A 619 -6.69 -18.28 -25.58
CA ILE A 619 -6.59 -17.56 -24.33
C ILE A 619 -7.37 -16.26 -24.41
N ALA A 620 -7.22 -15.50 -25.47
CA ALA A 620 -8.00 -14.21 -25.55
C ALA A 620 -9.51 -14.49 -25.52
N ASN A 621 -9.94 -15.52 -26.23
CA ASN A 621 -11.34 -15.90 -26.26
C ASN A 621 -11.84 -16.31 -24.90
N ALA A 622 -11.09 -17.13 -24.18
CA ALA A 622 -11.45 -17.52 -22.82
C ALA A 622 -11.67 -16.31 -21.96
N GLN A 623 -10.74 -15.38 -22.02
CA GLN A 623 -10.87 -14.14 -21.27
C GLN A 623 -12.18 -13.39 -21.67
N ARG A 624 -12.47 -13.32 -22.97
CA ARG A 624 -13.72 -12.78 -23.52
C ARG A 624 -14.95 -13.46 -22.89
N LYS A 625 -14.95 -14.80 -22.82
CA LYS A 625 -16.07 -15.54 -22.27
C LYS A 625 -16.28 -15.32 -20.78
N VAL A 626 -15.20 -15.27 -20.02
CA VAL A 626 -15.28 -14.82 -18.61
C VAL A 626 -15.95 -13.43 -18.48
N GLU A 627 -15.54 -12.44 -19.25
CA GLU A 627 -16.13 -11.10 -19.17
C GLU A 627 -17.61 -11.15 -19.50
N SER A 628 -17.89 -11.82 -20.59
CA SER A 628 -19.24 -12.01 -21.06
C SER A 628 -20.15 -12.76 -20.06
N ARG A 629 -19.62 -13.80 -19.42
CA ARG A 629 -20.36 -14.48 -18.39
C ARG A 629 -20.62 -13.47 -17.26
N ASN A 630 -19.60 -12.77 -16.86
CA ASN A 630 -19.70 -11.85 -15.73
C ASN A 630 -20.71 -10.68 -15.95
N PHE A 631 -20.69 -10.17 -17.17
CA PHE A 631 -21.64 -9.21 -17.62
C PHE A 631 -23.11 -9.66 -17.75
N ASP A 632 -23.37 -10.88 -18.20
CA ASP A 632 -24.73 -11.42 -18.14
C ASP A 632 -25.26 -11.37 -16.71
N ILE A 633 -24.45 -11.79 -15.78
CA ILE A 633 -24.83 -11.77 -14.40
C ILE A 633 -25.13 -10.35 -14.02
N ARG A 634 -24.25 -9.44 -14.44
CA ARG A 634 -24.33 -8.06 -14.05
C ARG A 634 -25.57 -7.40 -14.62
N LYS A 635 -25.86 -7.76 -15.86
CA LYS A 635 -26.93 -7.19 -16.65
C LYS A 635 -28.35 -7.55 -16.08
N GLN A 636 -28.49 -8.79 -15.59
CA GLN A 636 -29.62 -9.18 -14.72
C GLN A 636 -29.74 -8.28 -13.47
N LEU A 637 -28.63 -7.97 -12.83
CA LEU A 637 -28.69 -7.15 -11.65
C LEU A 637 -29.14 -5.71 -12.03
N LEU A 638 -28.76 -5.27 -13.23
CA LEU A 638 -29.16 -3.94 -13.73
C LEU A 638 -30.64 -3.91 -14.10
N GLU A 639 -31.20 -5.03 -14.48
CA GLU A 639 -32.61 -5.08 -14.78
C GLU A 639 -33.46 -5.01 -13.49
N TYR A 640 -32.92 -5.45 -12.36
CA TYR A 640 -33.54 -5.14 -11.06
C TYR A 640 -33.37 -3.67 -10.71
N ASP A 641 -32.14 -3.17 -10.82
CA ASP A 641 -31.83 -1.74 -10.67
C ASP A 641 -32.76 -0.76 -11.50
N ASP A 642 -33.12 -1.16 -12.70
CA ASP A 642 -34.00 -0.41 -13.51
C ASP A 642 -35.42 -0.18 -12.92
N VAL A 643 -35.88 -1.08 -12.05
CA VAL A 643 -37.18 -0.93 -11.35
C VAL A 643 -37.03 0.29 -10.42
N ALA A 644 -36.05 0.25 -9.49
CA ALA A 644 -35.80 1.41 -8.60
C ALA A 644 -35.51 2.70 -9.40
N ASN A 645 -34.80 2.60 -10.51
CA ASN A 645 -34.44 3.79 -11.31
C ASN A 645 -35.73 4.44 -11.79
N ASP A 646 -36.62 3.70 -12.41
CA ASP A 646 -37.79 4.33 -12.98
C ASP A 646 -38.68 4.90 -11.84
N GLN A 647 -38.64 4.28 -10.66
CA GLN A 647 -39.42 4.80 -9.53
C GLN A 647 -38.81 6.11 -9.04
N ARG A 648 -37.49 6.11 -8.94
CA ARG A 648 -36.81 7.36 -8.52
C ARG A 648 -37.06 8.48 -9.49
N ARG A 649 -36.97 8.17 -10.77
CA ARG A 649 -37.10 9.18 -11.77
C ARG A 649 -38.52 9.84 -11.71
N ALA A 650 -39.52 9.00 -11.51
CA ALA A 650 -40.90 9.42 -11.36
C ALA A 650 -41.13 10.31 -10.16
N ILE A 651 -40.66 9.86 -9.01
CA ILE A 651 -40.84 10.61 -7.74
C ILE A 651 -40.07 11.88 -7.73
N TYR A 652 -38.86 11.89 -8.24
CA TYR A 652 -38.09 13.11 -8.36
C TYR A 652 -38.72 14.11 -9.36
N SER A 653 -39.21 13.65 -10.47
CA SER A 653 -39.76 14.62 -11.44
C SER A 653 -41.06 15.24 -10.85
N GLN A 654 -41.84 14.46 -10.16
CA GLN A 654 -42.95 14.96 -9.40
C GLN A 654 -42.48 15.96 -8.32
N ARG A 655 -41.37 15.63 -7.63
CA ARG A 655 -40.87 16.45 -6.52
C ARG A 655 -40.40 17.76 -7.05
N ASN A 656 -39.72 17.70 -8.19
CA ASN A 656 -39.26 18.87 -8.85
C ASN A 656 -40.30 19.81 -9.47
N GLU A 657 -41.36 19.27 -10.02
CA GLU A 657 -42.53 20.06 -10.39
C GLU A 657 -43.12 20.82 -9.20
N LEU A 658 -43.21 20.18 -8.04
CA LEU A 658 -43.60 20.88 -6.84
C LEU A 658 -42.63 21.93 -6.45
N LEU A 659 -41.35 21.58 -6.48
CA LEU A 659 -40.33 22.52 -6.03
C LEU A 659 -40.35 23.77 -6.89
N ASP A 660 -40.60 23.62 -8.18
CA ASP A 660 -40.43 24.72 -9.11
C ASP A 660 -41.56 25.78 -9.09
N VAL A 661 -42.62 25.50 -8.31
CA VAL A 661 -43.70 26.47 -8.16
C VAL A 661 -44.01 26.99 -6.73
N SER A 662 -44.58 28.20 -6.67
CA SER A 662 -44.83 28.92 -5.38
C SER A 662 -46.13 28.54 -4.78
N ASP A 663 -47.01 28.11 -5.69
CA ASP A 663 -48.42 27.94 -5.41
C ASP A 663 -48.86 26.59 -5.92
N VAL A 664 -49.20 25.76 -4.96
CA VAL A 664 -49.45 24.32 -5.13
C VAL A 664 -50.99 24.07 -4.93
N SER A 665 -51.72 25.17 -4.76
CA SER A 665 -53.21 25.24 -4.63
C SER A 665 -54.03 24.27 -5.46
N GLU A 666 -53.78 24.29 -6.77
CA GLU A 666 -54.64 23.56 -7.67
C GLU A 666 -54.43 22.10 -7.34
N THR A 667 -53.16 21.68 -7.16
CA THR A 667 -52.86 20.30 -6.79
C THR A 667 -53.54 19.88 -5.47
N ILE A 668 -53.39 20.74 -4.45
CA ILE A 668 -54.05 20.52 -3.17
C ILE A 668 -55.57 20.32 -3.30
N ASN A 669 -56.20 21.24 -4.01
CA ASN A 669 -57.64 21.20 -4.19
C ASN A 669 -57.99 19.86 -4.80
N SER A 670 -57.19 19.53 -5.81
CA SER A 670 -57.43 18.37 -6.62
C SER A 670 -57.27 17.12 -5.80
N ILE A 671 -56.18 17.01 -5.02
CA ILE A 671 -55.97 15.75 -4.25
C ILE A 671 -56.92 15.68 -3.07
N ARG A 672 -57.42 16.83 -2.62
CA ARG A 672 -58.39 16.82 -1.53
C ARG A 672 -59.66 16.07 -1.93
N GLU A 673 -60.10 16.24 -3.17
CA GLU A 673 -61.31 15.56 -3.64
C GLU A 673 -60.99 14.07 -3.78
N ASP A 674 -59.78 13.76 -4.28
CA ASP A 674 -59.38 12.36 -4.39
C ASP A 674 -59.39 11.75 -3.01
N VAL A 675 -58.89 12.47 -2.02
CA VAL A 675 -58.67 11.82 -0.72
C VAL A 675 -60.02 11.54 -0.03
N PHE A 676 -60.94 12.49 -0.17
CA PHE A 676 -62.28 12.40 0.41
C PHE A 676 -63.13 11.35 -0.27
N LYS A 677 -63.08 11.32 -1.59
CA LYS A 677 -63.70 10.25 -2.38
C LYS A 677 -63.27 8.87 -1.83
N ALA A 678 -61.98 8.60 -1.88
CA ALA A 678 -61.44 7.34 -1.41
C ALA A 678 -61.77 7.08 0.04
N THR A 679 -61.71 8.09 0.88
CA THR A 679 -61.99 7.91 2.30
C THR A 679 -63.47 7.60 2.51
N ILE A 680 -64.32 8.32 1.81
CA ILE A 680 -65.74 8.09 1.94
C ILE A 680 -66.09 6.69 1.36
N ASP A 681 -65.44 6.29 0.25
CA ASP A 681 -65.76 4.99 -0.37
C ASP A 681 -65.60 3.84 0.62
N ALA A 682 -64.67 3.97 1.55
CA ALA A 682 -64.38 2.95 2.59
C ALA A 682 -65.51 2.70 3.55
N TYR A 683 -66.46 3.64 3.63
CA TYR A 683 -67.58 3.52 4.58
C TYR A 683 -68.95 3.54 3.87
N ILE A 684 -68.97 4.22 2.73
CA ILE A 684 -70.11 4.32 1.87
C ILE A 684 -69.80 3.68 0.52
N PRO A 685 -69.93 2.37 0.40
CA PRO A 685 -69.57 1.81 -0.91
C PRO A 685 -70.36 2.53 -2.00
N PRO A 686 -69.65 2.99 -3.07
CA PRO A 686 -70.41 3.76 -4.06
C PRO A 686 -71.74 3.11 -4.61
N GLN A 687 -72.76 3.95 -4.59
CA GLN A 687 -74.10 3.60 -5.05
C GLN A 687 -74.73 2.45 -4.26
N SER A 688 -74.33 2.33 -2.97
CA SER A 688 -74.89 1.32 -2.12
C SER A 688 -76.24 1.91 -1.43
N LEU A 689 -76.94 0.94 -0.86
CA LEU A 689 -78.16 1.36 -0.13
C LEU A 689 -77.55 1.87 1.21
N GLU A 690 -78.67 2.54 1.96
CA GLU A 690 -78.15 3.30 3.14
C GLU A 690 -77.58 2.28 4.14
N GLU A 691 -78.33 1.11 4.16
CA GLU A 691 -78.00 0.01 5.08
C GLU A 691 -76.58 -0.56 5.05
N MET A 692 -75.84 -0.35 3.94
CA MET A 692 -74.45 -0.77 3.77
C MET A 692 -73.42 0.27 4.22
N TRP A 693 -73.89 1.48 4.41
CA TRP A 693 -73.11 2.59 4.88
C TRP A 693 -72.71 2.43 6.36
N ASP A 694 -71.45 2.79 6.67
CA ASP A 694 -70.93 2.86 8.04
C ASP A 694 -70.64 4.32 8.42
N ILE A 695 -71.68 5.00 8.90
CA ILE A 695 -71.59 6.40 9.30
C ILE A 695 -70.86 6.63 10.63
N PRO A 696 -71.11 5.78 11.62
CA PRO A 696 -70.26 5.77 12.81
C PRO A 696 -68.77 5.69 12.47
N GLY A 697 -68.40 4.73 11.64
CA GLY A 697 -67.01 4.55 11.23
C GLY A 697 -66.48 5.71 10.42
N LEU A 698 -67.32 6.36 9.62
CA LEU A 698 -66.93 7.50 8.80
C LEU A 698 -66.68 8.72 9.66
N GLN A 699 -67.62 8.94 10.56
CA GLN A 699 -67.56 10.05 11.50
C GLN A 699 -66.26 10.13 12.28
N GLU A 700 -65.85 8.99 12.84
CA GLU A 700 -64.61 8.91 13.61
C GLU A 700 -63.41 9.09 12.72
N ARG A 701 -63.52 8.55 11.51
CA ARG A 701 -62.41 8.65 10.57
C ARG A 701 -62.12 10.09 10.24
N LEU A 702 -63.20 10.80 9.95
CA LEU A 702 -63.09 12.21 9.64
C LEU A 702 -62.58 12.96 10.88
N LYS A 703 -63.10 12.64 12.06
CA LYS A 703 -62.59 13.22 13.30
C LYS A 703 -61.12 12.91 13.43
N ASN A 704 -60.79 11.63 13.41
CA ASN A 704 -59.45 11.22 13.74
C ASN A 704 -58.37 11.66 12.80
N ASP A 705 -58.65 11.66 11.51
CA ASP A 705 -57.64 11.94 10.48
C ASP A 705 -57.75 13.32 9.81
N PHE A 706 -58.88 13.98 10.00
CA PHE A 706 -59.09 15.23 9.27
C PHE A 706 -59.56 16.32 10.20
N ASP A 707 -59.51 16.00 11.50
CA ASP A 707 -60.05 16.81 12.62
C ASP A 707 -61.34 17.51 12.21
N LEU A 708 -62.26 16.67 11.74
CA LEU A 708 -63.47 17.09 11.05
C LEU A 708 -64.62 16.30 11.66
N ASP A 709 -65.27 16.90 12.65
CA ASP A 709 -66.27 16.23 13.45
C ASP A 709 -67.67 16.66 13.02
N LEU A 710 -68.25 15.91 12.08
CA LEU A 710 -69.52 16.24 11.47
C LEU A 710 -70.59 15.28 11.98
N PRO A 711 -71.84 15.79 12.19
CA PRO A 711 -73.01 15.09 12.68
C PRO A 711 -73.75 14.45 11.50
N ILE A 712 -73.06 13.54 10.83
CA ILE A 712 -73.56 12.91 9.62
C ILE A 712 -74.86 12.09 9.89
N ALA A 713 -74.88 11.29 10.96
CA ALA A 713 -76.09 10.57 11.33
C ALA A 713 -77.27 11.57 11.42
N GLU A 714 -77.02 12.73 12.05
CA GLU A 714 -78.02 13.82 12.21
C GLU A 714 -78.59 14.21 10.86
N TRP A 715 -77.71 14.51 9.94
CA TRP A 715 -78.11 14.92 8.60
C TRP A 715 -79.06 13.90 8.01
N LEU A 716 -78.61 12.65 7.92
CA LEU A 716 -79.34 11.63 7.19
C LEU A 716 -80.73 11.44 7.75
N ASP A 717 -80.77 11.27 9.07
CA ASP A 717 -82.02 11.03 9.78
C ASP A 717 -82.92 12.26 9.79
N LYS A 718 -82.40 13.42 9.36
CA LYS A 718 -83.22 14.62 9.28
C LYS A 718 -83.63 15.01 7.86
N GLU A 719 -82.76 14.80 6.88
CA GLU A 719 -83.11 15.11 5.49
C GLU A 719 -83.30 13.82 4.67
N PRO A 720 -84.57 13.37 4.55
CA PRO A 720 -84.87 12.33 3.55
C PRO A 720 -84.69 12.79 2.08
N GLU A 721 -84.18 14.01 1.87
CA GLU A 721 -83.75 14.46 0.53
C GLU A 721 -82.37 13.86 0.22
N LEU A 722 -81.45 14.07 1.14
CA LEU A 722 -80.02 13.69 1.02
C LEU A 722 -79.64 12.31 0.38
N HIS A 723 -79.26 12.33 -0.90
CA HIS A 723 -78.65 11.18 -1.57
C HIS A 723 -77.10 11.09 -1.28
N GLU A 724 -76.48 9.98 -1.68
CA GLU A 724 -75.07 9.71 -1.44
C GLU A 724 -74.16 10.83 -1.98
N GLU A 725 -74.51 11.26 -3.19
CA GLU A 725 -73.76 12.31 -3.84
C GLU A 725 -73.79 13.66 -3.11
N THR A 726 -74.93 14.03 -2.55
CA THR A 726 -75.05 15.30 -1.83
C THR A 726 -74.36 15.24 -0.45
N LEU A 727 -74.29 14.06 0.15
CA LEU A 727 -73.51 13.83 1.39
C LEU A 727 -71.98 14.02 1.18
N ARG A 728 -71.52 13.47 0.06
CA ARG A 728 -70.15 13.59 -0.39
C ARG A 728 -69.77 15.06 -0.53
N GLU A 729 -70.63 15.89 -1.14
CA GLU A 729 -70.37 17.33 -1.30
C GLU A 729 -70.37 18.07 0.04
N ARG A 730 -71.36 17.83 0.87
CA ARG A 730 -71.41 18.60 2.14
C ARG A 730 -70.09 18.38 2.85
N ILE A 731 -69.62 17.13 2.82
CA ILE A 731 -68.42 16.77 3.57
C ILE A 731 -67.22 17.51 3.00
N LEU A 732 -67.08 17.41 1.68
CA LEU A 732 -66.01 18.11 0.96
C LEU A 732 -66.04 19.64 1.27
N ALA A 733 -67.20 20.29 0.95
CA ALA A 733 -67.45 21.70 1.29
C ALA A 733 -67.03 22.09 2.69
N GLN A 734 -67.36 21.24 3.66
CA GLN A 734 -67.07 21.57 5.08
C GLN A 734 -65.57 21.58 5.33
N SER A 735 -64.87 20.58 4.78
CA SER A 735 -63.41 20.54 4.94
C SER A 735 -62.88 21.87 4.46
N ILE A 736 -63.31 22.25 3.27
CA ILE A 736 -62.84 23.44 2.63
C ILE A 736 -63.12 24.71 3.45
N GLU A 737 -64.36 24.88 3.90
CA GLU A 737 -64.70 26.07 4.66
C GLU A 737 -63.77 26.18 5.86
N VAL A 738 -63.52 25.04 6.51
CA VAL A 738 -62.68 25.03 7.71
C VAL A 738 -61.23 25.47 7.40
N TYR A 739 -60.75 25.04 6.23
CA TYR A 739 -59.36 25.25 5.85
C TYR A 739 -59.19 26.71 5.50
N GLN A 740 -60.27 27.29 4.96
CA GLN A 740 -60.27 28.69 4.49
C GLN A 740 -60.19 29.65 5.62
N ARG A 741 -60.80 29.28 6.73
CA ARG A 741 -60.66 30.09 7.92
C ARG A 741 -59.30 30.02 8.58
N LYS A 742 -58.64 28.86 8.51
CA LYS A 742 -57.27 28.74 8.97
C LYS A 742 -56.42 29.67 8.13
N GLU A 743 -56.58 29.61 6.82
CA GLU A 743 -55.92 30.54 5.92
C GLU A 743 -56.15 32.00 6.24
N GLU A 744 -57.39 32.37 6.60
CA GLU A 744 -57.76 33.75 6.93
C GLU A 744 -56.89 34.22 8.12
N VAL A 745 -56.54 33.33 9.06
CA VAL A 745 -55.73 33.72 10.25
C VAL A 745 -54.23 33.94 9.95
N VAL A 746 -53.69 33.01 9.17
CA VAL A 746 -52.27 32.96 8.80
C VAL A 746 -51.96 33.83 7.62
N GLY A 747 -52.82 33.84 6.64
CA GLY A 747 -52.57 34.60 5.44
C GLY A 747 -52.24 33.64 4.35
N ALA A 748 -52.52 34.08 3.13
CA ALA A 748 -52.44 33.23 1.94
C ALA A 748 -51.03 32.72 1.64
N GLU A 749 -50.11 33.66 1.47
CA GLU A 749 -48.72 33.35 1.27
C GLU A 749 -48.11 32.36 2.25
N MET A 750 -48.42 32.51 3.52
CA MET A 750 -47.89 31.63 4.55
C MET A 750 -48.46 30.24 4.30
N MET A 751 -49.72 30.27 3.91
CA MET A 751 -50.47 29.04 3.69
C MET A 751 -50.01 28.31 2.46
N ARG A 752 -49.74 29.06 1.38
CA ARG A 752 -49.26 28.48 0.10
C ARG A 752 -47.89 27.78 0.36
N HIS A 753 -47.05 28.43 1.11
CA HIS A 753 -45.72 27.87 1.37
C HIS A 753 -45.75 26.74 2.37
N PHE A 754 -46.69 26.76 3.31
CA PHE A 754 -46.91 25.62 4.18
C PHE A 754 -47.39 24.40 3.38
N GLU A 755 -48.28 24.64 2.43
CA GLU A 755 -48.80 23.55 1.59
C GLU A 755 -47.66 22.88 0.87
N LYS A 756 -46.88 23.70 0.21
CA LYS A 756 -45.73 23.25 -0.54
C LYS A 756 -44.74 22.48 0.33
N GLY A 757 -44.35 23.04 1.49
CA GLY A 757 -43.47 22.34 2.40
C GLY A 757 -44.03 21.02 2.92
N VAL A 758 -45.31 20.97 3.20
CA VAL A 758 -45.99 19.72 3.65
C VAL A 758 -45.95 18.66 2.55
N MET A 759 -46.18 19.09 1.31
CA MET A 759 -46.07 18.17 0.20
C MET A 759 -44.67 17.55 0.05
N LEU A 760 -43.64 18.39 0.17
CA LEU A 760 -42.29 17.93 -0.11
C LEU A 760 -41.83 17.07 1.04
N GLN A 761 -42.15 17.53 2.22
CA GLN A 761 -41.78 16.82 3.40
C GLN A 761 -42.43 15.47 3.50
N THR A 762 -43.73 15.37 3.16
CA THR A 762 -44.40 14.09 3.18
C THR A 762 -43.87 13.20 2.08
N LEU A 763 -43.62 13.78 0.93
CA LEU A 763 -43.03 13.03 -0.15
C LEU A 763 -41.70 12.41 0.29
N ASP A 764 -40.84 13.24 0.83
CA ASP A 764 -39.52 12.77 1.32
C ASP A 764 -39.63 11.61 2.33
N SER A 765 -40.58 11.70 3.25
CA SER A 765 -40.52 10.73 4.28
C SER A 765 -41.19 9.40 3.79
N LEU A 766 -42.20 9.49 2.93
CA LEU A 766 -42.70 8.26 2.31
C LEU A 766 -41.70 7.64 1.34
N TRP A 767 -40.87 8.44 0.70
CA TRP A 767 -39.85 7.89 -0.17
C TRP A 767 -38.75 7.15 0.62
N LYS A 768 -38.27 7.75 1.68
CA LYS A 768 -37.36 7.11 2.57
C LYS A 768 -37.89 5.72 3.01
N GLU A 769 -39.17 5.67 3.37
CA GLU A 769 -39.83 4.46 3.86
C GLU A 769 -39.96 3.45 2.69
N HIS A 770 -40.29 3.95 1.51
CA HIS A 770 -40.32 3.14 0.31
C HIS A 770 -38.93 2.54 -0.11
N LEU A 771 -37.90 3.34 -0.09
CA LEU A 771 -36.51 2.86 -0.34
C LEU A 771 -36.17 1.69 0.56
N ALA A 772 -36.56 1.76 1.83
CA ALA A 772 -36.19 0.73 2.81
C ALA A 772 -36.94 -0.54 2.54
N ALA A 773 -38.20 -0.35 2.15
CA ALA A 773 -39.08 -1.42 1.83
C ALA A 773 -38.76 -2.06 0.47
N MET A 774 -38.36 -1.26 -0.52
CA MET A 774 -37.86 -1.85 -1.75
C MET A 774 -36.55 -2.63 -1.51
N ASP A 775 -35.69 -2.10 -0.68
CA ASP A 775 -34.52 -2.89 -0.29
C ASP A 775 -34.92 -4.26 0.37
N TYR A 776 -35.78 -4.28 1.37
CA TYR A 776 -36.17 -5.56 1.93
C TYR A 776 -36.76 -6.44 0.85
N LEU A 777 -37.52 -5.87 -0.06
CA LEU A 777 -38.21 -6.67 -1.07
C LEU A 777 -37.21 -7.39 -1.96
N ARG A 778 -36.21 -6.66 -2.44
CA ARG A 778 -35.23 -7.19 -3.36
C ARG A 778 -34.39 -8.26 -2.69
N GLN A 779 -33.91 -8.00 -1.48
CA GLN A 779 -33.09 -8.97 -0.75
C GLN A 779 -33.86 -10.23 -0.43
N GLY A 780 -35.18 -10.16 -0.37
CA GLY A 780 -36.05 -11.33 -0.27
C GLY A 780 -36.38 -11.99 -1.62
N ILE A 781 -35.85 -11.39 -2.70
CA ILE A 781 -35.90 -11.99 -4.04
C ILE A 781 -34.85 -13.14 -4.05
N HIS A 782 -35.38 -14.36 -4.08
CA HIS A 782 -34.61 -15.61 -4.12
C HIS A 782 -35.58 -16.77 -4.09
N LEU A 783 -36.46 -16.77 -3.08
CA LEU A 783 -37.56 -17.72 -3.03
C LEU A 783 -38.97 -17.03 -2.98
N ARG A 784 -39.33 -16.29 -4.06
CA ARG A 784 -40.73 -15.77 -4.23
C ARG A 784 -41.41 -16.14 -5.61
N GLY A 785 -40.72 -15.84 -6.71
CA GLY A 785 -41.10 -16.31 -8.06
C GLY A 785 -40.30 -17.56 -8.44
N TYR A 786 -40.99 -18.65 -8.79
CA TYR A 786 -40.28 -19.92 -9.08
C TYR A 786 -41.04 -20.96 -9.95
N ALA A 787 -42.22 -21.43 -9.53
CA ALA A 787 -42.96 -22.47 -10.29
C ALA A 787 -43.57 -21.89 -11.58
N GLN A 788 -42.70 -21.72 -12.58
CA GLN A 788 -42.99 -21.17 -13.91
C GLN A 788 -43.04 -19.64 -13.97
N LYS A 789 -43.40 -18.95 -12.89
CA LYS A 789 -43.27 -17.47 -12.87
C LYS A 789 -41.79 -17.11 -12.74
N ASP A 790 -41.38 -16.02 -13.40
CA ASP A 790 -40.07 -15.34 -13.22
C ASP A 790 -40.12 -14.53 -11.90
N PRO A 791 -39.08 -14.64 -11.03
CA PRO A 791 -39.00 -13.68 -9.92
C PRO A 791 -38.64 -12.36 -10.60
N LYS A 792 -39.26 -11.25 -10.34
CA LYS A 792 -39.10 -10.18 -11.40
C LYS A 792 -39.96 -10.68 -12.50
N GLN A 793 -40.75 -9.85 -13.10
CA GLN A 793 -42.15 -10.18 -13.30
C GLN A 793 -42.71 -10.09 -11.90
N GLU A 794 -42.40 -10.95 -10.92
CA GLU A 794 -43.12 -10.78 -9.63
C GLU A 794 -42.63 -9.57 -8.78
N TYR A 795 -41.31 -9.36 -8.74
CA TYR A 795 -40.73 -8.17 -8.15
C TYR A 795 -41.25 -6.92 -8.83
N LYS A 796 -41.29 -6.92 -10.15
CA LYS A 796 -41.77 -5.76 -10.87
C LYS A 796 -43.27 -5.52 -10.48
N ARG A 797 -44.01 -6.59 -10.30
CA ARG A 797 -45.40 -6.53 -9.84
C ARG A 797 -45.62 -5.91 -8.48
N GLU A 798 -44.90 -6.48 -7.52
CA GLU A 798 -44.91 -6.01 -6.13
C GLU A 798 -44.38 -4.63 -6.01
N SER A 799 -43.35 -4.34 -6.78
CA SER A 799 -42.82 -2.99 -6.82
C SER A 799 -43.80 -1.92 -7.35
N PHE A 800 -44.45 -2.24 -8.44
CA PHE A 800 -45.47 -1.38 -9.03
C PHE A 800 -46.58 -1.15 -8.00
N SER A 801 -47.06 -2.22 -7.42
CA SER A 801 -48.13 -2.14 -6.44
C SER A 801 -47.70 -1.27 -5.28
N MET A 802 -46.51 -1.49 -4.77
CA MET A 802 -45.99 -0.70 -3.65
C MET A 802 -45.77 0.80 -3.99
N PHE A 803 -45.26 1.12 -5.19
CA PHE A 803 -45.13 2.54 -5.65
C PHE A 803 -46.56 3.20 -5.83
N ALA A 804 -47.48 2.44 -6.43
CA ALA A 804 -48.84 2.91 -6.65
C ALA A 804 -49.50 3.34 -5.30
N ALA A 805 -49.33 2.48 -4.30
CA ALA A 805 -49.88 2.66 -3.00
C ALA A 805 -49.25 3.86 -2.33
N MET A 806 -47.97 4.09 -2.57
CA MET A 806 -47.28 5.17 -1.86
C MET A 806 -47.79 6.49 -2.37
N LEU A 807 -48.18 6.54 -3.64
CA LEU A 807 -48.61 7.83 -4.16
C LEU A 807 -50.02 8.09 -3.63
N GLU A 808 -50.79 7.06 -3.42
CA GLU A 808 -52.12 7.27 -2.87
C GLU A 808 -51.95 7.74 -1.47
N SER A 809 -51.05 7.09 -0.77
CA SER A 809 -50.77 7.40 0.61
C SER A 809 -50.09 8.80 0.80
N LEU A 810 -49.35 9.28 -0.20
CA LEU A 810 -48.84 10.66 -0.22
C LEU A 810 -49.97 11.72 -0.24
N LYS A 811 -51.01 11.47 -1.03
CA LYS A 811 -52.18 12.37 -1.08
C LYS A 811 -52.87 12.27 0.27
N TYR A 812 -53.14 11.06 0.76
CA TYR A 812 -53.77 10.92 2.07
C TYR A 812 -53.08 11.74 3.19
N GLU A 813 -51.76 11.61 3.28
CA GLU A 813 -51.05 12.19 4.39
C GLU A 813 -50.93 13.69 4.25
N VAL A 814 -50.75 14.17 3.03
CA VAL A 814 -50.80 15.61 2.82
C VAL A 814 -52.17 16.18 3.23
N ILE A 815 -53.27 15.59 2.80
CA ILE A 815 -54.54 16.21 3.17
C ILE A 815 -54.81 16.04 4.68
N SER A 816 -54.38 14.94 5.24
CA SER A 816 -54.57 14.73 6.66
C SER A 816 -53.84 15.86 7.44
N THR A 817 -52.59 16.14 7.09
CA THR A 817 -51.79 17.17 7.78
C THR A 817 -52.44 18.52 7.62
N LEU A 818 -52.78 18.89 6.40
CA LEU A 818 -53.37 20.20 6.20
C LEU A 818 -54.70 20.38 6.90
N SER A 819 -55.46 19.27 6.95
CA SER A 819 -56.75 19.26 7.63
C SER A 819 -56.59 19.41 9.15
N LYS A 820 -55.53 18.85 9.69
CA LYS A 820 -55.32 18.73 11.12
C LYS A 820 -54.47 19.85 11.75
N VAL A 821 -53.85 20.68 10.91
CA VAL A 821 -52.99 21.71 11.38
C VAL A 821 -53.77 22.58 12.35
N GLN A 822 -53.27 22.62 13.57
CA GLN A 822 -53.84 23.45 14.60
C GLN A 822 -53.44 24.85 14.24
N VAL A 823 -54.43 25.69 13.99
CA VAL A 823 -54.25 27.12 14.03
C VAL A 823 -55.17 27.55 15.20
N ARG A 824 -54.66 28.41 16.13
CA ARG A 824 -55.54 29.04 17.17
C ARG A 824 -56.35 30.24 16.62
N MET A 825 -57.68 30.10 16.61
CA MET A 825 -58.59 30.97 15.86
C MET A 825 -59.15 32.08 16.75
N PRO A 826 -58.86 33.38 16.45
CA PRO A 826 -59.68 34.42 17.12
C PRO A 826 -61.10 34.66 16.50
N GLU A 827 -61.91 35.47 17.19
CA GLU A 827 -63.40 35.51 17.09
C GLU A 827 -64.09 35.63 15.69
N GLU A 828 -64.81 36.74 15.45
CA GLU A 828 -65.89 36.84 14.44
C GLU A 828 -66.93 35.72 14.61
N ARG B 5 27.76 12.96 29.87
CA ARG B 5 27.98 11.77 29.07
C ARG B 5 28.21 12.11 27.54
N ASN B 6 27.15 12.58 26.87
CA ASN B 6 27.10 12.85 25.40
C ASN B 6 28.00 14.08 25.22
N ASP B 7 27.94 14.98 26.22
CA ASP B 7 28.74 16.23 26.24
C ASP B 7 30.27 15.99 26.21
N ARG B 8 30.74 14.99 26.98
CA ARG B 8 32.15 14.61 27.06
C ARG B 8 32.61 13.84 25.85
N THR B 9 31.77 12.95 25.32
CA THR B 9 32.08 12.24 24.09
C THR B 9 32.30 13.23 22.97
N LEU B 10 31.34 14.15 22.81
CA LEU B 10 31.40 15.15 21.76
C LEU B 10 32.60 16.13 21.95
N ARG B 11 32.90 16.49 23.18
CA ARG B 11 34.09 17.29 23.43
C ARG B 11 35.39 16.66 22.92
N ARG B 12 35.58 15.40 23.22
CA ARG B 12 36.77 14.70 22.88
C ARG B 12 36.78 14.53 21.36
N MET B 13 35.63 14.20 20.78
CA MET B 13 35.51 14.01 19.35
C MET B 13 35.69 15.33 18.57
N ARG B 14 35.21 16.43 19.12
CA ARG B 14 35.47 17.73 18.45
C ARG B 14 37.00 18.02 18.40
N LYS B 15 37.79 17.54 19.39
CA LYS B 15 39.25 17.63 19.41
C LYS B 15 39.85 16.88 18.20
N VAL B 16 39.33 15.68 17.93
CA VAL B 16 39.84 14.87 16.86
C VAL B 16 39.44 15.53 15.53
N VAL B 17 38.21 16.03 15.46
CA VAL B 17 37.81 16.77 14.25
C VAL B 17 38.80 17.90 13.94
N ASN B 18 39.28 18.58 14.93
CA ASN B 18 40.23 19.66 14.68
C ASN B 18 41.57 19.20 14.14
N ILE B 19 41.98 17.97 14.49
CA ILE B 19 43.15 17.34 13.99
C ILE B 19 42.93 16.93 12.60
N ILE B 20 41.82 16.25 12.32
CA ILE B 20 41.43 15.89 10.98
C ILE B 20 41.48 17.09 10.00
N ASN B 21 40.87 18.17 10.39
CA ASN B 21 40.82 19.37 9.57
C ASN B 21 42.23 19.93 9.30
N ALA B 22 43.09 19.89 10.32
CA ALA B 22 44.51 20.31 10.18
C ALA B 22 45.31 19.45 9.15
N MET B 23 44.88 18.20 8.98
CA MET B 23 45.47 17.30 8.04
C MET B 23 45.02 17.51 6.64
N GLU B 24 44.01 18.32 6.43
CA GLU B 24 43.48 18.45 5.08
C GLU B 24 44.57 18.88 4.10
N PRO B 25 45.40 19.89 4.40
CA PRO B 25 46.43 20.29 3.38
C PRO B 25 47.42 19.21 3.00
N GLU B 26 47.82 18.37 3.94
CA GLU B 26 48.71 17.22 3.69
C GLU B 26 48.04 16.31 2.63
N MET B 27 46.77 16.01 2.84
CA MET B 27 46.01 15.15 1.93
C MET B 27 45.75 15.81 0.60
N GLU B 28 45.48 17.12 0.62
CA GLU B 28 45.34 17.85 -0.69
C GLU B 28 46.46 17.78 -1.71
N LYS B 29 47.66 17.53 -1.21
CA LYS B 29 48.93 17.62 -1.90
C LYS B 29 49.31 16.26 -2.46
N LEU B 30 48.69 15.23 -1.94
CA LEU B 30 48.82 13.88 -2.38
C LEU B 30 48.22 13.65 -3.77
N SER B 31 48.96 12.94 -4.60
CA SER B 31 48.48 12.47 -5.86
C SER B 31 47.42 11.48 -5.50
N ASP B 32 46.61 11.14 -6.48
CA ASP B 32 45.59 10.11 -6.32
C ASP B 32 46.24 8.77 -5.96
N GLU B 33 47.27 8.41 -6.69
CA GLU B 33 48.05 7.19 -6.34
C GLU B 33 48.62 7.25 -4.90
N GLU B 34 49.03 8.43 -4.43
CA GLU B 34 49.59 8.48 -3.07
C GLU B 34 48.47 8.23 -2.07
N LEU B 35 47.33 8.81 -2.38
CA LEU B 35 46.15 8.58 -1.54
C LEU B 35 45.76 7.13 -1.43
N LYS B 36 45.71 6.48 -2.55
CA LYS B 36 45.48 5.04 -2.56
C LYS B 36 46.49 4.28 -1.72
N GLY B 37 47.78 4.65 -1.78
CA GLY B 37 48.79 3.94 -0.97
C GLY B 37 48.71 4.12 0.56
N LYS B 38 47.86 5.06 1.00
CA LYS B 38 47.61 5.25 2.43
C LYS B 38 47.03 4.02 3.09
N THR B 39 46.17 3.34 2.37
CA THR B 39 45.59 2.14 2.86
C THR B 39 46.63 1.07 3.21
N ALA B 40 47.54 0.79 2.29
CA ALA B 40 48.61 -0.17 2.51
C ALA B 40 49.53 0.30 3.62
N GLU B 41 49.80 1.58 3.67
CA GLU B 41 50.55 2.12 4.78
C GLU B 41 49.88 1.91 6.18
N PHE B 42 48.58 2.19 6.31
CA PHE B 42 47.82 1.94 7.52
C PHE B 42 47.92 0.48 7.89
N ARG B 43 47.85 -0.36 6.88
CA ARG B 43 47.91 -1.78 7.15
C ARG B 43 49.30 -2.31 7.55
N ALA B 44 50.37 -1.65 7.09
CA ALA B 44 51.71 -2.03 7.46
C ALA B 44 51.92 -1.57 8.90
N ARG B 45 51.35 -0.48 9.27
CA ARG B 45 51.35 -0.05 10.65
C ARG B 45 50.56 -0.91 11.61
N LEU B 46 49.39 -1.33 11.20
CA LEU B 46 48.57 -2.26 11.97
C LEU B 46 49.32 -3.59 12.18
N GLU B 47 49.94 -4.11 11.14
CA GLU B 47 50.79 -5.31 11.22
C GLU B 47 51.89 -5.18 12.24
N LYS B 48 52.50 -4.00 12.34
CA LYS B 48 53.46 -3.73 13.37
C LYS B 48 52.90 -3.40 14.74
N GLY B 49 51.63 -3.57 14.98
CA GLY B 49 51.07 -3.39 16.33
C GLY B 49 50.32 -2.11 16.58
N GLU B 50 50.21 -1.23 15.55
CA GLU B 50 49.46 -0.01 15.74
C GLU B 50 48.04 -0.32 16.16
N VAL B 51 47.48 0.51 17.00
CA VAL B 51 46.09 0.44 17.45
C VAL B 51 45.20 1.18 16.44
N LEU B 52 44.10 0.55 16.07
CA LEU B 52 43.28 1.04 14.96
C LEU B 52 42.79 2.45 15.21
N GLU B 53 42.41 2.73 16.45
CA GLU B 53 41.82 4.01 16.78
C GLU B 53 42.89 5.12 16.74
N ASN B 54 44.17 4.77 16.83
CA ASN B 54 45.25 5.76 16.57
C ASN B 54 45.23 6.27 15.14
N LEU B 55 44.57 5.51 14.27
CA LEU B 55 44.55 5.85 12.85
C LEU B 55 43.40 6.73 12.42
N ILE B 56 42.45 7.00 13.29
CA ILE B 56 41.24 7.63 12.92
C ILE B 56 41.45 8.97 12.28
N PRO B 57 42.32 9.81 12.88
CA PRO B 57 42.50 11.14 12.27
C PRO B 57 43.04 11.11 10.83
N GLU B 58 44.11 10.34 10.57
CA GLU B 58 44.59 10.18 9.19
C GLU B 58 43.70 9.48 8.30
N ALA B 59 43.10 8.39 8.77
CA ALA B 59 42.23 7.69 7.92
C ALA B 59 41.01 8.47 7.50
N PHE B 60 40.42 9.16 8.44
CA PHE B 60 39.27 10.04 8.10
C PHE B 60 39.64 11.13 7.08
N ALA B 61 40.81 11.71 7.26
CA ALA B 61 41.28 12.74 6.36
C ALA B 61 41.52 12.20 4.98
N VAL B 62 42.01 10.99 4.89
CA VAL B 62 42.13 10.29 3.62
C VAL B 62 40.79 10.04 2.96
N VAL B 63 39.82 9.49 3.68
CA VAL B 63 38.50 9.31 3.10
C VAL B 63 37.85 10.67 2.70
N ARG B 64 38.01 11.69 3.54
CA ARG B 64 37.45 12.99 3.17
C ARG B 64 38.05 13.51 1.87
N GLU B 65 39.37 13.37 1.65
CA GLU B 65 39.94 13.87 0.39
C GLU B 65 39.55 13.01 -0.76
N ALA B 66 39.56 11.70 -0.56
CA ALA B 66 39.06 10.81 -1.58
C ALA B 66 37.61 11.21 -2.04
N SER B 67 36.70 11.50 -1.10
CA SER B 67 35.33 11.83 -1.44
C SER B 67 35.30 13.14 -2.20
N LYS B 68 36.11 14.10 -1.80
CA LYS B 68 36.18 15.31 -2.61
C LYS B 68 36.50 14.99 -4.10
N ARG B 69 37.44 14.12 -4.34
CA ARG B 69 37.90 13.93 -5.68
C ARG B 69 36.95 13.04 -6.41
N VAL B 70 36.38 12.02 -5.73
CA VAL B 70 35.52 11.09 -6.46
C VAL B 70 34.06 11.56 -6.55
N PHE B 71 33.53 12.05 -5.44
CA PHE B 71 32.14 12.42 -5.33
C PHE B 71 31.96 13.95 -5.44
N GLY B 72 33.01 14.74 -5.31
CA GLY B 72 32.83 16.22 -5.20
C GLY B 72 32.09 16.55 -3.92
N MET B 73 32.26 15.77 -2.88
CA MET B 73 31.63 16.01 -1.58
C MET B 73 32.68 15.80 -0.56
N ARG B 74 32.77 16.78 0.34
CA ARG B 74 33.70 16.84 1.48
C ARG B 74 32.92 16.70 2.74
N HIS B 75 33.08 15.56 3.43
CA HIS B 75 32.43 15.35 4.69
C HIS B 75 32.50 16.56 5.55
N PHE B 76 31.38 16.90 6.21
CA PHE B 76 31.30 17.97 7.13
C PHE B 76 31.85 17.50 8.44
N ASP B 77 32.14 18.45 9.32
CA ASP B 77 32.65 18.17 10.67
C ASP B 77 31.73 17.27 11.43
N VAL B 78 30.38 17.55 11.38
CA VAL B 78 29.37 16.60 12.01
C VAL B 78 29.32 15.18 11.44
N GLN B 79 29.70 15.01 10.18
CA GLN B 79 29.83 13.70 9.57
C GLN B 79 31.03 12.96 10.00
N LEU B 80 32.14 13.68 10.23
CA LEU B 80 33.37 13.16 11.01
C LEU B 80 32.96 12.63 12.37
N LEU B 81 32.27 13.43 13.13
CA LEU B 81 31.75 12.98 14.41
C LEU B 81 30.92 11.74 14.39
N GLY B 82 29.95 11.67 13.46
CA GLY B 82 29.10 10.48 13.27
C GLY B 82 29.94 9.32 12.98
N GLY B 83 30.94 9.51 12.10
CA GLY B 83 31.84 8.45 11.74
C GLY B 83 32.67 7.93 12.90
N MET B 84 33.12 8.80 13.85
CA MET B 84 33.82 8.35 15.01
C MET B 84 32.90 7.63 15.94
N VAL B 85 31.65 8.08 16.08
CA VAL B 85 30.67 7.35 16.93
C VAL B 85 30.44 5.93 16.51
N LEU B 86 30.41 5.77 15.21
CA LEU B 86 30.13 4.54 14.58
C LEU B 86 31.27 3.52 14.64
N ASN B 87 32.46 3.95 15.02
CA ASN B 87 33.56 3.04 15.20
C ASN B 87 33.50 2.36 16.58
N GLU B 88 32.69 2.90 17.46
CA GLU B 88 32.42 2.33 18.80
C GLU B 88 31.09 1.58 18.77
N ARG B 89 30.73 0.91 19.86
CA ARG B 89 29.52 0.15 19.92
C ARG B 89 28.36 1.16 20.24
N CYS B 90 27.95 1.89 19.20
CA CYS B 90 27.04 3.00 19.36
C CYS B 90 26.16 3.17 18.17
N ILE B 91 25.02 3.77 18.44
CA ILE B 91 24.07 4.26 17.41
C ILE B 91 24.41 5.75 17.21
N ALA B 92 24.62 6.22 16.02
CA ALA B 92 24.86 7.66 15.77
C ALA B 92 23.46 8.19 15.35
N GLU B 93 22.89 9.02 16.17
CA GLU B 93 21.61 9.59 15.83
C GLU B 93 21.90 10.93 15.04
N MET B 94 21.63 10.88 13.78
CA MET B 94 21.89 11.95 12.87
C MET B 94 20.60 12.24 12.17
N ARG B 95 20.21 13.48 12.33
CA ARG B 95 18.99 13.98 11.82
C ARG B 95 18.76 13.83 10.30
N THR B 96 17.49 13.64 9.93
CA THR B 96 17.11 13.52 8.53
C THR B 96 17.73 14.75 7.78
N GLY B 97 18.40 14.52 6.67
CA GLY B 97 19.01 15.60 5.89
C GLY B 97 20.50 15.70 6.16
N GLU B 98 21.04 14.86 7.05
CA GLU B 98 22.41 15.09 7.51
C GLU B 98 23.44 14.37 6.78
N GLY B 99 23.07 13.53 5.81
CA GLY B 99 24.06 12.79 5.01
C GLY B 99 24.55 11.54 5.69
N LYS B 100 23.67 10.77 6.31
CA LYS B 100 24.00 9.47 6.83
C LYS B 100 24.71 8.59 5.89
N THR B 101 24.29 8.52 4.65
CA THR B 101 24.91 7.58 3.75
C THR B 101 26.42 7.94 3.49
N LEU B 102 26.76 9.22 3.33
CA LEU B 102 28.16 9.61 3.20
C LEU B 102 28.97 9.40 4.49
N THR B 103 28.34 9.71 5.59
CA THR B 103 28.94 9.49 6.89
C THR B 103 29.50 8.07 7.05
N ALA B 104 28.69 7.10 6.64
CA ALA B 104 29.04 5.74 6.80
C ALA B 104 30.23 5.29 6.06
N THR B 105 30.75 6.06 5.08
CA THR B 105 31.98 5.66 4.38
C THR B 105 33.19 5.66 5.30
N LEU B 106 33.10 6.45 6.34
CA LEU B 106 34.20 6.66 7.19
C LEU B 106 34.52 5.46 8.09
N PRO B 107 33.58 4.99 8.91
CA PRO B 107 33.84 3.81 9.71
C PRO B 107 33.95 2.54 8.88
N ALA B 108 33.26 2.49 7.77
CA ALA B 108 33.44 1.40 6.82
C ALA B 108 34.90 1.28 6.33
N TYR B 109 35.48 2.39 5.89
CA TYR B 109 36.87 2.39 5.59
C TYR B 109 37.72 1.97 6.70
N LEU B 110 37.59 2.61 7.85
CA LEU B 110 38.48 2.33 8.92
C LEU B 110 38.42 0.85 9.42
N ASN B 111 37.22 0.37 9.56
CA ASN B 111 37.02 -1.02 9.96
C ASN B 111 37.25 -2.08 8.95
N ALA B 112 37.58 -1.65 7.74
CA ALA B 112 38.04 -2.52 6.70
C ALA B 112 39.53 -2.72 6.73
N LEU B 113 40.25 -1.82 7.37
CA LEU B 113 41.71 -1.88 7.37
C LEU B 113 42.34 -3.14 7.88
N THR B 114 41.80 -3.73 8.94
CA THR B 114 42.38 -4.99 9.45
C THR B 114 42.11 -6.20 8.59
N GLY B 115 41.43 -6.05 7.48
CA GLY B 115 41.39 -7.20 6.50
C GLY B 115 40.40 -8.29 6.98
N LYS B 116 39.44 -7.91 7.80
CA LYS B 116 38.49 -8.83 8.41
C LYS B 116 37.02 -8.65 7.90
N GLY B 117 36.78 -7.61 7.15
CA GLY B 117 35.54 -7.46 6.44
C GLY B 117 34.58 -6.55 7.15
N VAL B 118 33.66 -5.97 6.41
CA VAL B 118 32.70 -5.03 6.99
C VAL B 118 31.39 -5.37 6.37
N HIS B 119 30.36 -5.54 7.17
CA HIS B 119 29.01 -5.72 6.68
C HIS B 119 28.12 -4.49 6.89
N VAL B 120 27.88 -3.79 5.77
CA VAL B 120 26.95 -2.75 5.77
C VAL B 120 25.58 -3.33 5.47
N VAL B 121 24.67 -3.08 6.39
CA VAL B 121 23.34 -3.68 6.43
C VAL B 121 22.30 -2.61 6.02
N THR B 122 21.63 -2.85 4.92
CA THR B 122 20.64 -1.99 4.38
C THR B 122 19.25 -2.59 4.58
N VAL B 123 18.23 -1.78 4.41
CA VAL B 123 16.83 -2.26 4.55
C VAL B 123 16.33 -3.03 3.39
N ASN B 124 16.95 -2.87 2.23
CA ASN B 124 16.42 -3.62 1.11
C ASN B 124 17.56 -3.81 0.10
N ASP B 125 17.26 -4.57 -0.93
CA ASP B 125 18.20 -4.86 -1.96
C ASP B 125 18.46 -3.68 -2.88
N TYR B 126 17.43 -2.89 -3.24
CA TYR B 126 17.71 -1.70 -3.99
C TYR B 126 18.86 -0.89 -3.40
N LEU B 127 18.73 -0.60 -2.11
CA LEU B 127 19.71 0.25 -1.45
C LEU B 127 21.06 -0.40 -1.31
N ALA B 128 21.08 -1.72 -1.13
CA ALA B 128 22.33 -2.45 -1.09
C ALA B 128 23.08 -2.25 -2.38
N GLN B 129 22.42 -2.47 -3.49
CA GLN B 129 23.04 -2.43 -4.76
C GLN B 129 23.44 -1.03 -5.10
N ARG B 130 22.60 -0.06 -4.79
CA ARG B 130 22.89 1.32 -5.12
C ARG B 130 24.06 1.86 -4.37
N ASP B 131 24.07 1.67 -3.08
CA ASP B 131 25.19 1.96 -2.23
C ASP B 131 26.50 1.29 -2.56
N ALA B 132 26.44 0.01 -2.86
CA ALA B 132 27.56 -0.67 -3.32
C ALA B 132 28.08 -0.06 -4.58
N GLU B 133 27.22 0.21 -5.53
CA GLU B 133 27.69 0.71 -6.80
C GLU B 133 28.15 2.21 -6.66
N ASN B 134 27.45 2.99 -5.85
CA ASN B 134 27.86 4.36 -5.66
C ASN B 134 29.23 4.42 -4.93
N ASN B 135 29.46 3.54 -3.96
CA ASN B 135 30.71 3.58 -3.18
C ASN B 135 31.88 2.88 -3.75
N ARG B 136 31.63 2.00 -4.75
CA ARG B 136 32.69 1.25 -5.38
C ARG B 136 33.80 2.16 -5.90
N PRO B 137 33.48 3.20 -6.68
CA PRO B 137 34.63 4.07 -7.11
C PRO B 137 35.40 4.72 -5.95
N LEU B 138 34.74 5.00 -4.84
CA LEU B 138 35.36 5.63 -3.74
C LEU B 138 36.32 4.71 -3.04
N PHE B 139 35.85 3.52 -2.64
CA PHE B 139 36.75 2.51 -2.10
C PHE B 139 37.77 1.95 -3.02
N GLU B 140 37.52 1.93 -4.34
CA GLU B 140 38.58 1.45 -5.28
C GLU B 140 39.71 2.51 -5.37
N PHE B 141 39.36 3.79 -5.43
CA PHE B 141 40.32 4.90 -5.29
C PHE B 141 41.27 4.74 -4.09
N LEU B 142 40.77 4.13 -3.05
CA LEU B 142 41.50 3.89 -1.83
C LEU B 142 42.01 2.49 -1.69
N GLY B 143 42.01 1.73 -2.75
CA GLY B 143 42.64 0.46 -2.73
C GLY B 143 41.86 -0.62 -2.00
N LEU B 144 40.53 -0.46 -1.86
CA LEU B 144 39.69 -1.51 -1.23
C LEU B 144 38.68 -2.07 -2.25
N THR B 145 38.11 -3.28 -2.01
CA THR B 145 37.16 -3.89 -2.93
C THR B 145 35.82 -3.84 -2.22
N VAL B 146 34.73 -3.78 -2.99
CA VAL B 146 33.37 -3.72 -2.43
C VAL B 146 32.56 -4.90 -2.86
N GLY B 147 31.90 -5.59 -1.94
CA GLY B 147 31.00 -6.61 -2.43
C GLY B 147 29.50 -6.31 -2.18
N ILE B 148 28.67 -6.99 -2.97
CA ILE B 148 27.22 -6.96 -2.86
C ILE B 148 26.69 -8.39 -2.68
N ASN B 149 25.84 -8.56 -1.68
CA ASN B 149 25.26 -9.87 -1.32
C ASN B 149 23.74 -9.73 -1.60
N LEU B 150 23.12 -10.62 -2.39
CA LEU B 150 21.71 -10.54 -2.73
C LEU B 150 21.15 -11.94 -2.64
N PRO B 151 19.82 -12.07 -2.37
CA PRO B 151 19.11 -13.36 -2.43
C PRO B 151 19.23 -14.05 -3.82
N GLY B 152 19.56 -15.34 -3.86
CA GLY B 152 19.67 -16.02 -5.14
C GLY B 152 21.06 -16.04 -5.79
N MET B 153 21.92 -15.27 -5.28
CA MET B 153 23.26 -15.18 -5.77
C MET B 153 23.92 -16.52 -5.45
N PRO B 154 24.55 -17.14 -6.44
CA PRO B 154 25.26 -18.38 -6.26
C PRO B 154 26.40 -18.31 -5.24
N ALA B 155 26.72 -19.45 -4.59
CA ALA B 155 27.69 -19.41 -3.47
C ALA B 155 29.06 -18.82 -3.90
N PRO B 156 29.62 -19.17 -5.07
CA PRO B 156 30.89 -18.57 -5.44
C PRO B 156 30.90 -16.99 -5.43
N ALA B 157 29.83 -16.41 -5.97
CA ALA B 157 29.61 -15.02 -5.97
C ALA B 157 29.43 -14.49 -4.60
N LYS B 158 28.67 -15.20 -3.76
CA LYS B 158 28.55 -14.77 -2.34
C LYS B 158 29.91 -14.76 -1.60
N ARG B 159 30.73 -15.80 -1.82
CA ARG B 159 32.06 -15.88 -1.29
C ARG B 159 32.88 -14.68 -1.68
N GLU B 160 32.85 -14.32 -2.98
CA GLU B 160 33.52 -13.16 -3.45
C GLU B 160 33.05 -11.95 -2.74
N ALA B 161 31.74 -11.78 -2.56
CA ALA B 161 31.21 -10.58 -1.85
C ALA B 161 31.63 -10.50 -0.41
N TYR B 162 31.69 -11.64 0.30
CA TYR B 162 32.16 -11.60 1.59
C TYR B 162 33.65 -11.48 1.74
N ALA B 163 34.38 -11.81 0.70
CA ALA B 163 35.81 -11.76 0.80
C ALA B 163 36.27 -10.36 0.44
N ALA B 164 35.34 -9.47 -0.02
CA ALA B 164 35.70 -8.08 -0.31
C ALA B 164 35.96 -7.33 0.99
N ASP B 165 36.66 -6.20 0.89
CA ASP B 165 36.97 -5.42 2.10
C ASP B 165 35.71 -4.97 2.85
N ILE B 166 34.70 -4.57 2.08
CA ILE B 166 33.39 -4.02 2.53
C ILE B 166 32.35 -4.69 1.69
N THR B 167 31.29 -5.10 2.39
CA THR B 167 30.13 -5.75 1.80
C THR B 167 28.85 -4.98 2.11
N TYR B 168 27.93 -4.96 1.16
CA TYR B 168 26.58 -4.37 1.34
C TYR B 168 25.55 -5.48 1.10
N GLY B 169 24.47 -5.45 1.86
CA GLY B 169 23.41 -6.48 1.79
C GLY B 169 22.34 -6.13 2.76
N THR B 170 21.21 -6.78 2.64
CA THR B 170 20.16 -6.70 3.65
C THR B 170 20.42 -7.53 4.89
N ASN B 171 19.78 -7.13 5.98
CA ASN B 171 19.77 -7.96 7.12
C ASN B 171 19.41 -9.40 6.82
N ASN B 172 18.32 -9.55 6.10
CA ASN B 172 17.81 -10.88 5.86
C ASN B 172 18.81 -11.81 5.29
N GLU B 173 19.51 -11.34 4.32
CA GLU B 173 20.43 -12.19 3.56
C GLU B 173 21.66 -12.52 4.31
N TYR B 174 22.21 -11.54 5.04
CA TYR B 174 23.25 -11.85 6.02
C TYR B 174 22.85 -13.03 6.93
N GLY B 175 21.70 -12.94 7.55
CA GLY B 175 21.26 -13.95 8.53
C GLY B 175 21.04 -15.29 7.88
N PHE B 176 20.46 -15.28 6.70
CA PHE B 176 20.21 -16.55 5.98
C PHE B 176 21.56 -17.23 5.64
N ASP B 177 22.54 -16.45 5.19
CA ASP B 177 23.82 -17.01 4.90
C ASP B 177 24.48 -17.64 6.12
N TYR B 178 24.30 -16.99 7.28
CA TYR B 178 24.77 -17.54 8.54
C TYR B 178 24.15 -18.91 8.80
N LEU B 179 22.84 -19.04 8.57
CA LEU B 179 22.18 -20.27 8.83
C LEU B 179 22.72 -21.31 7.88
N ARG B 180 22.80 -20.97 6.62
CA ARG B 180 23.20 -21.96 5.63
C ARG B 180 24.66 -22.37 5.86
N ASP B 181 25.55 -21.45 6.31
CA ASP B 181 26.94 -21.73 6.72
C ASP B 181 27.03 -22.77 7.84
N ASN B 182 26.00 -22.77 8.66
CA ASN B 182 25.85 -23.78 9.77
C ASN B 182 25.10 -24.99 9.45
N MET B 183 24.82 -25.15 8.18
CA MET B 183 24.33 -26.43 7.61
C MET B 183 25.34 -27.05 6.62
N ALA B 184 26.49 -26.41 6.43
CA ALA B 184 27.54 -26.90 5.62
C ALA B 184 28.22 -28.13 6.22
N PHE B 185 28.63 -28.95 5.28
CA PHE B 185 29.34 -30.20 5.58
C PHE B 185 30.85 -30.12 5.36
N SER B 186 31.33 -29.01 4.85
CA SER B 186 32.73 -28.74 4.82
C SER B 186 33.00 -27.28 4.95
N PRO B 187 34.14 -26.87 5.56
CA PRO B 187 34.34 -25.47 5.81
C PRO B 187 34.46 -24.64 4.54
N GLU B 188 34.88 -25.29 3.45
CA GLU B 188 35.06 -24.52 2.18
C GLU B 188 33.71 -24.17 1.54
N GLU B 189 32.62 -24.81 2.00
CA GLU B 189 31.26 -24.49 1.59
C GLU B 189 30.74 -23.19 2.20
N ARG B 190 31.29 -22.73 3.31
CA ARG B 190 30.86 -21.52 3.97
C ARG B 190 31.03 -20.33 3.08
N VAL B 191 30.11 -19.32 3.19
CA VAL B 191 30.25 -18.13 2.25
C VAL B 191 30.76 -16.93 3.08
N GLN B 192 30.46 -16.92 4.40
CA GLN B 192 30.87 -15.90 5.24
C GLN B 192 32.25 -16.20 5.85
N ARG B 193 32.88 -15.11 6.30
CA ARG B 193 33.98 -15.09 7.23
C ARG B 193 33.45 -14.85 8.65
N LYS B 194 34.31 -14.92 9.63
CA LYS B 194 33.99 -14.58 11.01
C LYS B 194 33.32 -13.19 11.00
N LEU B 195 32.29 -13.04 11.81
CA LEU B 195 31.45 -11.90 11.77
C LEU B 195 32.15 -10.80 12.50
N HIS B 196 32.59 -9.85 11.74
CA HIS B 196 33.55 -8.83 12.38
C HIS B 196 32.81 -7.52 12.81
N TYR B 197 32.30 -6.81 11.81
CA TYR B 197 31.71 -5.48 11.98
C TYR B 197 30.44 -5.36 11.16
N ALA B 198 29.34 -5.00 11.79
CA ALA B 198 28.04 -4.81 11.13
C ALA B 198 27.73 -3.36 11.42
N LEU B 199 27.52 -2.65 10.32
CA LEU B 199 27.09 -1.25 10.37
C LEU B 199 25.66 -1.17 9.83
N VAL B 200 24.74 -0.83 10.68
CA VAL B 200 23.36 -1.05 10.38
C VAL B 200 22.78 0.34 9.96
N ASP B 201 22.30 0.46 8.73
CA ASP B 201 21.96 1.78 8.23
C ASP B 201 20.74 2.46 8.76
N GLU B 202 19.76 1.70 9.22
CA GLU B 202 18.62 2.31 9.92
C GLU B 202 18.13 1.37 11.01
N VAL B 203 18.55 1.69 12.21
CA VAL B 203 18.40 0.75 13.31
C VAL B 203 17.01 0.62 13.90
N ASP B 204 16.17 1.64 13.75
CA ASP B 204 14.76 1.59 14.24
C ASP B 204 14.03 0.42 13.64
N SER B 205 14.08 0.25 12.33
CA SER B 205 13.46 -0.90 11.76
C SER B 205 14.29 -2.15 11.91
N ILE B 206 15.57 -2.09 11.60
CA ILE B 206 16.35 -3.31 11.53
C ILE B 206 16.57 -3.95 12.94
N LEU B 207 16.79 -3.09 13.95
CA LEU B 207 17.17 -3.59 15.25
C LEU B 207 16.09 -3.62 16.22
N ILE B 208 15.12 -2.71 16.12
CA ILE B 208 14.02 -2.72 17.10
C ILE B 208 12.82 -3.44 16.52
N ASP B 209 12.27 -2.95 15.41
CA ASP B 209 10.93 -3.39 15.01
C ASP B 209 11.08 -4.87 14.71
N GLU B 210 12.20 -5.23 14.13
CA GLU B 210 12.38 -6.59 13.67
C GLU B 210 13.29 -7.45 14.55
N ALA B 211 13.67 -6.97 15.74
CA ALA B 211 14.49 -7.75 16.71
C ALA B 211 14.13 -9.22 16.82
N ARG B 212 12.85 -9.48 16.96
CA ARG B 212 12.38 -10.81 17.27
C ARG B 212 11.94 -11.58 16.05
N THR B 213 12.06 -11.02 14.88
CA THR B 213 11.67 -11.72 13.65
C THR B 213 12.55 -12.93 13.36
N PRO B 214 11.96 -14.15 13.32
CA PRO B 214 12.78 -15.29 13.07
C PRO B 214 13.14 -15.38 11.61
N LEU B 215 14.41 -15.64 11.32
CA LEU B 215 14.78 -16.13 10.03
C LEU B 215 14.79 -17.63 10.08
N ILE B 216 14.14 -18.28 9.14
CA ILE B 216 13.94 -19.71 9.22
C ILE B 216 14.27 -20.33 7.88
N ILE B 217 15.11 -21.37 7.89
CA ILE B 217 15.28 -22.28 6.75
C ILE B 217 14.47 -23.53 7.06
N SER B 218 13.60 -23.93 6.11
CA SER B 218 12.78 -25.12 6.24
C SER B 218 13.12 -26.02 5.12
N GLY B 219 12.82 -27.28 5.28
CA GLY B 219 13.26 -28.24 4.33
C GLY B 219 12.48 -29.49 4.50
N PRO B 220 12.34 -30.22 3.41
CA PRO B 220 11.45 -31.37 3.50
C PRO B 220 12.10 -32.22 4.57
N ALA B 221 13.43 -32.31 4.44
CA ALA B 221 14.43 -32.75 5.42
C ALA B 221 13.97 -33.15 6.83
N GLU B 222 12.85 -33.89 6.83
CA GLU B 222 12.47 -34.92 7.81
C GLU B 222 13.16 -36.21 7.39
N ASP B 223 12.89 -37.30 8.11
CA ASP B 223 13.35 -38.62 7.72
C ASP B 223 12.17 -39.51 7.32
N SER B 224 11.19 -39.66 8.22
CA SER B 224 10.13 -40.66 8.09
C SER B 224 8.74 -40.06 8.33
N VAL B 272 -7.73 -39.06 32.88
CA VAL B 272 -8.55 -40.25 32.59
C VAL B 272 -8.12 -40.80 31.25
N LEU B 273 -8.34 -39.98 30.22
CA LEU B 273 -8.09 -40.33 28.81
C LEU B 273 -6.63 -40.76 28.58
N ILE B 274 -5.73 -40.10 29.29
CA ILE B 274 -4.31 -40.47 29.35
C ILE B 274 -4.00 -41.97 29.48
N GLU B 275 -4.79 -42.70 30.30
CA GLU B 275 -4.47 -44.08 30.71
C GLU B 275 -4.41 -45.10 29.57
N GLU B 276 -5.51 -45.29 28.84
CA GLU B 276 -5.53 -46.34 27.81
C GLU B 276 -4.70 -45.92 26.61
N LEU B 277 -4.67 -44.61 26.35
CA LEU B 277 -3.70 -44.03 25.42
C LEU B 277 -2.30 -44.40 25.87
N LEU B 278 -1.98 -44.06 27.12
CA LEU B 278 -0.66 -44.32 27.66
C LEU B 278 -0.31 -45.82 27.41
N VAL B 279 -1.16 -46.73 27.90
CA VAL B 279 -0.84 -48.16 27.89
C VAL B 279 -0.58 -48.67 26.46
N LYS B 280 0.60 -49.29 26.30
CA LYS B 280 0.98 -50.14 25.17
C LYS B 280 1.83 -49.48 24.06
N GLU B 281 2.44 -50.40 23.28
CA GLU B 281 3.17 -50.16 22.01
C GLU B 281 4.72 -50.25 22.11
N GLY B 282 5.38 -50.21 20.95
CA GLY B 282 6.85 -50.37 20.86
C GLY B 282 7.69 -49.21 21.36
N ILE B 283 7.17 -47.98 21.22
CA ILE B 283 7.76 -46.81 21.89
C ILE B 283 6.67 -46.35 22.86
N MET B 284 7.10 -46.02 24.09
CA MET B 284 6.22 -45.92 25.29
C MET B 284 5.51 -47.25 25.73
N ASP B 285 5.82 -47.67 26.97
CA ASP B 285 5.42 -48.97 27.49
C ASP B 285 5.96 -49.30 28.91
N GLU B 286 7.01 -48.61 29.37
CA GLU B 286 7.51 -48.75 30.75
C GLU B 286 6.49 -48.34 31.81
N GLY B 287 5.66 -47.36 31.48
CA GLY B 287 4.88 -46.61 32.47
C GLY B 287 5.57 -45.26 32.61
N GLU B 288 5.63 -44.54 31.49
CA GLU B 288 6.39 -43.31 31.38
C GLU B 288 5.47 -42.22 30.83
N SER B 289 5.40 -41.09 31.52
CA SER B 289 4.40 -40.03 31.24
C SER B 289 4.31 -39.59 29.76
N LEU B 290 3.16 -39.76 29.09
CA LEU B 290 2.99 -39.21 27.74
C LEU B 290 3.26 -37.70 27.64
N TYR B 291 3.06 -36.94 28.71
CA TYR B 291 3.43 -35.53 28.60
C TYR B 291 4.56 -35.15 29.50
N SER B 292 5.66 -35.90 29.40
CA SER B 292 6.94 -35.36 29.79
C SER B 292 7.40 -34.45 28.66
N PRO B 293 8.25 -33.47 28.99
CA PRO B 293 8.91 -32.76 27.89
C PRO B 293 9.50 -33.82 26.94
N ALA B 294 10.23 -34.78 27.51
CA ALA B 294 10.79 -35.91 26.78
C ALA B 294 9.93 -36.36 25.62
N ASN B 295 8.64 -36.61 25.88
CA ASN B 295 7.71 -37.32 24.92
C ASN B 295 6.80 -36.42 24.10
N ILE B 296 7.25 -35.20 23.90
CA ILE B 296 6.46 -34.13 23.35
C ILE B 296 6.10 -34.39 21.90
N MET B 297 7.03 -34.89 21.10
CA MET B 297 6.72 -35.16 19.69
C MET B 297 5.63 -36.25 19.58
N LEU B 298 5.76 -37.29 20.40
CA LEU B 298 4.76 -38.36 20.59
C LEU B 298 3.32 -37.86 20.89
N MET B 299 3.21 -37.03 21.93
CA MET B 299 1.99 -36.39 22.36
C MET B 299 1.43 -35.46 21.33
N HIS B 300 2.34 -34.92 20.51
CA HIS B 300 1.93 -34.05 19.44
C HIS B 300 1.31 -34.94 18.39
N HIS B 301 1.82 -36.16 18.28
CA HIS B 301 1.24 -37.15 17.36
C HIS B 301 -0.21 -37.54 17.70
N VAL B 302 -0.46 -37.81 18.98
CA VAL B 302 -1.80 -38.15 19.45
C VAL B 302 -2.70 -36.89 19.39
N THR B 303 -2.19 -35.73 19.82
CA THR B 303 -2.80 -34.43 19.51
C THR B 303 -3.29 -34.40 18.05
N ALA B 304 -2.55 -35.08 17.17
CA ALA B 304 -2.84 -35.07 15.73
C ALA B 304 -3.93 -36.09 15.31
N ALA B 305 -3.94 -37.27 15.93
CA ALA B 305 -4.94 -38.32 15.63
C ALA B 305 -6.24 -38.02 16.35
N GLN B 358 2.32 -37.63 2.47
CA GLN B 358 3.40 -37.04 1.65
C GLN B 358 4.76 -37.20 2.37
N ASN B 359 5.13 -36.24 3.24
CA ASN B 359 6.43 -36.24 3.93
C ASN B 359 6.68 -35.04 4.92
N GLU B 360 6.25 -33.84 4.51
CA GLU B 360 6.19 -32.63 5.39
C GLU B 360 7.54 -31.93 5.71
N ASN B 361 7.43 -30.61 5.89
CA ASN B 361 8.60 -29.77 5.93
C ASN B 361 8.86 -29.37 7.39
N GLN B 362 10.12 -29.16 7.79
CA GLN B 362 10.39 -28.65 9.14
C GLN B 362 11.48 -27.61 9.09
N THR B 363 11.60 -26.87 10.18
CA THR B 363 12.69 -25.97 10.40
C THR B 363 13.99 -26.75 10.49
N LEU B 364 14.96 -26.32 9.70
CA LEU B 364 16.28 -26.90 9.67
C LEU B 364 17.24 -25.96 10.44
N ALA B 365 16.87 -24.71 10.58
CA ALA B 365 17.72 -23.73 11.18
C ALA B 365 16.93 -22.42 11.44
N SER B 366 17.20 -21.73 12.52
CA SER B 366 16.51 -20.49 12.82
C SER B 366 17.39 -19.61 13.66
N ILE B 367 17.21 -18.32 13.52
CA ILE B 367 17.83 -17.34 14.34
C ILE B 367 17.01 -16.05 14.27
N THR B 368 16.90 -15.29 15.34
CA THR B 368 16.26 -13.96 15.22
C THR B 368 17.29 -12.93 14.85
N PHE B 369 16.85 -11.78 14.31
CA PHE B 369 17.80 -10.72 14.00
C PHE B 369 18.59 -10.25 15.16
N GLN B 370 17.93 -10.14 16.30
CA GLN B 370 18.62 -9.62 17.43
C GLN B 370 19.83 -10.51 17.81
N ASN B 371 19.58 -11.84 17.84
CA ASN B 371 20.67 -12.81 18.11
C ASN B 371 21.68 -12.96 16.99
N TYR B 372 21.30 -12.78 15.74
CA TYR B 372 22.28 -12.62 14.72
C TYR B 372 23.29 -11.46 14.90
N PHE B 373 22.75 -10.30 15.07
CA PHE B 373 23.59 -9.17 15.25
C PHE B 373 24.46 -9.20 16.50
N ARG B 374 24.09 -9.98 17.51
CA ARG B 374 24.91 -10.06 18.70
C ARG B 374 26.08 -10.96 18.48
N LEU B 375 26.21 -11.58 17.33
CA LEU B 375 27.32 -12.44 17.05
C LEU B 375 28.51 -11.65 16.60
N TYR B 376 28.26 -10.42 16.13
CA TYR B 376 29.36 -9.62 15.55
C TYR B 376 30.29 -9.23 16.61
N GLU B 377 31.60 -9.20 16.30
CA GLU B 377 32.52 -8.59 17.22
C GLU B 377 32.25 -7.06 17.50
N LYS B 378 31.97 -6.24 16.44
CA LYS B 378 31.61 -4.83 16.55
C LYS B 378 30.29 -4.60 15.90
N LEU B 379 29.42 -3.77 16.50
CA LEU B 379 28.14 -3.48 15.97
C LEU B 379 27.95 -2.01 16.13
N ALA B 380 27.46 -1.37 15.07
CA ALA B 380 27.05 0.03 15.23
C ALA B 380 25.89 0.32 14.29
N GLY B 381 25.26 1.47 14.41
CA GLY B 381 24.26 1.77 13.39
C GLY B 381 23.81 3.24 13.47
N MET B 382 22.97 3.59 12.53
CA MET B 382 22.45 5.00 12.37
C MET B 382 20.97 5.05 12.41
N THR B 383 20.43 6.20 12.86
CA THR B 383 19.00 6.51 12.76
C THR B 383 18.84 8.05 12.86
N GLY B 384 17.71 8.65 12.41
CA GLY B 384 17.36 10.09 12.77
C GLY B 384 16.79 10.32 14.18
N THR B 385 16.80 11.59 14.64
CA THR B 385 16.60 12.19 16.08
C THR B 385 15.21 11.76 16.79
N ALA B 386 14.39 11.07 15.99
CA ALA B 386 13.48 10.05 16.49
C ALA B 386 13.60 9.55 18.06
N ASP B 387 14.83 9.65 18.67
CA ASP B 387 15.31 8.69 19.75
C ASP B 387 14.15 7.92 20.43
N THR B 388 13.97 8.18 21.76
CA THR B 388 12.97 7.55 22.59
C THR B 388 13.29 6.08 22.88
N GLU B 389 14.14 5.48 22.05
CA GLU B 389 14.43 4.04 22.15
C GLU B 389 15.83 3.76 22.60
N ALA B 390 16.53 4.77 23.14
CA ALA B 390 17.89 4.58 23.55
C ALA B 390 18.03 3.48 24.61
N PHE B 391 17.11 3.50 25.57
CA PHE B 391 17.12 2.49 26.64
C PHE B 391 16.99 1.07 26.10
N GLU B 392 16.30 0.85 24.97
CA GLU B 392 16.09 -0.43 24.42
C GLU B 392 17.33 -0.87 23.64
N PHE B 393 17.95 0.06 22.92
CA PHE B 393 19.22 -0.30 22.26
C PHE B 393 20.25 -0.75 23.23
N SER B 394 20.36 -0.06 24.33
CA SER B 394 21.31 -0.36 25.24
C SER B 394 21.05 -1.74 25.94
N SER B 395 19.79 -1.93 26.30
CA SER B 395 19.31 -3.13 26.93
C SER B 395 19.35 -4.32 26.01
N ILE B 396 18.98 -4.21 24.75
CA ILE B 396 18.98 -5.40 23.97
C ILE B 396 20.44 -5.71 23.37
N TYR B 397 21.17 -4.63 22.97
CA TYR B 397 22.37 -4.81 22.19
C TYR B 397 23.54 -4.30 22.77
N LYS B 398 23.41 -3.61 23.90
CA LYS B 398 24.51 -2.81 24.48
C LYS B 398 25.09 -1.78 23.47
N LEU B 399 24.19 -1.17 22.74
CA LEU B 399 24.53 0.03 21.98
C LEU B 399 24.25 1.28 22.78
N ASP B 400 25.26 2.12 22.95
CA ASP B 400 25.10 3.48 23.38
C ASP B 400 24.59 4.30 22.19
N THR B 401 23.90 5.38 22.45
CA THR B 401 23.23 6.20 21.46
C THR B 401 23.87 7.58 21.69
N VAL B 402 24.52 8.13 20.65
CA VAL B 402 25.10 9.50 20.75
C VAL B 402 24.26 10.39 19.78
N VAL B 403 23.76 11.50 20.25
CA VAL B 403 23.01 12.41 19.45
C VAL B 403 24.05 13.34 18.77
N VAL B 404 24.17 13.25 17.47
CA VAL B 404 25.19 14.04 16.73
C VAL B 404 24.59 15.44 16.38
N PRO B 405 25.30 16.55 16.66
CA PRO B 405 24.78 17.85 16.28
C PRO B 405 24.57 17.96 14.81
N THR B 406 23.65 18.83 14.42
CA THR B 406 23.37 19.10 13.03
C THR B 406 24.46 20.03 12.47
N ASN B 407 24.67 19.95 11.17
CA ASN B 407 25.70 20.73 10.50
C ASN B 407 25.39 22.21 10.67
N ARG B 408 24.13 22.60 10.44
CA ARG B 408 23.72 24.02 10.64
C ARG B 408 22.82 24.03 11.88
N PRO B 409 22.77 25.17 12.59
CA PRO B 409 21.90 25.11 13.78
C PRO B 409 20.43 24.69 13.51
N MET B 410 19.88 23.83 14.36
CA MET B 410 18.54 23.28 14.14
C MET B 410 17.62 24.25 14.89
N ILE B 411 16.82 24.96 14.12
CA ILE B 411 16.08 26.07 14.68
C ILE B 411 14.59 25.87 14.57
N ARG B 412 14.12 24.66 14.17
CA ARG B 412 12.70 24.37 14.19
C ARG B 412 12.09 24.63 15.60
N LYS B 413 10.95 25.34 15.63
CA LYS B 413 10.27 25.72 16.87
C LYS B 413 9.11 24.78 17.18
N ASP B 414 9.34 23.96 18.18
CA ASP B 414 8.45 22.89 18.46
C ASP B 414 7.58 23.39 19.59
N LEU B 415 6.41 23.81 19.24
CA LEU B 415 5.50 24.53 20.13
C LEU B 415 4.79 23.62 21.08
N PRO B 416 4.25 24.18 22.20
CA PRO B 416 3.44 23.41 23.16
C PRO B 416 2.26 22.70 22.57
N ASP B 417 2.08 21.45 22.97
CA ASP B 417 0.87 20.71 22.63
C ASP B 417 -0.31 21.45 23.10
N LEU B 418 -1.39 21.45 22.29
CA LEU B 418 -2.67 22.02 22.65
C LEU B 418 -3.77 20.99 22.80
N VAL B 419 -4.58 21.12 23.84
CA VAL B 419 -5.60 20.13 24.15
C VAL B 419 -6.93 20.79 24.18
N TYR B 420 -7.91 20.12 23.57
CA TYR B 420 -9.27 20.64 23.41
C TYR B 420 -10.20 19.60 23.99
N MET B 421 -11.38 20.01 24.37
CA MET B 421 -12.34 19.05 24.91
C MET B 421 -12.82 18.04 23.87
N THR B 422 -13.34 18.57 22.78
CA THR B 422 -13.87 17.75 21.71
C THR B 422 -12.99 17.73 20.51
N GLU B 423 -13.02 16.65 19.74
CA GLU B 423 -12.44 16.60 18.39
C GLU B 423 -12.87 17.76 17.50
N ALA B 424 -14.16 18.07 17.45
CA ALA B 424 -14.66 19.21 16.69
C ALA B 424 -14.00 20.52 17.12
N GLU B 425 -13.63 20.62 18.38
CA GLU B 425 -12.99 21.85 18.82
C GLU B 425 -11.56 21.87 18.34
N LYS B 426 -10.88 20.76 18.48
CA LYS B 426 -9.53 20.55 17.94
C LYS B 426 -9.43 20.89 16.44
N ILE B 427 -10.31 20.27 15.62
CA ILE B 427 -10.35 20.50 14.18
C ILE B 427 -10.55 21.99 13.95
N GLN B 428 -11.51 22.63 14.58
CA GLN B 428 -11.64 24.04 14.32
C GLN B 428 -10.36 24.86 14.61
N ALA B 429 -9.55 24.41 15.59
CA ALA B 429 -8.39 25.18 16.00
C ALA B 429 -7.32 24.98 14.96
N ILE B 430 -7.23 23.73 14.47
CA ILE B 430 -6.32 23.36 13.40
C ILE B 430 -6.61 24.19 12.13
N ILE B 431 -7.89 24.49 11.83
CA ILE B 431 -8.28 25.21 10.61
C ILE B 431 -7.89 26.69 10.75
N GLU B 432 -8.18 27.26 11.92
CA GLU B 432 -7.78 28.65 12.19
C GLU B 432 -6.30 28.93 12.10
N ASP B 433 -5.52 28.01 12.57
CA ASP B 433 -4.12 28.18 12.50
C ASP B 433 -3.54 28.05 11.10
N ILE B 434 -3.96 27.01 10.40
CA ILE B 434 -3.72 26.91 8.97
C ILE B 434 -4.16 28.19 8.23
N LYS B 435 -5.34 28.75 8.54
CA LYS B 435 -5.79 30.00 7.95
C LYS B 435 -4.83 31.16 8.27
N GLU B 436 -4.37 31.25 9.50
CA GLU B 436 -3.53 32.37 9.86
C GLU B 436 -2.18 32.25 9.20
N ARG B 437 -1.60 31.06 9.25
CA ARG B 437 -0.30 30.87 8.65
C ARG B 437 -0.23 31.00 7.12
N THR B 438 -1.19 30.44 6.42
CA THR B 438 -1.26 30.52 4.92
C THR B 438 -1.48 31.93 4.46
N ALA B 439 -2.21 32.73 5.22
CA ALA B 439 -2.30 34.15 4.94
C ALA B 439 -0.94 34.91 5.11
N LYS B 440 0.00 34.38 5.86
CA LYS B 440 1.29 35.03 5.97
C LYS B 440 2.28 34.43 4.97
N GLY B 441 1.78 33.50 4.15
CA GLY B 441 2.55 32.89 3.08
C GLY B 441 3.29 31.61 3.47
N GLN B 442 2.99 31.07 4.66
CA GLN B 442 3.78 29.98 5.20
C GLN B 442 3.08 28.71 4.77
N PRO B 443 3.84 27.72 4.29
CA PRO B 443 3.22 26.45 3.94
C PRO B 443 3.06 25.54 5.15
N VAL B 444 2.07 24.62 5.05
CA VAL B 444 1.72 23.73 6.17
C VAL B 444 1.60 22.31 5.72
N LEU B 445 2.17 21.40 6.49
CA LEU B 445 1.98 20.00 6.36
C LEU B 445 1.17 19.49 7.60
N VAL B 446 0.00 18.90 7.33
CA VAL B 446 -0.89 18.32 8.32
C VAL B 446 -0.74 16.82 8.31
N GLY B 447 -0.27 16.21 9.41
CA GLY B 447 -0.18 14.75 9.48
C GLY B 447 -1.35 14.16 10.24
N THR B 448 -2.00 13.12 9.69
CA THR B 448 -3.15 12.50 10.39
C THR B 448 -2.91 11.03 10.70
N ILE B 449 -3.82 10.46 11.47
CA ILE B 449 -3.66 9.05 11.84
C ILE B 449 -4.59 8.16 11.00
N SER B 450 -5.52 8.76 10.23
CA SER B 450 -6.40 7.96 9.39
C SER B 450 -6.85 8.72 8.15
N ILE B 451 -7.17 7.95 7.09
CA ILE B 451 -7.79 8.45 5.84
C ILE B 451 -9.03 9.18 6.17
N GLU B 452 -9.78 8.60 7.09
CA GLU B 452 -11.01 9.20 7.54
C GLU B 452 -10.72 10.55 8.24
N LYS B 453 -9.72 10.59 9.12
CA LYS B 453 -9.20 11.88 9.66
C LYS B 453 -8.76 12.94 8.60
N SER B 454 -8.05 12.50 7.57
CA SER B 454 -7.68 13.37 6.41
C SER B 454 -8.86 13.96 5.72
N GLU B 455 -9.81 13.08 5.39
CA GLU B 455 -11.01 13.56 4.74
C GLU B 455 -11.74 14.54 5.63
N LEU B 456 -11.68 14.36 6.95
CA LEU B 456 -12.42 15.32 7.80
C LEU B 456 -11.77 16.71 7.77
N VAL B 457 -10.48 16.75 8.02
CA VAL B 457 -9.71 18.02 8.05
C VAL B 457 -9.79 18.72 6.67
N SER B 458 -9.62 17.93 5.63
CA SER B 458 -9.78 18.39 4.24
C SER B 458 -11.12 18.95 3.94
N ASN B 459 -12.19 18.23 4.28
CA ASN B 459 -13.48 18.81 4.01
C ASN B 459 -13.65 20.10 4.78
N GLU B 460 -13.20 20.09 6.02
CA GLU B 460 -13.27 21.35 6.85
C GLU B 460 -12.50 22.61 6.30
N LEU B 461 -11.35 22.33 5.68
CA LEU B 461 -10.53 23.32 4.99
C LEU B 461 -11.18 23.77 3.77
N THR B 462 -11.87 22.86 3.09
CA THR B 462 -12.71 23.31 1.97
C THR B 462 -13.88 24.13 2.48
N LYS B 463 -14.51 23.74 3.59
CA LYS B 463 -15.64 24.59 4.10
C LYS B 463 -15.07 25.97 4.39
N ALA B 464 -13.79 26.03 4.83
CA ALA B 464 -13.13 27.35 5.09
C ALA B 464 -12.49 28.06 3.87
N GLY B 465 -12.65 27.51 2.68
CA GLY B 465 -12.10 28.09 1.48
C GLY B 465 -10.60 27.98 1.38
N ILE B 466 -10.02 27.02 2.05
CA ILE B 466 -8.61 26.84 2.04
C ILE B 466 -8.18 25.71 1.12
N LYS B 467 -7.45 26.15 0.09
CA LYS B 467 -6.88 25.26 -0.92
C LYS B 467 -5.84 24.39 -0.37
N HIS B 468 -5.87 23.14 -0.77
CA HIS B 468 -4.96 22.20 -0.22
C HIS B 468 -4.95 21.02 -1.09
N ASN B 469 -4.13 20.05 -0.76
CA ASN B 469 -4.17 18.76 -1.40
C ASN B 469 -4.02 17.68 -0.31
N VAL B 470 -4.75 16.60 -0.44
CA VAL B 470 -4.57 15.43 0.41
C VAL B 470 -3.60 14.55 -0.31
N LEU B 471 -2.70 13.93 0.38
CA LEU B 471 -1.94 12.87 -0.19
C LEU B 471 -2.80 11.60 -0.19
N ASN B 472 -3.29 11.22 -1.36
CA ASN B 472 -4.09 10.04 -1.49
C ASN B 472 -3.29 8.76 -1.93
N ALA B 473 -3.12 7.82 -0.98
CA ALA B 473 -2.42 6.51 -1.18
C ALA B 473 -2.69 5.77 -2.48
N LYS B 474 -3.88 5.97 -3.06
CA LYS B 474 -4.29 5.42 -4.36
C LYS B 474 -3.63 6.07 -5.58
N PHE B 475 -3.00 7.22 -5.40
CA PHE B 475 -2.61 8.09 -6.54
C PHE B 475 -1.22 8.60 -6.27
N HIS B 476 -0.29 7.71 -6.49
CA HIS B 476 1.05 7.92 -6.07
C HIS B 476 1.71 8.98 -6.92
N ALA B 477 1.40 9.03 -8.22
CA ALA B 477 2.01 10.02 -9.09
C ALA B 477 1.53 11.42 -8.71
N ASN B 478 0.28 11.48 -8.21
CA ASN B 478 -0.26 12.74 -7.69
C ASN B 478 0.45 13.14 -6.45
N GLU B 479 0.68 12.16 -5.58
CA GLU B 479 1.36 12.38 -4.30
C GLU B 479 2.78 12.99 -4.47
N ALA B 480 3.56 12.46 -5.41
CA ALA B 480 4.89 13.02 -5.70
C ALA B 480 4.86 14.45 -6.33
N ALA B 481 3.88 14.72 -7.20
CA ALA B 481 3.65 16.08 -7.67
C ALA B 481 3.26 17.01 -6.49
N ILE B 482 2.48 16.49 -5.55
CA ILE B 482 2.08 17.25 -4.37
C ILE B 482 3.27 17.65 -3.48
N VAL B 483 4.11 16.68 -3.16
CA VAL B 483 5.24 16.85 -2.29
C VAL B 483 6.22 17.85 -2.85
N ALA B 484 6.38 17.82 -4.15
CA ALA B 484 7.17 18.79 -4.85
C ALA B 484 6.77 20.24 -4.51
N GLN B 485 5.49 20.59 -4.59
CA GLN B 485 5.09 21.96 -4.34
C GLN B 485 4.67 22.26 -2.90
N ALA B 486 5.01 21.40 -1.97
CA ALA B 486 4.50 21.44 -0.55
C ALA B 486 5.15 22.44 0.31
N GLY B 487 6.34 22.88 -0.13
CA GLY B 487 7.07 23.93 0.51
C GLY B 487 6.86 25.25 -0.20
N TYR B 488 6.03 25.23 -1.24
CA TYR B 488 5.60 26.44 -1.90
C TYR B 488 4.77 27.40 -1.02
N PRO B 489 4.91 28.73 -1.23
CA PRO B 489 4.14 29.61 -0.36
C PRO B 489 2.63 29.28 -0.20
N ALA B 490 2.20 29.18 1.06
CA ALA B 490 0.80 29.03 1.51
C ALA B 490 0.24 27.69 1.06
N ALA B 491 1.11 26.82 0.61
CA ALA B 491 0.76 25.45 0.34
C ALA B 491 0.27 24.70 1.60
N VAL B 492 -0.77 23.86 1.43
CA VAL B 492 -1.31 23.04 2.50
C VAL B 492 -1.49 21.62 2.03
N THR B 493 -0.89 20.70 2.75
CA THR B 493 -0.84 19.31 2.42
C THR B 493 -1.24 18.47 3.62
N ILE B 494 -2.12 17.50 3.37
CA ILE B 494 -2.59 16.63 4.41
C ILE B 494 -2.05 15.24 4.14
N ALA B 495 -1.31 14.68 5.09
CA ALA B 495 -0.76 13.35 4.94
C ALA B 495 -1.26 12.41 6.05
N THR B 496 -1.45 11.14 5.69
CA THR B 496 -2.11 10.18 6.54
C THR B 496 -1.03 9.25 6.94
N ASN B 497 -0.86 9.08 8.26
CA ASN B 497 0.19 8.20 8.80
C ASN B 497 1.41 8.19 7.93
N MET B 498 1.94 9.38 7.77
CA MET B 498 3.25 9.55 7.17
C MET B 498 4.33 8.62 7.78
N ALA B 499 5.20 8.06 6.90
CA ALA B 499 6.36 7.21 7.30
C ALA B 499 7.45 7.90 8.17
N GLY B 500 8.66 7.33 8.17
CA GLY B 500 9.85 8.06 8.60
C GLY B 500 10.65 8.58 7.41
N ARG B 501 11.71 9.35 7.70
CA ARG B 501 12.35 10.25 6.71
C ARG B 501 11.34 10.90 5.70
N GLY B 502 10.95 10.13 4.65
CA GLY B 502 10.25 10.68 3.44
C GLY B 502 11.03 11.77 2.70
N THR B 503 10.48 12.20 1.55
CA THR B 503 11.16 13.12 0.62
C THR B 503 11.24 14.54 1.17
N ASP B 504 12.46 15.13 1.26
CA ASP B 504 12.65 16.52 1.68
C ASP B 504 11.54 17.35 0.89
N ILE B 505 10.90 18.24 1.64
CA ILE B 505 10.06 19.28 1.12
C ILE B 505 10.97 20.47 1.02
N VAL B 506 11.27 20.92 -0.19
CA VAL B 506 12.08 22.11 -0.38
C VAL B 506 11.27 23.38 -0.26
N LEU B 507 11.71 24.26 0.61
CA LEU B 507 11.07 25.56 0.78
C LEU B 507 11.16 26.46 -0.41
N GLY B 508 10.03 27.10 -0.72
CA GLY B 508 9.88 27.80 -1.97
C GLY B 508 9.51 26.89 -3.13
N GLY B 509 9.75 25.59 -3.00
CA GLY B 509 9.54 24.62 -4.05
C GLY B 509 10.89 24.10 -4.44
N SER B 510 10.91 23.03 -5.24
CA SER B 510 12.15 22.54 -5.85
C SER B 510 12.35 23.25 -7.21
N TRP B 511 13.49 23.94 -7.37
CA TRP B 511 13.83 24.62 -8.65
C TRP B 511 14.51 23.54 -9.47
N GLN B 512 13.92 22.33 -9.33
CA GLN B 512 14.39 21.05 -9.90
C GLN B 512 13.22 20.56 -10.73
N ALA B 513 12.19 20.06 -10.03
CA ALA B 513 10.90 19.70 -10.63
C ALA B 513 10.38 20.68 -11.71
N GLU B 514 10.73 21.97 -11.64
CA GLU B 514 10.31 22.95 -12.65
C GLU B 514 11.09 22.79 -13.95
N VAL B 515 12.42 22.74 -13.86
CA VAL B 515 13.23 22.41 -15.04
C VAL B 515 13.10 20.89 -15.39
N ALA B 516 12.91 20.03 -14.41
CA ALA B 516 12.67 18.60 -14.68
C ALA B 516 11.41 18.33 -15.54
N ALA B 517 10.68 19.39 -15.89
CA ALA B 517 9.59 19.27 -16.85
C ALA B 517 9.81 20.15 -18.10
N LEU B 518 11.01 20.72 -18.23
CA LEU B 518 11.35 21.65 -19.33
C LEU B 518 12.38 21.11 -20.34
N GLU B 519 11.91 20.81 -21.56
CA GLU B 519 12.66 19.89 -22.43
C GLU B 519 13.72 20.59 -23.25
N ASN B 520 13.87 21.90 -23.09
CA ASN B 520 15.01 22.60 -23.69
C ASN B 520 15.35 23.97 -23.07
N PRO B 521 16.06 23.95 -21.91
CA PRO B 521 16.38 25.16 -21.18
C PRO B 521 17.52 25.98 -21.78
N THR B 522 17.69 27.18 -21.25
CA THR B 522 18.89 27.95 -21.50
C THR B 522 19.37 28.67 -20.22
N ALA B 523 20.38 29.53 -20.39
CA ALA B 523 20.95 30.31 -19.29
C ALA B 523 19.85 31.21 -18.77
N GLU B 524 19.28 31.97 -19.69
CA GLU B 524 18.18 32.87 -19.38
C GLU B 524 17.13 32.13 -18.54
N GLN B 525 16.72 30.95 -18.99
CA GLN B 525 15.54 30.25 -18.47
C GLN B 525 15.74 29.80 -17.02
N ILE B 526 16.70 28.91 -16.82
CA ILE B 526 17.03 28.40 -15.50
C ILE B 526 17.34 29.56 -14.56
N GLU B 527 18.27 30.41 -14.97
CA GLU B 527 18.60 31.62 -14.24
C GLU B 527 17.33 32.33 -13.75
N LYS B 528 16.38 32.57 -14.67
CA LYS B 528 15.03 33.06 -14.31
C LYS B 528 14.36 32.16 -13.25
N ILE B 529 14.31 30.86 -13.52
CA ILE B 529 13.62 29.92 -12.65
C ILE B 529 14.15 29.97 -11.21
N LYS B 530 15.47 29.98 -11.14
CA LYS B 530 16.29 29.98 -9.92
C LYS B 530 16.16 31.30 -9.17
N ALA B 531 16.11 32.40 -9.92
CA ALA B 531 16.02 33.70 -9.32
C ALA B 531 14.64 33.84 -8.69
N ASP B 532 13.62 33.39 -9.42
CA ASP B 532 12.23 33.48 -8.96
C ASP B 532 12.02 32.54 -7.76
N TRP B 533 12.74 31.44 -7.78
CA TRP B 533 12.72 30.49 -6.71
C TRP B 533 13.38 31.05 -5.45
N GLN B 534 14.48 31.81 -5.61
CA GLN B 534 15.13 32.41 -4.44
C GLN B 534 14.19 33.38 -3.72
N VAL B 535 13.39 34.11 -4.46
CA VAL B 535 12.48 35.06 -3.83
C VAL B 535 11.41 34.24 -3.06
N ARG B 536 10.90 33.17 -3.65
CA ARG B 536 9.89 32.33 -2.94
C ARG B 536 10.47 31.70 -1.72
N HIS B 537 11.63 31.09 -1.89
CA HIS B 537 12.38 30.47 -0.82
C HIS B 537 12.67 31.39 0.34
N ASP B 538 13.16 32.57 -0.01
CA ASP B 538 13.50 33.55 0.99
C ASP B 538 12.20 34.02 1.68
N ALA B 539 11.12 34.25 0.94
CA ALA B 539 9.79 34.52 1.56
C ALA B 539 9.18 33.41 2.44
N VAL B 540 9.36 32.17 2.06
CA VAL B 540 8.93 31.03 2.94
C VAL B 540 9.72 31.02 4.23
N LEU B 541 11.05 31.20 4.13
CA LEU B 541 11.89 31.26 5.32
C LEU B 541 11.50 32.35 6.24
N GLU B 542 11.31 33.52 5.66
CA GLU B 542 10.85 34.67 6.39
C GLU B 542 9.44 34.49 6.98
N ALA B 543 8.54 33.78 6.30
CA ALA B 543 7.27 33.36 6.92
C ALA B 543 7.33 32.22 7.96
N GLY B 544 8.48 31.66 8.23
CA GLY B 544 8.64 30.68 9.38
C GLY B 544 8.95 29.27 8.93
N GLY B 545 9.19 29.12 7.65
CA GLY B 545 9.44 27.85 7.00
C GLY B 545 8.22 27.00 7.02
N LEU B 546 8.43 25.69 6.93
CA LEU B 546 7.32 24.74 6.97
C LEU B 546 6.77 24.59 8.38
N HIS B 547 5.47 24.77 8.53
CA HIS B 547 4.78 24.44 9.77
C HIS B 547 4.18 23.06 9.73
N ILE B 548 4.56 22.19 10.65
CA ILE B 548 3.93 20.91 10.82
C ILE B 548 2.78 20.88 11.86
N ILE B 549 1.61 20.31 11.46
CA ILE B 549 0.48 20.09 12.35
C ILE B 549 0.28 18.61 12.51
N GLY B 550 0.52 18.09 13.73
CA GLY B 550 0.07 16.74 14.10
C GLY B 550 -1.38 16.89 14.61
N THR B 551 -2.36 16.40 13.88
CA THR B 551 -3.75 16.48 14.31
C THR B 551 -4.11 15.57 15.50
N GLU B 552 -3.31 14.54 15.68
CA GLU B 552 -3.37 13.59 16.84
C GLU B 552 -1.92 13.14 17.10
N ARG B 553 -1.59 12.72 18.30
CA ARG B 553 -0.30 12.09 18.54
C ARG B 553 -0.49 10.61 18.37
N HIS B 554 0.55 9.95 17.90
CA HIS B 554 0.62 8.50 17.89
C HIS B 554 0.99 8.06 19.28
N GLU B 555 0.69 6.81 19.56
CA GLU B 555 1.20 6.19 20.78
C GLU B 555 2.70 6.19 20.76
N SER B 556 3.31 5.91 19.61
CA SER B 556 4.77 5.97 19.54
C SER B 556 5.26 7.40 19.35
N ARG B 557 5.94 7.94 20.35
CA ARG B 557 6.50 9.25 20.16
C ARG B 557 7.51 9.33 19.01
N ARG B 558 8.18 8.21 18.68
CA ARG B 558 9.14 8.14 17.57
C ARG B 558 8.49 8.58 16.25
N ILE B 559 7.23 8.25 16.10
CA ILE B 559 6.49 8.57 14.93
C ILE B 559 6.13 10.05 14.83
N ASP B 560 5.87 10.64 15.97
CA ASP B 560 5.52 12.03 16.08
C ASP B 560 6.81 12.76 15.75
N ASN B 561 7.94 12.24 16.17
CA ASN B 561 9.22 12.89 15.99
C ASN B 561 9.70 12.89 14.57
N GLN B 562 9.37 11.81 13.86
CA GLN B 562 9.46 11.73 12.39
C GLN B 562 8.64 12.73 11.63
N LEU B 563 7.36 12.83 11.90
CA LEU B 563 6.57 13.84 11.33
C LEU B 563 7.18 15.30 11.57
N ARG B 564 7.53 15.64 12.82
CA ARG B 564 8.02 16.98 13.15
C ARG B 564 9.35 17.29 12.45
N GLY B 565 10.11 16.26 12.26
CA GLY B 565 11.41 16.28 11.56
C GLY B 565 11.38 16.57 10.06
N ARG B 566 10.22 16.59 9.46
CA ARG B 566 10.13 16.99 8.07
C ARG B 566 10.31 18.51 7.88
N SER B 567 10.24 19.26 8.98
CA SER B 567 10.44 20.70 9.01
C SER B 567 11.81 21.02 9.64
N GLY B 568 12.38 22.17 9.33
CA GLY B 568 13.55 22.53 10.05
C GLY B 568 14.76 21.82 9.56
N ARG B 569 14.70 21.25 8.37
CA ARG B 569 15.89 20.56 7.79
C ARG B 569 17.03 21.50 7.36
N GLN B 570 18.26 21.02 7.61
CA GLN B 570 19.44 21.72 7.23
C GLN B 570 19.40 23.19 7.51
N GLY B 571 18.99 23.49 8.71
CA GLY B 571 19.05 24.79 9.27
C GLY B 571 17.88 25.68 8.88
N ASP B 572 16.95 25.20 8.08
CA ASP B 572 15.77 25.94 7.73
C ASP B 572 14.90 26.33 8.98
N ALA B 573 14.26 27.52 8.92
CA ALA B 573 13.24 27.93 9.86
C ALA B 573 12.13 26.87 9.72
N GLY B 574 11.41 26.61 10.80
CA GLY B 574 10.27 25.74 10.74
C GLY B 574 9.63 25.73 12.12
N SER B 575 8.48 25.12 12.17
CA SER B 575 7.81 24.83 13.46
C SER B 575 6.93 23.66 13.41
N SER B 576 6.47 23.22 14.58
CA SER B 576 5.54 22.08 14.67
C SER B 576 4.64 22.30 15.84
N ARG B 577 3.42 21.81 15.69
CA ARG B 577 2.51 21.82 16.78
C ARG B 577 1.61 20.60 16.71
N PHE B 578 1.48 19.89 17.83
CA PHE B 578 0.58 18.76 17.94
C PHE B 578 -0.64 19.15 18.70
N TYR B 579 -1.78 18.63 18.21
CA TYR B 579 -3.13 18.91 18.76
C TYR B 579 -3.67 17.67 19.46
N LEU B 580 -4.44 17.81 20.53
CA LEU B 580 -5.06 16.63 21.14
C LEU B 580 -6.41 17.02 21.60
N SER B 581 -7.31 16.08 21.80
CA SER B 581 -8.60 16.35 22.43
C SER B 581 -8.85 15.28 23.45
N MET B 582 -9.80 15.55 24.35
CA MET B 582 -10.23 14.53 25.33
C MET B 582 -10.83 13.24 24.70
N GLU B 583 -11.31 13.33 23.46
CA GLU B 583 -11.89 12.20 22.72
C GLU B 583 -10.85 11.39 21.92
N ASP B 584 -9.54 11.64 22.10
CA ASP B 584 -8.55 11.00 21.25
C ASP B 584 -8.18 9.69 21.88
N ALA B 585 -8.00 8.65 21.05
CA ALA B 585 -7.58 7.34 21.54
C ALA B 585 -6.38 7.46 22.51
N LEU B 586 -5.46 8.38 22.20
CA LEU B 586 -4.31 8.67 23.06
C LEU B 586 -4.67 9.06 24.53
N MET B 587 -5.93 9.34 24.85
CA MET B 587 -6.17 9.64 26.25
C MET B 587 -6.35 8.36 27.05
N ARG B 588 -6.33 7.21 26.37
CA ARG B 588 -6.28 5.86 26.98
C ARG B 588 -4.83 5.31 27.21
N ILE B 589 -3.83 6.15 26.95
CA ILE B 589 -2.47 5.88 27.36
C ILE B 589 -2.29 6.16 28.85
N PHE B 590 -3.07 7.12 29.40
CA PHE B 590 -3.33 7.29 30.86
C PHE B 590 -4.36 6.22 31.22
N ALA B 591 -4.06 5.43 32.24
CA ALA B 591 -4.93 4.33 32.61
C ALA B 591 -6.06 4.76 33.55
N SER B 592 -6.34 6.08 33.62
CA SER B 592 -7.53 6.56 34.34
C SER B 592 -8.50 7.36 33.50
N ASP B 593 -9.74 6.86 33.46
CA ASP B 593 -10.86 7.54 32.86
C ASP B 593 -10.99 8.91 33.51
N ARG B 594 -11.04 8.91 34.85
CA ARG B 594 -11.33 10.11 35.67
C ARG B 594 -10.15 11.12 35.82
N VAL B 595 -8.90 10.61 35.77
CA VAL B 595 -7.69 11.47 35.79
C VAL B 595 -7.68 12.32 34.53
N SER B 596 -7.86 11.65 33.38
CA SER B 596 -8.07 12.35 32.11
C SER B 596 -9.16 13.43 32.14
N GLY B 597 -10.21 13.27 32.93
CA GLY B 597 -11.37 14.17 32.88
C GLY B 597 -11.29 15.45 33.70
N MET B 598 -10.08 15.83 34.15
CA MET B 598 -9.87 17.08 34.92
C MET B 598 -9.47 18.21 33.97
N MET B 599 -8.99 17.82 32.80
CA MET B 599 -8.99 18.69 31.63
C MET B 599 -10.45 19.01 31.38
N ARG B 600 -11.29 18.00 31.55
CA ARG B 600 -12.74 18.20 31.60
C ARG B 600 -13.16 18.78 32.98
N LYS B 601 -12.33 19.69 33.49
CA LYS B 601 -12.68 20.63 34.57
C LYS B 601 -11.91 21.95 34.45
N LEU B 602 -10.70 21.95 33.90
CA LEU B 602 -10.14 23.21 33.31
C LEU B 602 -10.55 23.32 31.82
N GLY B 603 -11.86 23.57 31.61
CA GLY B 603 -12.57 23.32 30.34
C GLY B 603 -12.51 24.34 29.20
N MET B 604 -11.27 24.56 28.72
CA MET B 604 -10.97 25.11 27.38
C MET B 604 -12.12 25.88 26.69
N LYS B 605 -11.89 27.15 26.37
CA LYS B 605 -13.00 28.00 25.92
C LYS B 605 -12.59 28.88 24.73
N PRO B 606 -13.60 29.51 24.03
CA PRO B 606 -13.69 29.71 22.54
C PRO B 606 -12.63 30.60 21.84
N GLY B 607 -12.71 31.92 22.07
CA GLY B 607 -11.63 32.89 21.73
C GLY B 607 -10.77 33.20 22.96
N GLU B 608 -10.13 32.12 23.47
CA GLU B 608 -9.49 32.07 24.79
C GLU B 608 -8.55 30.82 24.91
N ALA B 609 -7.47 30.83 24.11
CA ALA B 609 -6.35 29.88 24.29
C ALA B 609 -5.41 30.37 25.39
N ILE B 610 -4.85 29.41 26.14
CA ILE B 610 -3.82 29.75 27.16
C ILE B 610 -2.45 29.14 26.85
N GLU B 611 -2.37 27.79 26.92
CA GLU B 611 -1.13 27.00 26.87
C GLU B 611 -0.55 26.62 28.25
N HIS B 612 -0.30 25.32 28.50
CA HIS B 612 0.41 24.82 29.70
C HIS B 612 1.60 23.91 29.44
N PRO B 613 2.82 24.36 29.81
CA PRO B 613 3.92 23.44 29.52
C PRO B 613 3.83 22.11 30.28
N TRP B 614 3.14 22.03 31.42
CA TRP B 614 3.13 20.71 32.08
C TRP B 614 2.38 19.67 31.20
N VAL B 615 1.43 20.10 30.38
CA VAL B 615 0.63 19.19 29.57
C VAL B 615 1.50 18.50 28.56
N THR B 616 2.39 19.28 27.95
CA THR B 616 3.28 18.79 26.97
C THR B 616 4.19 17.75 27.59
N LYS B 617 4.73 18.09 28.77
CA LYS B 617 5.58 17.20 29.54
C LYS B 617 4.78 15.97 29.93
N ALA B 618 3.55 16.15 30.41
CA ALA B 618 2.71 15.01 30.84
C ALA B 618 2.38 14.01 29.73
N ILE B 619 2.11 14.51 28.53
CA ILE B 619 1.87 13.65 27.41
C ILE B 619 3.14 12.90 27.00
N ALA B 620 4.30 13.58 26.93
CA ALA B 620 5.54 12.95 26.55
C ALA B 620 5.82 11.83 27.56
N ASN B 621 5.58 12.11 28.82
CA ASN B 621 5.86 11.17 29.86
C ASN B 621 4.90 9.99 29.74
N ALA B 622 3.66 10.20 29.35
CA ALA B 622 2.74 9.08 29.22
C ALA B 622 3.13 8.16 28.06
N GLN B 623 3.57 8.76 26.97
CA GLN B 623 4.03 8.01 25.83
C GLN B 623 5.28 7.19 26.23
N ARG B 624 6.16 7.78 27.02
CA ARG B 624 7.31 7.07 27.57
C ARG B 624 6.93 5.97 28.52
N LYS B 625 5.92 6.13 29.34
CA LYS B 625 5.45 5.04 30.19
C LYS B 625 4.81 3.95 29.32
N VAL B 626 4.21 4.28 28.18
CA VAL B 626 3.67 3.27 27.30
C VAL B 626 4.81 2.48 26.59
N GLU B 627 5.83 3.19 26.12
CA GLU B 627 6.94 2.53 25.45
C GLU B 627 7.56 1.51 26.38
N SER B 628 7.73 1.94 27.61
CA SER B 628 8.46 1.23 28.53
C SER B 628 7.67 0.02 28.99
N ARG B 629 6.35 0.18 29.07
CA ARG B 629 5.47 -0.96 29.37
C ARG B 629 5.48 -1.95 28.22
N ASN B 630 5.48 -1.47 26.99
CA ASN B 630 5.60 -2.40 25.88
C ASN B 630 6.99 -3.17 25.80
N PHE B 631 8.08 -2.45 26.03
CA PHE B 631 9.34 -3.07 26.18
C PHE B 631 9.53 -4.09 27.31
N ASP B 632 8.86 -3.86 28.44
CA ASP B 632 8.82 -4.84 29.52
C ASP B 632 8.19 -6.17 29.06
N ILE B 633 7.16 -6.03 28.26
CA ILE B 633 6.44 -7.20 27.74
C ILE B 633 7.32 -7.94 26.74
N ARG B 634 7.93 -7.20 25.88
CA ARG B 634 8.92 -7.67 24.91
C ARG B 634 10.19 -8.36 25.48
N LYS B 635 10.75 -7.77 26.54
CA LYS B 635 11.88 -8.31 27.26
C LYS B 635 11.55 -9.69 27.81
N GLN B 636 10.34 -9.90 28.29
CA GLN B 636 9.96 -11.23 28.74
C GLN B 636 10.06 -12.18 27.55
N LEU B 637 9.67 -11.72 26.39
CA LEU B 637 9.71 -12.59 25.23
C LEU B 637 11.18 -12.88 24.85
N LEU B 638 12.02 -11.88 25.04
CA LEU B 638 13.41 -12.02 24.65
C LEU B 638 14.07 -12.95 25.64
N GLU B 639 13.58 -13.09 26.84
CA GLU B 639 14.07 -14.12 27.75
C GLU B 639 13.84 -15.49 27.22
N TYR B 640 12.66 -15.75 26.61
CA TYR B 640 12.34 -17.07 26.00
C TYR B 640 13.26 -17.24 24.86
N ASP B 641 13.55 -16.17 24.15
CA ASP B 641 14.46 -16.28 23.03
C ASP B 641 15.91 -16.59 23.49
N ASP B 642 16.28 -16.26 24.71
CA ASP B 642 17.67 -16.32 25.13
C ASP B 642 18.00 -17.82 25.38
N VAL B 643 16.98 -18.58 25.67
CA VAL B 643 17.07 -20.04 25.94
C VAL B 643 17.49 -20.69 24.66
N ALA B 644 16.71 -20.42 23.60
CA ALA B 644 17.05 -20.83 22.26
C ALA B 644 18.35 -20.28 21.77
N ASN B 645 18.68 -19.01 21.99
CA ASN B 645 19.97 -18.50 21.58
C ASN B 645 21.10 -19.28 22.29
N ASP B 646 20.95 -19.51 23.57
CA ASP B 646 22.05 -20.14 24.32
C ASP B 646 22.35 -21.52 23.70
N GLN B 647 21.28 -22.29 23.44
CA GLN B 647 21.38 -23.65 22.94
C GLN B 647 21.89 -23.70 21.54
N ARG B 648 21.44 -22.78 20.72
CA ARG B 648 21.96 -22.68 19.33
C ARG B 648 23.44 -22.26 19.27
N ARG B 649 23.84 -21.23 20.00
CA ARG B 649 25.22 -20.84 20.09
C ARG B 649 26.14 -22.04 20.52
N ALA B 650 25.70 -22.80 21.46
CA ALA B 650 26.49 -23.93 21.97
C ALA B 650 26.57 -25.04 20.94
N ILE B 651 25.40 -25.38 20.34
CA ILE B 651 25.39 -26.45 19.35
C ILE B 651 26.17 -26.11 18.07
N TYR B 652 26.07 -24.89 17.61
CA TYR B 652 26.79 -24.47 16.45
C TYR B 652 28.26 -24.32 16.73
N SER B 653 28.62 -23.89 17.93
CA SER B 653 30.03 -23.82 18.28
C SER B 653 30.66 -25.20 18.29
N GLN B 654 29.94 -26.24 18.73
CA GLN B 654 30.34 -27.59 18.60
C GLN B 654 30.39 -28.04 17.17
N ARG B 655 29.35 -27.72 16.42
CA ARG B 655 29.31 -28.10 15.04
C ARG B 655 30.51 -27.50 14.28
N ASN B 656 30.80 -26.23 14.53
CA ASN B 656 31.87 -25.57 13.79
C ASN B 656 33.29 -26.06 14.18
N GLU B 657 33.44 -26.52 15.41
CA GLU B 657 34.67 -27.20 15.80
C GLU B 657 34.91 -28.43 15.00
N LEU B 658 33.88 -29.24 14.86
CA LEU B 658 33.93 -30.39 14.00
C LEU B 658 34.22 -30.10 12.57
N LEU B 659 33.54 -29.08 12.03
CA LEU B 659 33.64 -28.78 10.63
C LEU B 659 35.09 -28.34 10.35
N ASP B 660 35.69 -27.65 11.31
CA ASP B 660 37.00 -27.08 11.10
C ASP B 660 38.21 -28.01 11.25
N VAL B 661 37.99 -29.22 11.72
CA VAL B 661 39.07 -30.15 12.01
C VAL B 661 38.97 -31.23 10.89
N SER B 662 40.09 -31.55 10.25
CA SER B 662 40.08 -32.58 9.15
C SER B 662 39.90 -33.93 9.75
N ASP B 663 40.43 -34.07 10.97
CA ASP B 663 40.52 -35.37 11.66
C ASP B 663 39.86 -35.27 13.04
N VAL B 664 38.87 -36.13 13.22
CA VAL B 664 37.93 -36.13 14.32
C VAL B 664 38.11 -37.45 15.14
N SER B 665 39.18 -38.22 14.88
CA SER B 665 39.40 -39.53 15.56
C SER B 665 39.46 -39.42 17.06
N GLU B 666 40.28 -38.51 17.53
CA GLU B 666 40.44 -38.25 18.96
C GLU B 666 39.14 -37.87 19.66
N THR B 667 38.29 -37.05 19.02
CA THR B 667 36.95 -36.74 19.54
C THR B 667 36.14 -38.03 19.61
N ILE B 668 36.08 -38.76 18.51
CA ILE B 668 35.41 -40.09 18.50
C ILE B 668 35.92 -41.04 19.60
N ASN B 669 37.25 -41.17 19.71
CA ASN B 669 37.82 -42.20 20.64
C ASN B 669 37.45 -41.82 22.04
N SER B 670 37.58 -40.53 22.31
CA SER B 670 37.21 -39.94 23.59
C SER B 670 35.74 -40.16 23.92
N ILE B 671 34.83 -39.81 23.02
CA ILE B 671 33.42 -40.09 23.32
C ILE B 671 33.07 -41.59 23.35
N ARG B 672 33.80 -42.46 22.63
CA ARG B 672 33.44 -43.88 22.70
C ARG B 672 33.75 -44.40 24.10
N GLU B 673 34.83 -43.93 24.69
CA GLU B 673 35.14 -44.34 26.11
C GLU B 673 34.03 -43.78 27.01
N ASP B 674 33.70 -42.47 26.85
CA ASP B 674 32.58 -41.83 27.56
C ASP B 674 31.40 -42.75 27.54
N VAL B 675 30.96 -43.05 26.34
CA VAL B 675 29.78 -43.85 26.06
C VAL B 675 29.91 -45.26 26.61
N PHE B 676 31.06 -45.89 26.39
CA PHE B 676 31.25 -47.25 26.85
C PHE B 676 31.27 -47.36 28.42
N LYS B 677 31.94 -46.39 29.07
CA LYS B 677 31.98 -46.24 30.55
C LYS B 677 30.57 -46.12 31.11
N ALA B 678 29.77 -45.21 30.60
CA ALA B 678 28.43 -45.01 31.17
C ALA B 678 27.54 -46.22 30.87
N THR B 679 27.68 -46.75 29.66
CA THR B 679 26.83 -47.83 29.20
C THR B 679 27.01 -49.05 30.11
N ILE B 680 28.28 -49.37 30.40
CA ILE B 680 28.63 -50.50 31.27
C ILE B 680 28.28 -50.22 32.75
N ASP B 681 28.40 -48.95 33.15
CA ASP B 681 27.93 -48.49 34.47
C ASP B 681 26.47 -48.92 34.70
N ALA B 682 25.67 -48.85 33.64
CA ALA B 682 24.25 -49.26 33.69
C ALA B 682 23.97 -50.71 34.09
N TYR B 683 24.98 -51.58 34.08
CA TYR B 683 24.76 -52.99 34.46
C TYR B 683 25.81 -53.51 35.44
N ILE B 684 27.02 -52.98 35.32
CA ILE B 684 28.10 -53.19 36.28
C ILE B 684 28.35 -51.92 37.12
N PRO B 685 27.90 -51.91 38.39
CA PRO B 685 28.24 -50.78 39.26
C PRO B 685 29.76 -50.67 39.52
N PRO B 686 30.35 -49.45 39.35
CA PRO B 686 31.79 -49.28 39.62
C PRO B 686 32.28 -49.92 40.97
N GLN B 687 33.44 -50.59 40.92
CA GLN B 687 34.04 -51.25 42.10
C GLN B 687 33.10 -52.30 42.75
N SER B 688 32.12 -52.75 41.96
CA SER B 688 31.09 -53.65 42.42
C SER B 688 31.68 -55.03 42.32
N LEU B 689 31.17 -55.93 43.17
CA LEU B 689 31.58 -57.32 43.15
C LEU B 689 30.73 -58.02 42.08
N GLU B 690 31.27 -59.10 41.46
CA GLU B 690 30.59 -59.83 40.35
C GLU B 690 29.11 -60.14 40.64
N GLU B 691 28.81 -60.34 41.92
CA GLU B 691 27.45 -60.51 42.44
C GLU B 691 26.41 -59.50 41.89
N MET B 692 26.78 -58.22 41.82
CA MET B 692 25.82 -57.16 41.46
C MET B 692 25.88 -56.73 39.98
N TRP B 693 26.17 -57.68 39.10
CA TRP B 693 26.29 -57.43 37.65
C TRP B 693 25.10 -58.05 36.84
N ASP B 694 24.49 -57.25 35.95
CA ASP B 694 23.43 -57.72 35.05
C ASP B 694 23.96 -57.83 33.63
N ILE B 695 24.00 -59.05 33.11
CA ILE B 695 24.51 -59.29 31.75
C ILE B 695 23.46 -59.67 30.67
N PRO B 696 22.41 -60.47 31.01
CA PRO B 696 21.19 -60.50 30.16
C PRO B 696 20.66 -59.14 29.70
N GLY B 697 20.95 -58.10 30.47
CA GLY B 697 20.75 -56.71 30.04
C GLY B 697 21.94 -56.10 29.32
N LEU B 698 23.17 -56.41 29.79
CA LEU B 698 24.41 -55.87 29.22
C LEU B 698 24.83 -56.42 27.85
N GLN B 699 24.72 -57.74 27.71
CA GLN B 699 25.08 -58.45 26.50
C GLN B 699 24.26 -58.01 25.30
N GLU B 700 22.94 -57.93 25.45
CA GLU B 700 22.06 -57.57 24.33
C GLU B 700 22.09 -56.06 24.09
N ARG B 701 22.42 -55.28 25.13
CA ARG B 701 22.68 -53.84 24.97
C ARG B 701 23.79 -53.65 23.95
N LEU B 702 24.94 -54.30 24.20
CA LEU B 702 26.11 -54.20 23.32
C LEU B 702 25.83 -54.76 21.92
N LYS B 703 25.12 -55.87 21.85
CA LYS B 703 24.79 -56.45 20.55
C LYS B 703 23.85 -55.52 19.83
N ASN B 704 22.81 -55.08 20.51
CA ASN B 704 21.75 -54.32 19.85
C ASN B 704 22.16 -52.93 19.41
N ASP B 705 22.83 -52.21 20.29
CA ASP B 705 23.15 -50.81 20.06
C ASP B 705 24.46 -50.58 19.35
N PHE B 706 25.31 -51.60 19.33
CA PHE B 706 26.65 -51.46 18.83
C PHE B 706 27.17 -52.60 17.95
N ASP B 707 26.27 -53.47 17.50
CA ASP B 707 26.68 -54.69 16.77
C ASP B 707 27.87 -55.37 17.43
N LEU B 708 27.86 -55.47 18.76
CA LEU B 708 29.02 -55.98 19.46
C LEU B 708 28.60 -57.18 20.29
N ASP B 709 28.94 -58.35 19.77
CA ASP B 709 28.53 -59.62 20.34
C ASP B 709 29.73 -60.35 20.93
N LEU B 710 29.96 -60.08 22.21
CA LEU B 710 31.09 -60.66 22.95
C LEU B 710 30.59 -61.56 24.08
N PRO B 711 30.42 -62.88 23.84
CA PRO B 711 29.83 -63.80 24.85
C PRO B 711 30.50 -63.77 26.24
N ILE B 712 30.34 -62.64 26.93
CA ILE B 712 31.26 -62.22 27.97
C ILE B 712 31.15 -62.97 29.31
N ALA B 713 29.97 -63.55 29.60
CA ALA B 713 29.84 -64.44 30.77
C ALA B 713 30.84 -65.61 30.72
N GLU B 714 31.12 -66.08 29.50
CA GLU B 714 32.05 -67.20 29.27
C GLU B 714 33.52 -66.77 29.20
N TRP B 715 33.78 -65.47 29.25
CA TRP B 715 35.10 -65.01 29.63
C TRP B 715 35.10 -65.42 31.10
N LEU B 716 34.20 -64.78 31.87
CA LEU B 716 34.15 -64.83 33.35
C LEU B 716 33.98 -66.22 33.98
N ASP B 717 33.42 -67.15 33.21
CA ASP B 717 33.39 -68.56 33.58
C ASP B 717 34.78 -69.17 33.40
N LYS B 718 35.40 -68.84 32.27
CA LYS B 718 36.72 -69.36 31.89
C LYS B 718 37.89 -68.66 32.59
N GLU B 719 37.76 -67.36 32.83
CA GLU B 719 38.77 -66.62 33.60
C GLU B 719 38.13 -65.99 34.84
N PRO B 720 38.34 -66.60 36.03
CA PRO B 720 38.06 -65.94 37.34
C PRO B 720 39.18 -65.01 37.88
N GLU B 721 39.86 -64.28 36.98
CA GLU B 721 41.12 -63.59 37.31
C GLU B 721 41.29 -62.19 36.66
N LEU B 722 40.54 -61.91 35.60
CA LEU B 722 40.52 -60.59 34.95
C LEU B 722 40.14 -59.43 35.88
N HIS B 723 38.93 -59.50 36.45
CA HIS B 723 38.32 -58.43 37.26
C HIS B 723 37.81 -57.20 36.45
N GLU B 724 36.86 -56.50 37.06
CA GLU B 724 35.97 -55.53 36.38
C GLU B 724 36.66 -54.48 35.49
N GLU B 725 37.84 -54.02 35.88
CA GLU B 725 38.54 -52.95 35.14
C GLU B 725 39.24 -53.46 33.90
N THR B 726 39.89 -54.63 34.00
CA THR B 726 40.49 -55.25 32.83
C THR B 726 39.37 -55.81 31.93
N LEU B 727 38.18 -56.05 32.49
CA LEU B 727 36.99 -56.35 31.68
C LEU B 727 36.55 -55.15 30.81
N ARG B 728 36.50 -53.98 31.44
CA ARG B 728 36.14 -52.75 30.75
C ARG B 728 37.13 -52.50 29.65
N GLU B 729 38.43 -52.52 30.00
CA GLU B 729 39.50 -52.42 29.01
C GLU B 729 39.27 -53.25 27.74
N ARG B 730 38.95 -54.53 27.91
CA ARG B 730 38.80 -55.44 26.78
C ARG B 730 37.58 -55.07 25.94
N ILE B 731 36.48 -54.74 26.60
CA ILE B 731 35.25 -54.38 25.89
C ILE B 731 35.46 -53.18 24.96
N LEU B 732 36.11 -52.14 25.45
CA LEU B 732 36.54 -51.02 24.61
C LEU B 732 37.46 -51.52 23.47
N ALA B 733 38.38 -52.43 23.80
CA ALA B 733 39.42 -52.93 22.86
C ALA B 733 38.87 -53.55 21.60
N GLN B 734 37.75 -54.24 21.77
CA GLN B 734 37.12 -55.04 20.73
C GLN B 734 36.45 -54.18 19.68
N SER B 735 35.68 -53.19 20.17
CA SER B 735 34.96 -52.31 19.28
C SER B 735 35.99 -51.59 18.41
N ILE B 736 37.05 -51.11 19.05
CA ILE B 736 38.21 -50.61 18.30
C ILE B 736 38.67 -51.63 17.23
N GLU B 737 38.83 -52.89 17.62
CA GLU B 737 39.23 -53.97 16.69
C GLU B 737 38.31 -53.99 15.47
N VAL B 738 37.02 -54.23 15.69
CA VAL B 738 36.01 -54.29 14.60
C VAL B 738 36.06 -53.01 13.74
N TYR B 739 36.36 -51.89 14.40
CA TYR B 739 36.39 -50.58 13.78
C TYR B 739 37.58 -50.41 12.83
N GLN B 740 38.77 -50.71 13.34
CA GLN B 740 40.03 -50.62 12.57
C GLN B 740 39.99 -51.48 11.31
N ARG B 741 39.25 -52.58 11.45
CA ARG B 741 39.05 -53.57 10.41
C ARG B 741 38.20 -52.97 9.30
N LYS B 742 37.07 -52.37 9.67
CA LYS B 742 36.24 -51.61 8.69
C LYS B 742 37.05 -50.53 7.95
N GLU B 743 37.98 -49.90 8.67
CA GLU B 743 38.85 -48.85 8.12
C GLU B 743 39.96 -49.36 7.19
N GLU B 744 40.48 -50.57 7.43
CA GLU B 744 41.49 -51.12 6.53
C GLU B 744 40.82 -51.44 5.18
N VAL B 745 39.53 -51.77 5.24
CA VAL B 745 38.74 -52.00 4.03
C VAL B 745 38.45 -50.68 3.30
N VAL B 746 38.24 -49.61 4.06
CA VAL B 746 37.64 -48.37 3.53
C VAL B 746 38.67 -47.26 3.17
N GLY B 747 39.77 -47.21 3.93
CA GLY B 747 40.75 -46.16 3.82
C GLY B 747 40.61 -45.23 5.00
N ALA B 748 41.74 -44.83 5.58
CA ALA B 748 41.77 -43.83 6.65
C ALA B 748 40.98 -42.58 6.22
N GLU B 749 41.50 -41.87 5.24
CA GLU B 749 40.80 -40.71 4.67
C GLU B 749 39.29 -40.85 4.65
N MET B 750 38.85 -41.94 4.03
CA MET B 750 37.47 -42.13 3.72
C MET B 750 36.74 -42.23 5.06
N MET B 751 37.40 -42.93 5.98
CA MET B 751 36.84 -43.15 7.30
C MET B 751 36.72 -41.91 8.16
N ARG B 752 37.79 -41.13 8.19
CA ARG B 752 37.84 -39.88 8.88
C ARG B 752 36.74 -38.98 8.34
N HIS B 753 36.50 -38.97 7.04
CA HIS B 753 35.48 -38.08 6.53
C HIS B 753 34.07 -38.64 6.78
N PHE B 754 33.93 -39.96 6.74
CA PHE B 754 32.70 -40.56 7.15
C PHE B 754 32.41 -40.22 8.61
N GLU B 755 33.39 -40.35 9.51
CA GLU B 755 33.12 -40.11 10.94
C GLU B 755 32.65 -38.70 11.16
N LYS B 756 33.26 -37.77 10.42
CA LYS B 756 32.98 -36.36 10.55
C LYS B 756 31.56 -36.09 10.09
N GLY B 757 31.20 -36.60 8.90
CA GLY B 757 29.89 -36.42 8.37
C GLY B 757 28.82 -37.04 9.22
N VAL B 758 29.12 -38.18 9.82
CA VAL B 758 28.21 -38.78 10.75
C VAL B 758 28.01 -37.90 12.00
N MET B 759 29.06 -37.24 12.49
CA MET B 759 28.89 -36.49 13.64
C MET B 759 28.00 -35.31 13.27
N LEU B 760 28.29 -34.69 12.14
CA LEU B 760 27.52 -33.50 11.69
C LEU B 760 26.05 -33.81 11.36
N GLN B 761 25.80 -34.89 10.62
CA GLN B 761 24.46 -35.36 10.33
C GLN B 761 23.64 -35.74 11.59
N THR B 762 24.26 -36.47 12.52
CA THR B 762 23.63 -36.74 13.79
C THR B 762 23.29 -35.50 14.60
N LEU B 763 24.22 -34.58 14.71
CA LEU B 763 24.00 -33.36 15.43
C LEU B 763 22.86 -32.56 14.83
N ASP B 764 22.80 -32.55 13.50
CA ASP B 764 21.77 -31.79 12.75
C ASP B 764 20.42 -32.50 12.95
N SER B 765 20.37 -33.80 12.88
CA SER B 765 19.08 -34.50 13.14
C SER B 765 18.53 -34.22 14.55
N LEU B 766 19.44 -34.28 15.50
CA LEU B 766 19.03 -34.19 16.91
C LEU B 766 18.60 -32.78 17.14
N TRP B 767 19.31 -31.87 16.50
CA TRP B 767 19.03 -30.47 16.68
C TRP B 767 17.69 -30.05 16.11
N LYS B 768 17.40 -30.50 14.89
CA LYS B 768 16.14 -30.22 14.29
C LYS B 768 14.98 -30.79 15.05
N GLU B 769 15.14 -31.99 15.53
CA GLU B 769 14.11 -32.59 16.39
C GLU B 769 13.89 -31.73 17.65
N HIS B 770 14.97 -31.25 18.23
CA HIS B 770 14.91 -30.41 19.40
C HIS B 770 14.18 -29.07 19.14
N LEU B 771 14.55 -28.38 18.10
CA LEU B 771 13.77 -27.24 17.61
C LEU B 771 12.29 -27.48 17.46
N ALA B 772 11.88 -28.62 16.90
CA ALA B 772 10.46 -28.91 16.77
C ALA B 772 9.82 -29.11 18.15
N ALA B 773 10.46 -29.92 19.00
CA ALA B 773 9.93 -30.22 20.32
C ALA B 773 9.80 -28.94 21.16
N MET B 774 10.76 -28.02 21.01
CA MET B 774 10.71 -26.76 21.74
C MET B 774 9.58 -25.81 21.25
N ASP B 775 9.36 -25.83 19.93
CA ASP B 775 8.30 -25.03 19.35
C ASP B 775 6.96 -25.54 19.89
N TYR B 776 6.81 -26.85 20.01
CA TYR B 776 5.66 -27.46 20.62
C TYR B 776 5.52 -27.26 22.12
N LEU B 777 6.65 -27.25 22.82
CA LEU B 777 6.65 -26.90 24.23
C LEU B 777 6.23 -25.47 24.38
N ARG B 778 6.75 -24.58 23.56
CA ARG B 778 6.50 -23.14 23.74
C ARG B 778 5.01 -22.76 23.56
N GLN B 779 4.35 -23.40 22.61
CA GLN B 779 2.91 -23.22 22.43
C GLN B 779 2.10 -24.12 23.34
N GLY B 780 2.56 -25.34 23.62
CA GLY B 780 1.99 -26.17 24.71
C GLY B 780 2.06 -25.44 26.06
N ILE B 781 2.95 -24.44 26.08
CA ILE B 781 3.11 -23.43 27.16
C ILE B 781 2.23 -22.18 26.88
N HIS B 782 0.93 -22.41 26.72
CA HIS B 782 -0.12 -21.38 26.70
C HIS B 782 -1.27 -21.81 27.67
N LEU B 783 -1.58 -23.12 27.70
CA LEU B 783 -2.49 -23.70 28.71
C LEU B 783 -2.14 -25.17 29.07
N ARG B 784 -1.31 -25.35 30.10
CA ARG B 784 -0.96 -26.70 30.65
C ARG B 784 -1.36 -26.80 32.16
N GLY B 785 -1.11 -25.70 32.90
CA GLY B 785 -1.54 -25.56 34.32
C GLY B 785 -1.11 -24.22 34.94
N TYR B 786 -1.90 -23.17 34.67
CA TYR B 786 -1.74 -21.80 35.24
C TYR B 786 -0.48 -21.04 34.75
N ALA B 787 -0.59 -19.70 34.62
CA ALA B 787 0.61 -18.84 34.52
C ALA B 787 1.20 -18.55 35.92
N GLN B 788 0.44 -18.97 36.94
CA GLN B 788 0.88 -19.07 38.34
C GLN B 788 2.27 -19.81 38.45
N LYS B 789 2.29 -21.14 38.68
CA LYS B 789 3.56 -21.90 38.77
C LYS B 789 4.38 -21.57 37.53
N ASP B 790 5.39 -20.73 37.72
CA ASP B 790 5.87 -19.91 36.62
C ASP B 790 6.14 -20.70 35.35
N PRO B 791 5.30 -20.46 34.30
CA PRO B 791 5.42 -21.12 32.98
C PRO B 791 6.73 -20.83 32.30
N LYS B 792 7.10 -19.56 32.23
CA LYS B 792 8.43 -19.15 31.92
C LYS B 792 9.14 -19.57 33.18
N GLN B 793 10.23 -20.24 33.02
CA GLN B 793 11.00 -20.82 34.17
C GLN B 793 10.85 -22.26 33.99
N GLU B 794 9.66 -22.81 34.10
CA GLU B 794 9.51 -24.23 33.87
C GLU B 794 9.90 -24.60 32.43
N TYR B 795 9.52 -23.80 31.45
CA TYR B 795 9.87 -24.07 30.07
C TYR B 795 11.41 -23.99 29.93
N LYS B 796 12.05 -22.98 30.53
CA LYS B 796 13.53 -22.85 30.43
C LYS B 796 14.17 -24.05 31.07
N ARG B 797 13.64 -24.56 32.16
CA ARG B 797 14.17 -25.75 32.74
C ARG B 797 14.01 -26.99 31.89
N GLU B 798 12.80 -27.26 31.41
CA GLU B 798 12.60 -28.47 30.57
C GLU B 798 13.38 -28.30 29.30
N SER B 799 13.46 -27.13 28.75
CA SER B 799 14.17 -26.95 27.49
C SER B 799 15.70 -27.25 27.64
N PHE B 800 16.30 -26.70 28.70
CA PHE B 800 17.78 -26.87 28.92
C PHE B 800 18.01 -28.34 29.33
N SER B 801 17.10 -28.89 30.02
CA SER B 801 17.15 -30.27 30.31
C SER B 801 17.15 -31.20 29.09
N MET B 802 16.31 -30.90 28.15
CA MET B 802 16.27 -31.64 26.91
C MET B 802 17.52 -31.35 26.10
N PHE B 803 18.01 -30.12 26.14
CA PHE B 803 19.24 -29.80 25.48
C PHE B 803 20.42 -30.67 26.00
N ALA B 804 20.54 -30.75 27.33
CA ALA B 804 21.58 -31.54 27.97
C ALA B 804 21.41 -32.99 27.59
N ALA B 805 20.20 -33.48 27.62
CA ALA B 805 19.89 -34.84 27.25
C ALA B 805 20.32 -35.10 25.81
N MET B 806 20.00 -34.21 24.92
CA MET B 806 20.33 -34.31 23.46
C MET B 806 21.85 -34.39 23.24
N LEU B 807 22.61 -33.62 24.02
CA LEU B 807 24.08 -33.73 23.97
C LEU B 807 24.66 -35.05 24.30
N GLU B 808 24.10 -35.75 25.28
CA GLU B 808 24.55 -37.08 25.62
C GLU B 808 24.11 -38.13 24.58
N SER B 809 22.90 -37.95 24.10
CA SER B 809 22.31 -38.73 23.04
C SER B 809 23.07 -38.50 21.67
N LEU B 810 23.64 -37.34 21.43
CA LEU B 810 24.51 -37.12 20.25
C LEU B 810 25.74 -38.04 20.37
N LYS B 811 26.29 -38.19 21.58
CA LYS B 811 27.44 -39.09 21.71
C LYS B 811 27.03 -40.51 21.42
N TYR B 812 26.00 -40.93 22.09
CA TYR B 812 25.54 -42.31 21.96
C TYR B 812 25.23 -42.69 20.50
N GLU B 813 24.42 -41.87 19.84
CA GLU B 813 23.97 -42.14 18.46
C GLU B 813 25.16 -42.21 17.43
N VAL B 814 26.12 -41.33 17.56
CA VAL B 814 27.33 -41.31 16.70
C VAL B 814 28.07 -42.69 16.85
N ILE B 815 28.28 -43.09 18.09
CA ILE B 815 29.07 -44.29 18.36
C ILE B 815 28.31 -45.48 17.91
N SER B 816 27.00 -45.45 18.14
CA SER B 816 26.13 -46.50 17.61
C SER B 816 26.19 -46.51 16.09
N THR B 817 26.13 -45.34 15.43
CA THR B 817 26.24 -45.34 13.97
C THR B 817 27.58 -45.91 13.51
N LEU B 818 28.67 -45.53 14.15
CA LEU B 818 30.02 -45.92 13.75
C LEU B 818 30.31 -47.39 14.07
N SER B 819 29.55 -47.95 15.02
CA SER B 819 29.70 -49.37 15.46
C SER B 819 28.98 -50.29 14.54
N LYS B 820 27.82 -49.85 14.09
CA LYS B 820 26.96 -50.68 13.33
C LYS B 820 27.17 -50.53 11.83
N VAL B 821 27.93 -49.51 11.37
CA VAL B 821 28.10 -49.27 9.92
C VAL B 821 28.59 -50.53 9.14
N GLN B 822 27.97 -50.77 7.99
CA GLN B 822 28.31 -51.93 7.17
C GLN B 822 29.38 -51.56 6.17
N VAL B 823 30.44 -52.35 6.13
CA VAL B 823 31.28 -52.45 4.95
C VAL B 823 31.51 -53.97 4.70
N ARG B 824 31.24 -54.40 3.46
CA ARG B 824 31.53 -55.80 3.07
C ARG B 824 33.04 -56.05 3.11
N MET B 825 33.48 -57.00 3.94
CA MET B 825 34.92 -57.20 4.21
C MET B 825 35.65 -57.88 3.03
#